data_8PDU
#
_entry.id   8PDU
#
_cell.length_a   1.00
_cell.length_b   1.00
_cell.length_c   1.00
_cell.angle_alpha   90.00
_cell.angle_beta   90.00
_cell.angle_gamma   90.00
#
_symmetry.space_group_name_H-M   'P 1'
#
loop_
_entity.id
_entity.type
_entity.pdbx_description
1 polymer 'Sperm-specific sodium proton exchanger'
2 non-polymer 'CYCLIC GUANOSINE MONOPHOSPHATE'
#
_entity_poly.entity_id   1
_entity_poly.type   'polypeptide(L)'
_entity_poly.pdbx_seq_one_letter_code
;MSKKRVVKLRELVPAVAALAVAVLIQSATGSSGGSGHTPTTQATHADDHDLTTHNGTEEHDDGHDDGHDDLHAHAPKVIV
FISGSCLFGAISRSLFKKLPIPYTVVLLILGAILGVVASNVPLVEEHTRDVAHMDPHVLLQIFLPVLIFESAFAMDVHTF
MRSFSQVCILALFGLVVASVLTAVLAMNLFNYNWNFSEAMMFGAIMSATDPVAVVALLKDLGASKQLGTIIEGESLLNDG
CAIVIFNVFMKMVFFPQLTSTVGQNVLYFLQVAVAGPLWGYAVAKVTVFFLSHIFNDALVEITITLAATYLTYYIGDIWL
EVSGVLAVVVLGLIVNAEKTSISPEVEVFLHRFWEMLAYLANTLIFMMVGVVVTQKALVAVDKMDWFYLIILYLAITIIR
GMVISLFSPILSRIGYGLTWRNAVIMTWGGLRGAVGLALALVVENLAGNDVIGSKFLFHTAGIVVLTLVINATTIQTLLR
ILGMSDISIPKRLAMAGAVRRIHEGQNRTLNMLKSDRFLADADWDIATAACEISDPYSALSDDENAPADELTLGERKSVC
PGCKAMVPNEPSPREFADMMEEARLRMLKAEKISYWKQFEHGMLAREALRLLVQHAEVAADEKDQFILVDDLKKSWQIKG
IYPWLKRKLEDLISEKKIAAIPMPKYKLGKLMYKICHHMAFEVTINIAIVLNIVPIIMEFVVQDKMASVSTMAAPGSTVS
SEPSSLQKIEDALRISNYVFFVIYAIEAIVKILGLGRHYIVSHWNKFDAFILVVALVDIIIAETLLKGSITINLSSIKVV
KLFRLLRGLRMLRLTKALIPKLILVVNGKINNQLSLGYDVGKGYIIGEEEVGKIIDRMVDNKKILRELKHISETGRLQVV
KELGLLQREHPGIAVSVKTRQAIRTILNHSRETIHELQGAGLLDEMEAHKLELTVEIKMKRLMNAPSSIPPPPPENLLKN
VSWLAGDMKLIDFIKARASLLHFDYGEVIVREGDESDGLFLIVSGLVKLYGKSAFLDHDNPPVTAGSEENEVFEDYLTVG
NVIGEMGVLTKKPRNATVTCETTVQVYFITAEDMNIAIDTFTLYPSLEYRLWRVVAIRIATPLIMEQMAFQGWTQEKVKL
HLERGYLVDLAESHFQFNIDATLEDVILINGTAYNAHTREEIRSPCLISRTVHKLTFQYTATEEPRLFVVRNAEYNGPIL
DGRLDVDSKRSLISITEISSNMCLKHAAELRQKNSKVMLSRKSSGAAAKEEEDCIPNTSDVEQAAGVSPSVPTKTTPKPK
SFLPSLGLSMSKERVNGEAVEESPVKTKQGEETPETEEGAAPRVNVALEVLFQ
;
_entity_poly.pdbx_strand_id   A,B
#
loop_
_chem_comp.id
_chem_comp.type
_chem_comp.name
_chem_comp.formula
PCG non-polymer 'CYCLIC GUANOSINE MONOPHOSPHATE' 'C10 H12 N5 O7 P'
#
# COMPACT_ATOMS: atom_id res chain seq x y z
N ALA A 73 -16.67 28.54 24.56
CA ALA A 73 -17.11 29.83 23.97
C ALA A 73 -16.22 30.24 22.80
N HIS A 74 -14.90 30.16 23.02
CA HIS A 74 -13.92 30.59 22.03
C HIS A 74 -13.45 29.45 21.13
N ALA A 75 -14.27 28.43 20.92
CA ALA A 75 -13.85 27.26 20.17
C ALA A 75 -13.86 27.52 18.67
N PRO A 76 -13.10 26.74 17.90
CA PRO A 76 -13.11 26.88 16.44
C PRO A 76 -14.35 26.26 15.80
N LYS A 77 -15.43 27.02 15.69
CA LYS A 77 -16.68 26.48 15.17
C LYS A 77 -16.52 25.88 13.78
N VAL A 78 -15.52 26.30 13.02
CA VAL A 78 -15.34 25.79 11.66
C VAL A 78 -15.14 24.28 11.64
N ILE A 79 -14.69 23.70 12.75
CA ILE A 79 -14.51 22.25 12.80
C ILE A 79 -15.85 21.55 12.58
N VAL A 80 -16.93 22.17 13.08
CA VAL A 80 -18.26 21.57 12.90
C VAL A 80 -18.64 21.55 11.43
N PHE A 81 -18.59 22.70 10.76
CA PHE A 81 -19.04 22.77 9.37
C PHE A 81 -18.20 21.88 8.48
N ILE A 82 -16.87 21.90 8.67
CA ILE A 82 -16.00 21.05 7.87
C ILE A 82 -16.35 19.59 8.09
N SER A 83 -16.44 19.17 9.35
CA SER A 83 -16.78 17.79 9.65
C SER A 83 -18.23 17.48 9.30
N GLY A 84 -19.12 18.46 9.41
CA GLY A 84 -20.49 18.25 8.99
C GLY A 84 -20.60 18.00 7.50
N SER A 85 -19.91 18.82 6.71
CA SER A 85 -19.89 18.61 5.26
C SER A 85 -19.32 17.24 4.92
N CYS A 86 -18.33 16.78 5.70
CA CYS A 86 -17.80 15.43 5.53
C CYS A 86 -18.92 14.39 5.63
N LEU A 87 -19.73 14.48 6.69
CA LEU A 87 -20.81 13.53 6.88
C LEU A 87 -21.85 13.63 5.77
N PHE A 88 -22.21 14.86 5.40
CA PHE A 88 -23.21 15.04 4.36
C PHE A 88 -22.73 14.49 3.02
N GLY A 89 -21.45 14.71 2.70
CA GLY A 89 -20.92 14.14 1.48
C GLY A 89 -20.89 12.62 1.51
N ALA A 90 -20.55 12.05 2.68
CA ALA A 90 -20.59 10.61 2.81
C ALA A 90 -22.00 10.07 2.58
N ILE A 91 -23.00 10.74 3.15
CA ILE A 91 -24.37 10.29 3.00
C ILE A 91 -24.80 10.38 1.55
N SER A 92 -24.58 11.54 0.92
CA SER A 92 -25.02 11.73 -0.46
C SER A 92 -24.28 10.79 -1.41
N ARG A 93 -22.99 10.56 -1.16
CA ARG A 93 -22.19 9.70 -1.99
C ARG A 93 -22.53 8.23 -1.78
N SER A 94 -23.09 7.88 -0.62
CA SER A 94 -23.46 6.51 -0.35
C SER A 94 -24.84 6.18 -0.90
N LEU A 95 -25.80 7.09 -0.73
CA LEU A 95 -27.16 6.85 -1.22
C LEU A 95 -27.18 6.83 -2.75
N PHE A 96 -26.79 7.93 -3.37
CA PHE A 96 -26.81 8.07 -4.82
C PHE A 96 -25.58 7.44 -5.47
N LYS A 97 -25.30 6.17 -5.16
CA LYS A 97 -24.16 5.49 -5.76
C LYS A 97 -24.56 4.82 -7.07
N LYS A 98 -25.59 3.98 -7.03
CA LYS A 98 -26.06 3.28 -8.22
C LYS A 98 -27.01 4.13 -9.05
N LEU A 99 -27.48 5.25 -8.52
CA LEU A 99 -28.36 6.12 -9.29
C LEU A 99 -27.56 6.87 -10.36
N PRO A 100 -28.24 7.35 -11.40
CA PRO A 100 -27.52 8.10 -12.44
C PRO A 100 -27.11 9.49 -11.99
N ILE A 101 -27.87 10.12 -11.10
CA ILE A 101 -27.61 11.50 -10.72
C ILE A 101 -26.29 11.56 -9.94
N PRO A 102 -25.43 12.55 -10.20
CA PRO A 102 -24.21 12.68 -9.39
C PRO A 102 -24.53 13.15 -7.98
N TYR A 103 -23.62 12.84 -7.05
CA TYR A 103 -23.85 13.18 -5.65
C TYR A 103 -23.68 14.66 -5.38
N THR A 104 -22.99 15.39 -6.26
CA THR A 104 -22.73 16.79 -6.00
C THR A 104 -24.00 17.63 -5.96
N VAL A 105 -24.95 17.36 -6.87
CA VAL A 105 -26.20 18.12 -6.87
C VAL A 105 -26.95 17.90 -5.56
N VAL A 106 -26.89 16.67 -5.02
CA VAL A 106 -27.51 16.41 -3.72
C VAL A 106 -26.91 17.31 -2.67
N LEU A 107 -25.59 17.48 -2.70
CA LEU A 107 -24.92 18.35 -1.75
C LEU A 107 -25.40 19.79 -1.87
N LEU A 108 -25.63 20.24 -3.10
CA LEU A 108 -26.14 21.59 -3.30
C LEU A 108 -27.52 21.77 -2.69
N ILE A 109 -28.39 20.77 -2.85
CA ILE A 109 -29.72 20.82 -2.25
C ILE A 109 -29.60 20.85 -0.73
N LEU A 110 -28.69 20.04 -0.17
CA LEU A 110 -28.50 20.04 1.27
C LEU A 110 -28.01 21.40 1.76
N GLY A 111 -27.09 22.01 1.04
CA GLY A 111 -26.65 23.35 1.40
C GLY A 111 -27.75 24.37 1.32
N ALA A 112 -28.62 24.26 0.31
CA ALA A 112 -29.77 25.15 0.23
C ALA A 112 -30.69 24.97 1.43
N ILE A 113 -30.92 23.72 1.82
CA ILE A 113 -31.72 23.45 3.02
C ILE A 113 -31.09 24.14 4.23
N LEU A 114 -29.78 23.93 4.41
CA LEU A 114 -29.08 24.59 5.51
C LEU A 114 -29.26 26.10 5.43
N GLY A 115 -29.29 26.65 4.22
CA GLY A 115 -29.47 28.08 4.08
C GLY A 115 -30.82 28.58 4.53
N VAL A 116 -31.90 27.87 4.17
CA VAL A 116 -33.23 28.34 4.53
C VAL A 116 -33.45 28.22 6.03
N VAL A 117 -33.05 27.10 6.63
CA VAL A 117 -33.20 26.95 8.08
C VAL A 117 -32.29 27.92 8.81
N ALA A 118 -31.05 28.08 8.34
CA ALA A 118 -30.14 29.03 8.96
C ALA A 118 -30.59 30.47 8.80
N SER A 119 -31.47 30.75 7.83
CA SER A 119 -31.99 32.10 7.66
C SER A 119 -32.92 32.50 8.80
N ASN A 120 -33.53 31.54 9.48
CA ASN A 120 -34.41 31.81 10.61
C ASN A 120 -33.79 31.37 11.93
N VAL A 121 -33.26 30.15 12.00
CA VAL A 121 -32.63 29.64 13.20
C VAL A 121 -31.29 30.36 13.40
N PRO A 122 -31.06 31.00 14.55
CA PRO A 122 -29.79 31.70 14.76
C PRO A 122 -28.65 30.78 15.14
N LEU A 123 -28.97 29.69 15.84
CA LEU A 123 -27.95 28.81 16.39
C LEU A 123 -27.07 28.24 15.29
N VAL A 124 -27.69 27.73 14.21
CA VAL A 124 -26.92 27.11 13.14
C VAL A 124 -26.21 28.14 12.29
N GLU A 125 -26.67 29.40 12.30
CA GLU A 125 -25.98 30.45 11.57
C GLU A 125 -24.56 30.64 12.09
N GLU A 126 -24.40 30.58 13.41
CA GLU A 126 -23.08 30.77 13.99
C GLU A 126 -22.10 29.67 13.57
N HIS A 127 -22.59 28.46 13.35
CA HIS A 127 -21.76 27.34 12.95
C HIS A 127 -21.61 27.24 11.43
N THR A 128 -22.30 28.09 10.67
CA THR A 128 -22.17 28.15 9.22
C THR A 128 -21.56 29.45 8.73
N ARG A 129 -21.64 30.51 9.54
CA ARG A 129 -21.20 31.83 9.11
C ARG A 129 -19.72 31.84 8.77
N ASP A 130 -18.87 31.32 9.65
CA ASP A 130 -17.44 31.49 9.52
C ASP A 130 -16.87 30.84 8.27
N VAL A 131 -17.61 29.92 7.65
CA VAL A 131 -17.17 29.24 6.45
C VAL A 131 -17.99 29.65 5.24
N ALA A 132 -19.31 29.82 5.41
CA ALA A 132 -20.15 30.22 4.29
C ALA A 132 -19.78 31.60 3.77
N HIS A 133 -19.25 32.46 4.63
CA HIS A 133 -18.90 33.82 4.24
C HIS A 133 -17.40 34.03 4.39
N MET A 134 -16.63 33.04 3.95
CA MET A 134 -15.18 33.06 4.09
C MET A 134 -14.56 34.00 3.06
N ASP A 135 -13.44 34.61 3.42
CA ASP A 135 -12.83 35.63 2.58
C ASP A 135 -12.39 35.03 1.25
N PRO A 136 -12.46 35.79 0.15
CA PRO A 136 -12.06 35.23 -1.14
C PRO A 136 -10.57 35.02 -1.29
N HIS A 137 -9.75 35.95 -0.80
CA HIS A 137 -8.29 35.82 -0.89
C HIS A 137 -7.76 34.66 -0.08
N VAL A 138 -8.63 33.92 0.62
CA VAL A 138 -8.22 32.72 1.34
C VAL A 138 -8.83 31.54 0.61
N LEU A 139 -10.01 31.74 0.02
CA LEU A 139 -10.62 30.73 -0.83
C LEU A 139 -9.68 30.33 -1.96
N LEU A 140 -9.08 31.33 -2.61
CA LEU A 140 -8.17 31.05 -3.72
C LEU A 140 -6.89 30.38 -3.24
N GLN A 141 -6.32 30.89 -2.15
CA GLN A 141 -4.99 30.45 -1.74
C GLN A 141 -5.00 29.04 -1.18
N ILE A 142 -6.14 28.56 -0.71
CA ILE A 142 -6.21 27.27 -0.03
C ILE A 142 -6.77 26.18 -0.94
N PHE A 143 -7.90 26.46 -1.60
CA PHE A 143 -8.60 25.43 -2.34
C PHE A 143 -8.00 25.22 -3.73
N LEU A 144 -7.79 26.30 -4.47
CA LEU A 144 -7.31 26.16 -5.85
C LEU A 144 -6.02 25.36 -5.95
N PRO A 145 -5.01 25.58 -5.10
CA PRO A 145 -3.82 24.71 -5.16
C PRO A 145 -4.16 23.24 -5.04
N VAL A 146 -5.12 22.91 -4.18
CA VAL A 146 -5.51 21.52 -3.99
C VAL A 146 -6.19 20.99 -5.24
N LEU A 147 -7.15 21.73 -5.77
CA LEU A 147 -7.89 21.28 -6.95
C LEU A 147 -6.97 21.19 -8.16
N ILE A 148 -6.17 22.23 -8.39
CA ILE A 148 -5.32 22.27 -9.58
C ILE A 148 -4.21 21.23 -9.49
N PHE A 149 -3.52 21.15 -8.36
CA PHE A 149 -2.45 20.16 -8.22
C PHE A 149 -3.00 18.75 -8.32
N GLU A 150 -4.12 18.48 -7.68
CA GLU A 150 -4.71 17.15 -7.75
C GLU A 150 -5.07 16.78 -9.18
N SER A 151 -5.65 17.73 -9.92
CA SER A 151 -5.93 17.48 -11.34
C SER A 151 -4.64 17.22 -12.10
N ALA A 152 -3.60 18.02 -11.83
CA ALA A 152 -2.31 17.78 -12.46
C ALA A 152 -1.67 16.49 -11.97
N PHE A 153 -1.70 16.25 -10.66
CA PHE A 153 -1.07 15.06 -10.09
C PHE A 153 -1.74 13.77 -10.56
N ALA A 154 -3.00 13.84 -10.98
CA ALA A 154 -3.73 12.66 -11.43
C ALA A 154 -3.52 12.38 -12.92
N MET A 155 -2.77 13.22 -13.63
CA MET A 155 -2.64 13.08 -15.07
C MET A 155 -1.83 11.85 -15.45
N ASP A 156 -2.07 11.39 -16.69
CA ASP A 156 -1.16 10.47 -17.37
C ASP A 156 -0.26 11.32 -18.26
N VAL A 157 0.79 11.85 -17.64
CA VAL A 157 1.56 12.93 -18.26
C VAL A 157 2.13 12.50 -19.60
N HIS A 158 2.68 11.28 -19.67
CA HIS A 158 3.29 10.82 -20.91
C HIS A 158 2.32 10.93 -22.07
N THR A 159 1.08 10.46 -21.88
CA THR A 159 0.06 10.65 -22.90
C THR A 159 -0.23 12.13 -23.11
N PHE A 160 -0.28 12.89 -22.02
CA PHE A 160 -0.58 14.32 -22.14
C PHE A 160 0.48 15.04 -22.97
N MET A 161 1.73 14.59 -22.89
CA MET A 161 2.79 15.18 -23.71
C MET A 161 2.64 14.76 -25.18
N ARG A 162 2.32 13.48 -25.41
CA ARG A 162 2.13 12.99 -26.77
C ARG A 162 0.90 13.60 -27.45
N SER A 163 0.16 14.44 -26.75
CA SER A 163 -0.94 15.19 -27.34
C SER A 163 -0.91 16.66 -26.93
N PHE A 164 0.25 17.18 -26.56
CA PHE A 164 0.31 18.52 -25.95
C PHE A 164 -0.20 19.59 -26.90
N SER A 165 0.23 19.56 -28.16
CA SER A 165 -0.20 20.59 -29.11
C SER A 165 -1.71 20.56 -29.31
N GLN A 166 -2.27 19.35 -29.47
CA GLN A 166 -3.71 19.23 -29.67
C GLN A 166 -4.48 19.83 -28.50
N VAL A 167 -3.98 19.63 -27.28
CA VAL A 167 -4.63 20.20 -26.11
C VAL A 167 -4.45 21.71 -26.07
N CYS A 168 -3.24 22.19 -26.37
CA CYS A 168 -2.96 23.62 -26.29
C CYS A 168 -3.85 24.41 -27.23
N ILE A 169 -4.04 23.90 -28.46
CA ILE A 169 -4.87 24.62 -29.42
C ILE A 169 -6.30 24.73 -28.91
N LEU A 170 -6.85 23.62 -28.44
CA LEU A 170 -8.23 23.61 -27.96
C LEU A 170 -8.38 24.34 -26.63
N ALA A 171 -7.44 24.13 -25.71
CA ALA A 171 -7.58 24.68 -24.36
C ALA A 171 -7.27 26.16 -24.29
N LEU A 172 -6.31 26.66 -25.08
CA LEU A 172 -5.92 28.06 -25.03
C LEU A 172 -6.70 28.90 -26.03
N PHE A 173 -6.55 28.62 -27.33
CA PHE A 173 -7.27 29.38 -28.34
C PHE A 173 -8.77 29.10 -28.26
N GLY A 174 -9.14 27.83 -28.05
CA GLY A 174 -10.55 27.52 -27.88
C GLY A 174 -11.16 28.24 -26.70
N LEU A 175 -10.39 28.40 -25.63
CA LEU A 175 -10.87 29.14 -24.47
C LEU A 175 -11.16 30.59 -24.82
N VAL A 176 -10.26 31.23 -25.58
CA VAL A 176 -10.45 32.65 -25.90
C VAL A 176 -11.74 32.84 -26.69
N VAL A 177 -11.91 32.04 -27.75
CA VAL A 177 -13.11 32.14 -28.56
C VAL A 177 -14.35 31.79 -27.76
N ALA A 178 -14.28 30.70 -26.99
CA ALA A 178 -15.44 30.27 -26.21
C ALA A 178 -15.87 31.34 -25.22
N SER A 179 -14.91 31.98 -24.56
CA SER A 179 -15.25 33.01 -23.57
C SER A 179 -15.73 34.29 -24.24
N VAL A 180 -15.03 34.74 -25.28
CA VAL A 180 -15.43 35.97 -25.95
C VAL A 180 -16.82 35.82 -26.54
N LEU A 181 -17.07 34.71 -27.24
CA LEU A 181 -18.41 34.44 -27.77
C LEU A 181 -19.43 34.42 -26.64
N THR A 182 -19.08 33.79 -25.52
CA THR A 182 -19.95 33.83 -24.35
C THR A 182 -20.10 35.24 -23.83
N ALA A 183 -19.06 36.07 -23.95
CA ALA A 183 -19.15 37.44 -23.46
C ALA A 183 -20.07 38.29 -24.32
N VAL A 184 -19.90 38.24 -25.65
CA VAL A 184 -20.77 39.02 -26.53
C VAL A 184 -22.22 38.63 -26.29
N LEU A 185 -22.47 37.33 -26.10
CA LEU A 185 -23.81 36.86 -25.75
C LEU A 185 -24.31 37.59 -24.50
N ALA A 186 -23.47 37.68 -23.47
CA ALA A 186 -23.88 38.32 -22.22
C ALA A 186 -24.08 39.83 -22.38
N MET A 187 -23.31 40.47 -23.27
CA MET A 187 -23.52 41.89 -23.52
C MET A 187 -24.82 42.16 -24.27
N ASN A 188 -25.16 41.30 -25.24
CA ASN A 188 -26.26 41.55 -26.15
C ASN A 188 -27.56 40.90 -25.70
N LEU A 189 -27.52 39.65 -25.24
CA LEU A 189 -28.74 38.95 -24.89
C LEU A 189 -29.31 39.43 -23.56
N PHE A 190 -28.48 39.48 -22.52
CA PHE A 190 -28.95 39.84 -21.19
C PHE A 190 -29.28 41.32 -21.12
N ASN A 191 -30.18 41.67 -20.19
CA ASN A 191 -30.55 43.06 -19.94
C ASN A 191 -29.68 43.72 -18.88
N TYR A 192 -28.67 43.02 -18.38
CA TYR A 192 -27.83 43.54 -17.32
C TYR A 192 -26.89 44.65 -17.80
N ASN A 193 -26.72 44.80 -19.11
CA ASN A 193 -25.91 45.87 -19.67
C ASN A 193 -24.47 45.82 -19.14
N TRP A 194 -23.89 44.62 -19.17
CA TRP A 194 -22.51 44.46 -18.71
C TRP A 194 -21.54 45.10 -19.69
N ASN A 195 -20.37 45.50 -19.18
CA ASN A 195 -19.27 45.91 -20.04
C ASN A 195 -18.34 44.73 -20.28
N PHE A 196 -17.42 44.90 -21.25
CA PHE A 196 -16.64 43.77 -21.72
C PHE A 196 -15.84 43.11 -20.62
N SER A 197 -15.37 43.89 -19.64
CA SER A 197 -14.59 43.32 -18.55
C SER A 197 -15.44 42.33 -17.75
N GLU A 198 -16.62 42.76 -17.31
CA GLU A 198 -17.49 41.89 -16.53
C GLU A 198 -17.95 40.69 -17.37
N ALA A 199 -18.30 40.93 -18.63
CA ALA A 199 -18.70 39.83 -19.51
C ALA A 199 -17.57 38.83 -19.72
N MET A 200 -16.32 39.29 -19.74
CA MET A 200 -15.19 38.38 -19.86
C MET A 200 -14.99 37.58 -18.59
N MET A 201 -15.21 38.19 -17.43
CA MET A 201 -15.24 37.42 -16.19
C MET A 201 -16.31 36.33 -16.26
N PHE A 202 -17.50 36.70 -16.75
CA PHE A 202 -18.58 35.73 -16.93
C PHE A 202 -18.14 34.58 -17.81
N GLY A 203 -17.60 34.89 -18.99
CA GLY A 203 -17.18 33.84 -19.90
C GLY A 203 -16.07 32.98 -19.32
N ALA A 204 -15.15 33.60 -18.58
CA ALA A 204 -14.06 32.86 -17.96
C ALA A 204 -14.61 31.81 -16.99
N ILE A 205 -15.51 32.21 -16.10
CA ILE A 205 -16.03 31.25 -15.14
C ILE A 205 -16.99 30.27 -15.79
N MET A 206 -17.53 30.61 -16.96
CA MET A 206 -18.39 29.67 -17.68
C MET A 206 -17.57 28.60 -18.40
N SER A 207 -16.40 28.96 -18.91
CA SER A 207 -15.59 28.02 -19.68
C SER A 207 -14.90 26.98 -18.81
N ALA A 208 -14.68 27.27 -17.53
CA ALA A 208 -14.00 26.33 -16.66
C ALA A 208 -14.82 25.05 -16.54
N THR A 209 -14.16 23.90 -16.74
CA THR A 209 -14.83 22.62 -16.74
C THR A 209 -14.04 21.60 -15.92
N ASP A 210 -14.77 20.73 -15.25
CA ASP A 210 -14.14 19.69 -14.42
C ASP A 210 -14.78 18.38 -14.83
N PRO A 211 -14.31 17.71 -15.89
CA PRO A 211 -14.95 16.48 -16.37
C PRO A 211 -14.49 15.24 -15.61
N VAL A 212 -14.52 15.32 -14.27
CA VAL A 212 -14.08 14.21 -13.45
C VAL A 212 -14.95 12.96 -13.64
N ALA A 213 -16.21 13.15 -14.04
CA ALA A 213 -17.11 12.01 -14.21
C ALA A 213 -16.99 11.40 -15.60
N VAL A 214 -16.98 12.24 -16.64
CA VAL A 214 -16.90 11.72 -18.00
C VAL A 214 -15.60 10.95 -18.20
N VAL A 215 -14.49 11.48 -17.70
CA VAL A 215 -13.22 10.79 -17.80
C VAL A 215 -13.29 9.44 -17.10
N ALA A 216 -13.97 9.38 -15.95
CA ALA A 216 -14.14 8.11 -15.26
C ALA A 216 -14.91 7.12 -16.11
N LEU A 217 -16.00 7.57 -16.74
CA LEU A 217 -16.77 6.69 -17.61
C LEU A 217 -15.91 6.13 -18.73
N LEU A 218 -15.17 6.99 -19.40
CA LEU A 218 -14.31 6.53 -20.50
C LEU A 218 -13.27 5.56 -19.99
N LYS A 219 -12.65 5.87 -18.85
CA LYS A 219 -11.69 4.96 -18.23
C LYS A 219 -12.30 3.58 -18.02
N ASP A 220 -13.56 3.53 -17.61
CA ASP A 220 -14.22 2.25 -17.39
C ASP A 220 -14.58 1.57 -18.71
N LEU A 221 -15.03 2.34 -19.71
CA LEU A 221 -15.54 1.75 -20.94
C LEU A 221 -14.43 1.29 -21.89
N GLY A 222 -13.21 1.77 -21.71
CA GLY A 222 -12.13 1.45 -22.63
C GLY A 222 -12.05 2.45 -23.77
N ALA A 223 -11.00 2.30 -24.58
CA ALA A 223 -10.72 3.24 -25.66
C ALA A 223 -10.63 4.67 -25.14
N SER A 224 -10.07 4.83 -23.94
CA SER A 224 -10.12 6.12 -23.25
C SER A 224 -8.87 6.94 -23.51
N LYS A 225 -7.78 6.29 -23.93
CA LYS A 225 -6.48 6.97 -23.93
C LYS A 225 -6.50 8.21 -24.81
N GLN A 226 -7.04 8.10 -26.02
CA GLN A 226 -7.00 9.20 -26.98
C GLN A 226 -8.12 10.21 -26.77
N LEU A 227 -9.02 9.98 -25.81
CA LEU A 227 -10.10 10.91 -25.52
C LEU A 227 -10.12 11.38 -24.07
N GLY A 228 -9.91 10.46 -23.12
CA GLY A 228 -9.98 10.86 -21.72
C GLY A 228 -8.88 11.84 -21.35
N THR A 229 -7.65 11.55 -21.77
CA THR A 229 -6.55 12.47 -21.51
C THR A 229 -6.76 13.81 -22.20
N ILE A 230 -7.36 13.82 -23.38
CA ILE A 230 -7.60 15.07 -24.08
C ILE A 230 -8.58 15.94 -23.30
N ILE A 231 -9.68 15.35 -22.85
CA ILE A 231 -10.65 16.11 -22.07
C ILE A 231 -10.06 16.46 -20.71
N GLU A 232 -9.28 15.54 -20.13
CA GLU A 232 -8.63 15.81 -18.85
C GLU A 232 -7.58 16.91 -18.99
N GLY A 233 -6.72 16.79 -20.01
CA GLY A 233 -5.71 17.81 -20.23
C GLY A 233 -6.33 19.13 -20.65
N GLU A 234 -7.31 19.08 -21.53
CA GLU A 234 -8.02 20.30 -21.92
C GLU A 234 -8.64 20.96 -20.70
N SER A 235 -9.27 20.15 -19.84
CA SER A 235 -9.85 20.69 -18.62
C SER A 235 -8.80 21.39 -17.77
N LEU A 236 -7.69 20.70 -17.52
CA LEU A 236 -6.63 21.28 -16.68
C LEU A 236 -6.17 22.62 -17.24
N LEU A 237 -5.83 22.66 -18.53
CA LEU A 237 -5.35 23.90 -19.13
C LEU A 237 -6.45 24.97 -19.12
N ASN A 238 -7.69 24.56 -19.37
CA ASN A 238 -8.79 25.52 -19.43
C ASN A 238 -9.02 26.18 -18.08
N ASP A 239 -9.00 25.39 -16.99
CA ASP A 239 -9.13 26.01 -15.66
C ASP A 239 -7.91 26.89 -15.36
N GLY A 240 -6.72 26.40 -15.69
CA GLY A 240 -5.52 27.18 -15.39
C GLY A 240 -5.55 28.55 -16.05
N CYS A 241 -5.91 28.58 -17.33
CA CYS A 241 -5.95 29.85 -18.04
C CYS A 241 -7.18 30.67 -17.67
N ALA A 242 -8.29 30.02 -17.35
CA ALA A 242 -9.50 30.73 -16.97
C ALA A 242 -9.28 31.52 -15.69
N ILE A 243 -8.61 30.92 -14.71
CA ILE A 243 -8.26 31.66 -13.49
C ILE A 243 -7.38 32.84 -13.85
N VAL A 244 -6.42 32.64 -14.74
CA VAL A 244 -5.55 33.73 -15.16
C VAL A 244 -6.36 34.86 -15.75
N ILE A 245 -7.26 34.53 -16.67
CA ILE A 245 -8.11 35.55 -17.28
C ILE A 245 -9.03 36.16 -16.23
N PHE A 246 -9.59 35.33 -15.34
CA PHE A 246 -10.47 35.85 -14.31
C PHE A 246 -9.72 36.78 -13.37
N ASN A 247 -8.49 36.42 -13.00
CA ASN A 247 -7.68 37.30 -12.18
C ASN A 247 -7.41 38.61 -12.90
N VAL A 248 -7.15 38.54 -14.20
CA VAL A 248 -6.86 39.74 -14.98
C VAL A 248 -8.07 40.66 -15.02
N PHE A 249 -9.25 40.09 -15.25
CA PHE A 249 -10.44 40.90 -15.48
C PHE A 249 -11.13 41.32 -14.18
N MET A 250 -10.88 40.59 -13.09
CA MET A 250 -11.36 41.04 -11.78
C MET A 250 -10.70 42.35 -11.39
N LYS A 251 -9.43 42.51 -11.77
CA LYS A 251 -8.68 43.69 -11.36
C LYS A 251 -9.11 44.93 -12.12
N MET A 252 -9.60 44.78 -13.35
CA MET A 252 -10.13 45.94 -14.05
C MET A 252 -11.61 46.18 -13.75
N VAL A 253 -12.17 45.55 -12.71
CA VAL A 253 -13.53 45.83 -12.29
C VAL A 253 -13.53 46.27 -10.83
N PHE A 254 -12.84 45.50 -9.98
CA PHE A 254 -12.82 45.76 -8.55
C PHE A 254 -11.55 46.46 -8.07
N PHE A 255 -10.46 46.36 -8.82
CA PHE A 255 -9.20 47.01 -8.45
C PHE A 255 -8.66 47.83 -9.62
N PRO A 256 -9.48 48.71 -10.19
CA PRO A 256 -9.06 49.42 -11.40
C PRO A 256 -7.79 50.24 -11.16
N GLN A 257 -6.91 50.23 -12.16
CA GLN A 257 -5.68 51.00 -12.14
C GLN A 257 -5.66 51.92 -13.35
N LEU A 258 -5.11 53.13 -13.18
CA LEU A 258 -5.24 54.15 -14.21
C LEU A 258 -4.01 54.27 -15.10
N THR A 259 -2.86 53.79 -14.66
CA THR A 259 -1.63 53.96 -15.44
C THR A 259 -1.79 53.38 -16.84
N SER A 260 -1.98 52.06 -16.93
CA SER A 260 -2.34 51.38 -18.18
C SER A 260 -1.34 51.68 -19.30
N THR A 261 -0.07 51.86 -18.97
CA THR A 261 0.94 52.04 -20.01
C THR A 261 1.17 50.73 -20.74
N VAL A 262 1.32 50.83 -22.07
CA VAL A 262 1.39 49.62 -22.90
C VAL A 262 2.62 48.80 -22.54
N GLY A 263 3.76 49.46 -22.34
CA GLY A 263 4.99 48.73 -22.07
C GLY A 263 4.88 47.83 -20.86
N GLN A 264 4.25 48.31 -19.79
CA GLN A 264 4.08 47.49 -18.60
C GLN A 264 3.15 46.32 -18.86
N ASN A 265 2.13 46.52 -19.70
CA ASN A 265 1.20 45.44 -20.01
C ASN A 265 1.94 44.23 -20.57
N VAL A 266 2.89 44.47 -21.48
CA VAL A 266 3.71 43.37 -21.99
C VAL A 266 4.52 42.75 -20.86
N LEU A 267 5.13 43.58 -20.02
CA LEU A 267 5.83 43.08 -18.85
C LEU A 267 4.87 42.34 -17.93
N TYR A 268 3.67 42.88 -17.74
CA TYR A 268 2.66 42.20 -16.92
C TYR A 268 2.30 40.84 -17.50
N PHE A 269 2.13 40.76 -18.82
CA PHE A 269 1.83 39.49 -19.45
C PHE A 269 2.96 38.48 -19.24
N LEU A 270 4.20 38.94 -19.33
CA LEU A 270 5.34 38.03 -19.23
C LEU A 270 5.37 37.34 -17.87
N GLN A 271 5.06 38.08 -16.80
CA GLN A 271 5.08 37.50 -15.47
C GLN A 271 4.09 36.34 -15.36
N VAL A 272 2.83 36.57 -15.72
CA VAL A 272 1.81 35.56 -15.51
C VAL A 272 1.99 34.40 -16.49
N ALA A 273 2.35 34.70 -17.74
CA ALA A 273 2.38 33.67 -18.78
C ALA A 273 3.69 32.90 -18.80
N VAL A 274 4.82 33.58 -18.59
CA VAL A 274 6.14 33.00 -18.79
C VAL A 274 6.81 32.68 -17.45
N ALA A 275 6.82 33.63 -16.52
CA ALA A 275 7.51 33.43 -15.25
C ALA A 275 6.85 32.34 -14.40
N GLY A 276 5.53 32.22 -14.44
CA GLY A 276 4.83 31.23 -13.67
C GLY A 276 5.34 29.83 -13.91
N PRO A 277 5.27 29.38 -15.16
CA PRO A 277 5.83 28.06 -15.48
C PRO A 277 7.29 27.93 -15.11
N LEU A 278 8.06 29.01 -15.24
CA LEU A 278 9.47 28.96 -14.88
C LEU A 278 9.65 28.86 -13.36
N TRP A 279 8.86 29.62 -12.62
CA TRP A 279 8.89 29.52 -11.16
C TRP A 279 8.56 28.11 -10.70
N GLY A 280 7.52 27.53 -11.28
CA GLY A 280 7.16 26.16 -10.93
C GLY A 280 8.24 25.16 -11.35
N TYR A 281 8.84 25.37 -12.51
CA TYR A 281 9.91 24.49 -12.97
C TYR A 281 11.09 24.51 -12.00
N ALA A 282 11.50 25.70 -11.58
CA ALA A 282 12.63 25.81 -10.65
C ALA A 282 12.29 25.13 -9.33
N VAL A 283 11.12 25.44 -8.77
CA VAL A 283 10.74 24.80 -7.51
C VAL A 283 10.64 23.29 -7.66
N ALA A 284 10.16 22.81 -8.80
CA ALA A 284 10.04 21.37 -9.01
C ALA A 284 11.41 20.71 -9.06
N LYS A 285 12.33 21.28 -9.84
CA LYS A 285 13.64 20.68 -9.96
C LYS A 285 14.40 20.71 -8.64
N VAL A 286 14.21 21.77 -7.85
CA VAL A 286 14.77 21.77 -6.50
C VAL A 286 14.12 20.68 -5.66
N THR A 287 12.79 20.56 -5.75
CA THR A 287 12.06 19.62 -4.90
C THR A 287 12.49 18.18 -5.18
N VAL A 288 12.46 17.77 -6.45
CA VAL A 288 12.85 16.40 -6.79
C VAL A 288 14.28 16.12 -6.39
N PHE A 289 15.14 17.15 -6.42
CA PHE A 289 16.53 16.96 -6.06
C PHE A 289 16.66 16.49 -4.61
N PHE A 290 16.00 17.21 -3.69
CA PHE A 290 16.02 16.79 -2.29
C PHE A 290 15.30 15.47 -2.11
N LEU A 291 14.15 15.30 -2.75
CA LEU A 291 13.40 14.06 -2.61
C LEU A 291 14.24 12.86 -3.04
N SER A 292 15.05 13.02 -4.08
CA SER A 292 15.93 11.96 -4.52
C SER A 292 17.04 11.66 -3.51
N HIS A 293 17.28 12.55 -2.55
CA HIS A 293 18.30 12.35 -1.54
C HIS A 293 17.73 11.98 -0.17
N ILE A 294 16.41 11.89 -0.04
CA ILE A 294 15.80 11.45 1.21
C ILE A 294 15.68 9.93 1.19
N PHE A 295 16.22 9.28 2.21
CA PHE A 295 16.21 7.82 2.32
C PHE A 295 15.57 7.42 3.65
N ASN A 296 14.61 6.50 3.58
CA ASN A 296 13.98 5.91 4.76
C ASN A 296 13.43 7.02 5.65
N ASP A 297 12.64 7.91 5.03
CA ASP A 297 11.86 8.89 5.77
C ASP A 297 10.67 9.30 4.90
N ALA A 298 9.52 8.66 5.15
CA ALA A 298 8.34 8.95 4.34
C ALA A 298 7.68 10.26 4.75
N LEU A 299 7.62 10.51 6.06
CA LEU A 299 6.97 11.73 6.55
C LEU A 299 7.59 12.96 5.92
N VAL A 300 8.92 12.98 5.78
CA VAL A 300 9.59 14.13 5.22
C VAL A 300 9.27 14.29 3.74
N GLU A 301 9.18 13.17 3.01
CA GLU A 301 8.78 13.24 1.61
C GLU A 301 7.41 13.89 1.46
N ILE A 302 6.43 13.39 2.21
CA ILE A 302 5.08 13.94 2.13
C ILE A 302 5.07 15.40 2.53
N THR A 303 5.74 15.71 3.63
CA THR A 303 5.78 17.07 4.14
C THR A 303 6.44 18.02 3.14
N ILE A 304 7.52 17.58 2.50
CA ILE A 304 8.19 18.38 1.49
C ILE A 304 7.25 18.66 0.34
N THR A 305 6.53 17.64 -0.13
CA THR A 305 5.59 17.84 -1.22
C THR A 305 4.55 18.90 -0.85
N LEU A 306 3.97 18.78 0.36
CA LEU A 306 2.95 19.74 0.77
C LEU A 306 3.50 21.16 0.82
N ALA A 307 4.64 21.34 1.50
CA ALA A 307 5.18 22.69 1.67
C ALA A 307 5.59 23.28 0.33
N ALA A 308 6.17 22.46 -0.55
CA ALA A 308 6.53 22.95 -1.87
C ALA A 308 5.30 23.39 -2.64
N THR A 309 4.22 22.61 -2.58
CA THR A 309 3.01 22.97 -3.30
C THR A 309 2.45 24.30 -2.83
N TYR A 310 2.34 24.49 -1.51
CA TYR A 310 1.69 25.68 -1.00
C TYR A 310 2.60 26.91 -1.09
N LEU A 311 3.90 26.72 -0.87
CA LEU A 311 4.83 27.84 -0.99
C LEU A 311 4.94 28.30 -2.44
N THR A 312 4.94 27.37 -3.39
CA THR A 312 5.00 27.74 -4.80
C THR A 312 3.86 28.68 -5.16
N TYR A 313 2.63 28.33 -4.79
CA TYR A 313 1.49 29.21 -5.08
C TYR A 313 1.60 30.50 -4.28
N TYR A 314 1.87 30.39 -2.98
CA TYR A 314 1.86 31.58 -2.12
C TYR A 314 2.95 32.56 -2.53
N ILE A 315 4.18 32.06 -2.72
CA ILE A 315 5.29 32.94 -3.09
C ILE A 315 5.04 33.53 -4.47
N GLY A 316 4.64 32.70 -5.43
CA GLY A 316 4.43 33.16 -6.79
C GLY A 316 3.36 34.23 -6.91
N ASP A 317 2.25 34.05 -6.19
CA ASP A 317 1.12 34.96 -6.33
C ASP A 317 1.28 36.19 -5.46
N ILE A 318 1.88 36.03 -4.28
CA ILE A 318 1.87 37.11 -3.29
C ILE A 318 3.18 37.90 -3.29
N TRP A 319 4.32 37.23 -3.39
CA TRP A 319 5.62 37.89 -3.32
C TRP A 319 6.18 38.26 -4.68
N LEU A 320 6.06 37.39 -5.67
CA LEU A 320 6.57 37.63 -7.01
C LEU A 320 5.51 38.20 -7.95
N GLU A 321 4.26 38.30 -7.51
CA GLU A 321 3.14 38.67 -8.37
C GLU A 321 3.03 37.75 -9.57
N VAL A 322 3.62 36.56 -9.48
CA VAL A 322 3.61 35.60 -10.57
C VAL A 322 2.34 34.73 -10.48
N SER A 323 1.96 34.16 -11.62
CA SER A 323 0.77 33.32 -11.68
C SER A 323 0.99 32.06 -10.86
N GLY A 324 0.33 31.97 -9.71
CA GLY A 324 0.46 30.79 -8.87
C GLY A 324 -0.11 29.54 -9.51
N VAL A 325 -1.27 29.66 -10.15
CA VAL A 325 -1.96 28.47 -10.64
C VAL A 325 -1.11 27.74 -11.66
N LEU A 326 -0.53 28.48 -12.62
CA LEU A 326 0.30 27.84 -13.62
C LEU A 326 1.56 27.25 -13.02
N ALA A 327 2.17 27.94 -12.05
CA ALA A 327 3.33 27.40 -11.37
C ALA A 327 3.01 26.05 -10.73
N VAL A 328 1.86 25.97 -10.04
CA VAL A 328 1.45 24.71 -9.46
C VAL A 328 1.16 23.68 -10.54
N VAL A 329 0.53 24.11 -11.64
CA VAL A 329 0.22 23.20 -12.73
C VAL A 329 1.49 22.55 -13.24
N VAL A 330 2.52 23.36 -13.50
CA VAL A 330 3.81 22.83 -13.93
C VAL A 330 4.41 21.97 -12.82
N LEU A 331 4.35 22.46 -11.58
CA LEU A 331 4.95 21.73 -10.46
C LEU A 331 4.31 20.37 -10.30
N GLY A 332 2.98 20.30 -10.36
CA GLY A 332 2.32 19.01 -10.28
C GLY A 332 2.68 18.10 -11.43
N LEU A 333 2.73 18.66 -12.65
CA LEU A 333 3.07 17.87 -13.81
C LEU A 333 4.52 17.38 -13.75
N ILE A 334 5.45 18.25 -13.36
CA ILE A 334 6.85 17.85 -13.29
C ILE A 334 7.04 16.78 -12.24
N VAL A 335 6.44 16.97 -11.06
CA VAL A 335 6.55 15.96 -10.00
C VAL A 335 5.93 14.64 -10.45
N ASN A 336 4.77 14.69 -11.08
CA ASN A 336 4.15 13.48 -11.60
C ASN A 336 5.09 12.77 -12.57
N ALA A 337 5.80 13.53 -13.39
CA ALA A 337 6.76 12.94 -14.32
C ALA A 337 7.93 12.30 -13.58
N GLU A 338 8.41 12.95 -12.52
CA GLU A 338 9.59 12.52 -11.78
C GLU A 338 9.23 11.66 -10.58
N LYS A 339 8.15 10.89 -10.66
CA LYS A 339 7.70 10.09 -9.52
C LYS A 339 8.74 9.08 -9.06
N THR A 340 9.66 8.69 -9.93
CA THR A 340 10.68 7.72 -9.56
C THR A 340 11.55 8.21 -8.41
N SER A 341 11.72 9.53 -8.27
CA SER A 341 12.46 10.08 -7.15
C SER A 341 11.73 9.90 -5.82
N ILE A 342 10.46 9.53 -5.86
CA ILE A 342 9.65 9.35 -4.67
C ILE A 342 9.58 7.87 -4.35
N SER A 343 9.59 7.55 -3.06
CA SER A 343 9.46 6.15 -2.65
C SER A 343 8.10 5.62 -3.06
N PRO A 344 8.02 4.40 -3.60
CA PRO A 344 6.71 3.89 -4.07
C PRO A 344 5.64 3.90 -2.99
N GLU A 345 6.00 3.59 -1.75
CA GLU A 345 5.01 3.57 -0.68
C GLU A 345 4.45 4.95 -0.41
N VAL A 346 5.23 6.00 -0.69
CA VAL A 346 4.75 7.36 -0.53
C VAL A 346 3.96 7.79 -1.76
N GLU A 347 4.34 7.32 -2.95
CA GLU A 347 3.62 7.68 -4.17
C GLU A 347 2.15 7.26 -4.06
N VAL A 348 1.89 6.02 -3.68
CA VAL A 348 0.52 5.56 -3.55
C VAL A 348 -0.21 6.36 -2.48
N PHE A 349 0.49 6.73 -1.41
CA PHE A 349 -0.14 7.52 -0.35
C PHE A 349 -0.54 8.90 -0.86
N LEU A 350 0.34 9.54 -1.64
CA LEU A 350 0.10 10.92 -2.06
C LEU A 350 -1.13 11.03 -2.95
N HIS A 351 -1.28 10.11 -3.91
CA HIS A 351 -2.44 10.15 -4.79
C HIS A 351 -3.73 10.11 -3.99
N ARG A 352 -3.84 9.16 -3.07
CA ARG A 352 -5.02 9.05 -2.23
C ARG A 352 -5.14 10.24 -1.29
N PHE A 353 -4.01 10.83 -0.91
CA PHE A 353 -4.02 11.96 0.00
C PHE A 353 -4.53 13.22 -0.70
N TRP A 354 -3.94 13.55 -1.85
CA TRP A 354 -4.40 14.72 -2.60
C TRP A 354 -5.80 14.52 -3.13
N GLU A 355 -6.16 13.28 -3.48
CA GLU A 355 -7.53 12.98 -3.88
C GLU A 355 -8.50 13.29 -2.75
N MET A 356 -8.15 12.90 -1.53
CA MET A 356 -9.01 13.21 -0.38
C MET A 356 -9.14 14.71 -0.17
N LEU A 357 -8.02 15.44 -0.28
CA LEU A 357 -8.08 16.88 -0.09
C LEU A 357 -8.95 17.54 -1.16
N ALA A 358 -8.83 17.08 -2.40
CA ALA A 358 -9.69 17.60 -3.46
C ALA A 358 -11.15 17.27 -3.20
N TYR A 359 -11.43 16.06 -2.71
CA TYR A 359 -12.80 15.70 -2.36
C TYR A 359 -13.36 16.66 -1.31
N LEU A 360 -12.56 16.96 -0.28
CA LEU A 360 -13.01 17.89 0.75
C LEU A 360 -13.28 19.26 0.15
N ALA A 361 -12.38 19.73 -0.71
CA ALA A 361 -12.56 21.04 -1.33
C ALA A 361 -13.85 21.09 -2.14
N ASN A 362 -14.09 20.06 -2.97
CA ASN A 362 -15.31 20.01 -3.76
C ASN A 362 -16.53 20.04 -2.84
N THR A 363 -16.57 19.14 -1.86
CA THR A 363 -17.72 19.07 -0.96
C THR A 363 -17.95 20.39 -0.24
N LEU A 364 -16.90 21.03 0.25
CA LEU A 364 -17.07 22.34 0.88
C LEU A 364 -17.70 23.33 -0.10
N ILE A 365 -17.11 23.48 -1.28
CA ILE A 365 -17.51 24.55 -2.19
C ILE A 365 -19.00 24.42 -2.52
N PHE A 366 -19.45 23.21 -2.83
CA PHE A 366 -20.85 23.02 -3.18
C PHE A 366 -21.77 23.44 -2.05
N MET A 367 -21.40 23.13 -0.81
CA MET A 367 -22.25 23.49 0.33
C MET A 367 -22.23 24.99 0.61
N MET A 368 -21.06 25.64 0.47
CA MET A 368 -21.02 27.09 0.58
C MET A 368 -21.92 27.74 -0.48
N VAL A 369 -21.90 27.20 -1.69
CA VAL A 369 -22.78 27.69 -2.74
C VAL A 369 -24.24 27.51 -2.34
N GLY A 370 -24.58 26.30 -1.90
CA GLY A 370 -25.96 26.05 -1.49
C GLY A 370 -26.42 26.98 -0.40
N VAL A 371 -25.51 27.36 0.49
CA VAL A 371 -25.88 28.28 1.57
C VAL A 371 -26.09 29.69 1.01
N VAL A 372 -25.07 30.25 0.37
CA VAL A 372 -25.15 31.65 -0.05
C VAL A 372 -26.17 31.82 -1.17
N VAL A 373 -26.28 30.87 -2.09
CA VAL A 373 -27.21 31.00 -3.19
C VAL A 373 -28.63 31.20 -2.67
N THR A 374 -28.98 30.50 -1.59
CA THR A 374 -30.30 30.61 -0.99
C THR A 374 -30.46 31.89 -0.17
N GLN A 375 -29.41 32.31 0.54
CA GLN A 375 -29.52 33.47 1.42
C GLN A 375 -29.60 34.76 0.61
N LYS A 376 -28.75 34.89 -0.41
CA LYS A 376 -28.48 36.20 -1.01
C LYS A 376 -28.79 36.25 -2.50
N ALA A 377 -28.55 35.14 -3.20
CA ALA A 377 -28.72 35.15 -4.66
C ALA A 377 -30.19 35.00 -5.04
N LEU A 378 -30.83 33.91 -4.59
CA LEU A 378 -32.18 33.61 -5.02
C LEU A 378 -33.19 34.67 -4.58
N VAL A 379 -32.84 35.50 -3.59
CA VAL A 379 -33.76 36.55 -3.14
C VAL A 379 -33.81 37.74 -4.08
N ALA A 380 -32.92 37.80 -5.08
CA ALA A 380 -32.87 38.92 -6.02
C ALA A 380 -33.09 38.47 -7.45
N VAL A 381 -33.73 37.32 -7.65
CA VAL A 381 -33.97 36.82 -9.01
C VAL A 381 -35.16 37.55 -9.62
N ASP A 382 -35.17 37.60 -10.95
CA ASP A 382 -36.31 38.10 -11.70
C ASP A 382 -36.85 36.99 -12.59
N LYS A 383 -38.06 37.20 -13.10
CA LYS A 383 -38.75 36.16 -13.83
C LYS A 383 -38.00 35.73 -15.09
N MET A 384 -37.51 36.69 -15.88
CA MET A 384 -36.84 36.38 -17.13
C MET A 384 -35.49 35.69 -16.95
N ASP A 385 -34.88 35.77 -15.75
CA ASP A 385 -33.56 35.19 -15.57
C ASP A 385 -33.51 33.73 -15.99
N TRP A 386 -34.61 33.00 -15.78
CA TRP A 386 -34.64 31.60 -16.18
C TRP A 386 -34.58 31.44 -17.70
N PHE A 387 -35.20 32.35 -18.44
CA PHE A 387 -35.11 32.30 -19.89
C PHE A 387 -33.67 32.41 -20.35
N TYR A 388 -32.91 33.33 -19.76
CA TYR A 388 -31.51 33.48 -20.09
C TYR A 388 -30.72 32.23 -19.72
N LEU A 389 -31.05 31.62 -18.59
CA LEU A 389 -30.33 30.42 -18.16
C LEU A 389 -30.42 29.32 -19.19
N ILE A 390 -31.64 29.03 -19.67
CA ILE A 390 -31.82 27.97 -20.66
C ILE A 390 -31.10 28.34 -21.96
N ILE A 391 -31.32 29.56 -22.44
CA ILE A 391 -30.64 30.02 -23.65
C ILE A 391 -29.13 29.92 -23.47
N LEU A 392 -28.63 30.32 -22.30
CA LEU A 392 -27.19 30.29 -22.06
C LEU A 392 -26.66 28.86 -22.08
N TYR A 393 -27.38 27.92 -21.46
CA TYR A 393 -26.95 26.53 -21.47
C TYR A 393 -26.88 26.01 -22.90
N LEU A 394 -27.85 26.36 -23.73
CA LEU A 394 -27.80 25.97 -25.14
C LEU A 394 -26.64 26.63 -25.85
N ALA A 395 -26.39 27.92 -25.55
CA ALA A 395 -25.38 28.67 -26.28
C ALA A 395 -23.99 28.10 -26.04
N ILE A 396 -23.61 27.90 -24.78
CA ILE A 396 -22.28 27.39 -24.49
C ILE A 396 -22.09 26.02 -25.12
N THR A 397 -23.18 25.25 -25.23
CA THR A 397 -23.07 23.92 -25.81
C THR A 397 -22.77 23.98 -27.31
N ILE A 398 -23.50 24.83 -28.03
CA ILE A 398 -23.24 24.98 -29.46
C ILE A 398 -21.94 25.74 -29.67
N ILE A 399 -21.59 26.65 -28.75
CA ILE A 399 -20.33 27.36 -28.86
C ILE A 399 -19.16 26.38 -28.79
N ARG A 400 -19.21 25.46 -27.81
CA ARG A 400 -18.16 24.48 -27.65
C ARG A 400 -18.06 23.58 -28.89
N GLY A 401 -19.21 23.15 -29.41
CA GLY A 401 -19.20 22.30 -30.59
C GLY A 401 -18.66 23.03 -31.81
N MET A 402 -19.06 24.28 -31.98
CA MET A 402 -18.58 25.07 -33.10
C MET A 402 -17.07 25.27 -33.01
N VAL A 403 -16.57 25.51 -31.80
CA VAL A 403 -15.13 25.67 -31.62
C VAL A 403 -14.41 24.38 -31.96
N ILE A 404 -14.93 23.26 -31.47
CA ILE A 404 -14.27 21.97 -31.70
C ILE A 404 -14.26 21.63 -33.18
N SER A 405 -15.41 21.79 -33.85
CA SER A 405 -15.49 21.52 -35.28
C SER A 405 -14.63 22.50 -36.08
N LEU A 406 -14.61 23.77 -35.69
CA LEU A 406 -13.85 24.78 -36.42
C LEU A 406 -12.37 24.44 -36.43
N PHE A 407 -11.82 24.03 -35.28
CA PHE A 407 -10.43 23.60 -35.21
C PHE A 407 -10.24 22.18 -35.70
N SER A 408 -11.33 21.42 -35.92
CA SER A 408 -11.20 20.01 -36.27
C SER A 408 -10.30 19.77 -37.48
N PRO A 409 -10.37 20.55 -38.56
CA PRO A 409 -9.41 20.32 -39.66
C PRO A 409 -7.97 20.42 -39.20
N ILE A 410 -7.66 21.37 -38.33
CA ILE A 410 -6.31 21.51 -37.81
C ILE A 410 -5.94 20.32 -36.95
N LEU A 411 -6.86 19.89 -36.09
CA LEU A 411 -6.59 18.78 -35.19
C LEU A 411 -6.39 17.47 -35.95
N SER A 412 -7.10 17.30 -37.07
CA SER A 412 -6.94 16.10 -37.87
C SER A 412 -5.48 15.90 -38.26
N ARG A 413 -4.75 16.99 -38.51
CA ARG A 413 -3.34 16.92 -38.85
C ARG A 413 -2.45 16.85 -37.61
N ILE A 414 -2.75 17.68 -36.61
CA ILE A 414 -1.94 17.75 -35.40
C ILE A 414 -2.54 16.80 -34.37
N GLY A 415 -1.77 15.77 -34.00
CA GLY A 415 -2.22 14.83 -32.99
C GLY A 415 -2.97 13.65 -33.56
N TYR A 416 -3.86 13.07 -32.75
CA TYR A 416 -4.58 11.87 -33.16
C TYR A 416 -5.75 12.17 -34.09
N GLY A 417 -6.30 13.38 -34.04
CA GLY A 417 -7.44 13.72 -34.86
C GLY A 417 -8.75 13.37 -34.18
N LEU A 418 -9.82 14.11 -34.50
CA LEU A 418 -11.10 13.94 -33.84
C LEU A 418 -12.14 13.39 -34.82
N THR A 419 -12.78 12.30 -34.44
CA THR A 419 -13.97 11.84 -35.14
C THR A 419 -15.17 12.69 -34.71
N TRP A 420 -16.21 12.68 -35.55
CA TRP A 420 -17.38 13.47 -35.24
C TRP A 420 -18.03 13.01 -33.94
N ARG A 421 -18.04 11.70 -33.68
CA ARG A 421 -18.62 11.20 -32.43
C ARG A 421 -17.79 11.62 -31.23
N ASN A 422 -16.46 11.49 -31.32
CA ASN A 422 -15.59 11.94 -30.23
C ASN A 422 -15.76 13.43 -29.98
N ALA A 423 -15.96 14.21 -31.04
CA ALA A 423 -16.18 15.63 -30.88
C ALA A 423 -17.41 15.90 -30.03
N VAL A 424 -18.49 15.16 -30.28
CA VAL A 424 -19.72 15.34 -29.51
C VAL A 424 -19.48 15.01 -28.04
N ILE A 425 -18.74 13.93 -27.77
CA ILE A 425 -18.44 13.56 -26.39
C ILE A 425 -17.76 14.71 -25.67
N MET A 426 -16.76 15.32 -26.30
CA MET A 426 -16.12 16.49 -25.72
C MET A 426 -17.11 17.63 -25.57
N THR A 427 -17.96 17.83 -26.57
CA THR A 427 -18.96 18.88 -26.50
C THR A 427 -19.98 18.59 -25.41
N TRP A 428 -20.43 17.34 -25.32
CA TRP A 428 -21.49 17.00 -24.38
C TRP A 428 -20.95 16.88 -22.96
N GLY A 429 -19.69 16.45 -22.81
CA GLY A 429 -19.08 16.23 -21.53
C GLY A 429 -18.44 17.45 -20.89
N GLY A 430 -18.72 18.64 -21.39
CA GLY A 430 -18.13 19.85 -20.84
C GLY A 430 -18.77 20.26 -19.54
N LEU A 431 -18.65 19.43 -18.52
CA LEU A 431 -19.25 19.72 -17.22
C LEU A 431 -18.54 20.88 -16.53
N ARG A 432 -19.33 21.73 -15.89
CA ARG A 432 -18.82 22.77 -15.01
C ARG A 432 -18.81 22.27 -13.57
N GLY A 433 -18.24 23.06 -12.67
CA GLY A 433 -18.18 22.64 -11.29
C GLY A 433 -17.48 23.56 -10.31
N ALA A 434 -16.65 22.97 -9.46
CA ALA A 434 -16.11 23.69 -8.31
C ALA A 434 -15.32 24.92 -8.74
N VAL A 435 -14.45 24.78 -9.73
CA VAL A 435 -13.59 25.89 -10.13
C VAL A 435 -14.44 27.06 -10.59
N GLY A 436 -15.47 26.80 -11.41
CA GLY A 436 -16.37 27.86 -11.81
C GLY A 436 -17.11 28.45 -10.62
N LEU A 437 -17.56 27.60 -9.71
CA LEU A 437 -18.28 28.07 -8.54
C LEU A 437 -17.38 28.86 -7.61
N ALA A 438 -16.14 28.38 -7.41
CA ALA A 438 -15.22 29.08 -6.52
C ALA A 438 -14.99 30.50 -6.99
N LEU A 439 -14.82 30.69 -8.29
CA LEU A 439 -14.62 32.03 -8.83
C LEU A 439 -15.88 32.86 -8.75
N ALA A 440 -17.05 32.23 -8.85
CA ALA A 440 -18.29 32.97 -8.66
C ALA A 440 -18.44 33.44 -7.22
N LEU A 441 -18.08 32.58 -6.26
CA LEU A 441 -18.11 32.99 -4.86
C LEU A 441 -17.23 34.21 -4.62
N VAL A 442 -16.09 34.26 -5.29
CA VAL A 442 -15.20 35.41 -5.15
C VAL A 442 -15.93 36.69 -5.56
N VAL A 443 -16.66 36.63 -6.67
CA VAL A 443 -17.40 37.79 -7.14
C VAL A 443 -18.51 38.16 -6.15
N GLU A 444 -19.19 37.16 -5.58
CA GLU A 444 -20.27 37.44 -4.65
C GLU A 444 -19.78 38.24 -3.45
N ASN A 445 -18.64 37.83 -2.88
CA ASN A 445 -18.07 38.58 -1.77
C ASN A 445 -17.63 39.97 -2.22
N LEU A 446 -17.07 40.07 -3.41
CA LEU A 446 -16.51 41.33 -3.89
C LEU A 446 -17.58 42.31 -4.36
N ALA A 447 -18.67 41.80 -4.93
CA ALA A 447 -19.74 42.68 -5.41
C ALA A 447 -20.52 43.33 -4.27
N GLY A 448 -20.55 42.70 -3.10
CA GLY A 448 -21.29 43.25 -1.98
C GLY A 448 -22.77 43.34 -2.32
N ASN A 449 -23.30 44.57 -2.32
CA ASN A 449 -24.72 44.79 -2.58
C ASN A 449 -25.06 44.86 -4.05
N ASP A 450 -24.07 44.82 -4.94
CA ASP A 450 -24.35 44.87 -6.37
C ASP A 450 -24.99 43.57 -6.84
N VAL A 451 -25.94 43.69 -7.77
CA VAL A 451 -26.67 42.54 -8.27
C VAL A 451 -25.76 41.56 -9.00
N ILE A 452 -24.64 42.04 -9.55
CA ILE A 452 -23.82 41.20 -10.42
C ILE A 452 -23.37 39.95 -9.69
N GLY A 453 -22.96 40.08 -8.44
CA GLY A 453 -22.54 38.92 -7.68
C GLY A 453 -23.65 37.89 -7.55
N SER A 454 -24.89 38.37 -7.43
CA SER A 454 -26.02 37.45 -7.32
C SER A 454 -26.25 36.69 -8.62
N LYS A 455 -26.29 37.40 -9.76
CA LYS A 455 -26.58 36.76 -11.03
C LYS A 455 -25.40 35.98 -11.58
N PHE A 456 -24.16 36.40 -11.29
CA PHE A 456 -23.02 35.56 -11.60
C PHE A 456 -23.16 34.20 -10.92
N LEU A 457 -23.48 34.21 -9.62
CA LEU A 457 -23.67 32.96 -8.89
C LEU A 457 -24.90 32.21 -9.39
N PHE A 458 -25.97 32.93 -9.70
CA PHE A 458 -27.19 32.28 -10.17
C PHE A 458 -26.93 31.49 -11.44
N HIS A 459 -26.36 32.12 -12.46
CA HIS A 459 -26.16 31.44 -13.73
C HIS A 459 -25.08 30.39 -13.63
N THR A 460 -24.00 30.67 -12.91
CA THR A 460 -22.96 29.66 -12.69
C THR A 460 -23.55 28.43 -12.02
N ALA A 461 -24.30 28.63 -10.93
CA ALA A 461 -24.89 27.50 -10.23
C ALA A 461 -25.88 26.76 -11.12
N GLY A 462 -26.73 27.49 -11.83
CA GLY A 462 -27.72 26.84 -12.68
C GLY A 462 -27.09 25.99 -13.76
N ILE A 463 -26.07 26.54 -14.42
CA ILE A 463 -25.40 25.79 -15.48
C ILE A 463 -24.72 24.55 -14.90
N VAL A 464 -24.15 24.67 -13.71
CA VAL A 464 -23.58 23.49 -13.04
C VAL A 464 -24.66 22.45 -12.81
N VAL A 465 -25.82 22.89 -12.32
CA VAL A 465 -26.91 21.96 -12.04
C VAL A 465 -27.38 21.28 -13.32
N LEU A 466 -27.59 22.06 -14.38
CA LEU A 466 -28.12 21.50 -15.63
C LEU A 466 -27.13 20.50 -16.23
N THR A 467 -25.86 20.88 -16.31
CA THR A 467 -24.85 19.97 -16.83
C THR A 467 -24.79 18.69 -16.01
N LEU A 468 -24.97 18.80 -14.69
CA LEU A 468 -24.96 17.64 -13.82
C LEU A 468 -26.26 16.86 -13.92
N VAL A 469 -27.37 17.55 -14.14
CA VAL A 469 -28.67 16.89 -14.20
C VAL A 469 -28.88 16.25 -15.58
N ILE A 470 -28.39 16.88 -16.64
CA ILE A 470 -28.65 16.45 -18.01
C ILE A 470 -27.43 15.78 -18.63
N ASN A 471 -26.34 16.52 -18.78
CA ASN A 471 -25.17 15.99 -19.50
C ASN A 471 -24.54 14.84 -18.75
N ALA A 472 -24.37 14.99 -17.43
CA ALA A 472 -23.78 13.93 -16.63
C ALA A 472 -24.67 12.69 -16.57
N THR A 473 -25.97 12.83 -16.81
CA THR A 473 -26.89 11.72 -16.71
C THR A 473 -27.13 11.03 -18.04
N THR A 474 -27.22 11.80 -19.13
CA THR A 474 -27.48 11.23 -20.44
C THR A 474 -26.21 10.78 -21.16
N ILE A 475 -25.04 11.11 -20.62
CA ILE A 475 -23.79 10.83 -21.33
C ILE A 475 -23.64 9.34 -21.57
N GLN A 476 -24.03 8.52 -20.60
CA GLN A 476 -23.91 7.07 -20.78
C GLN A 476 -24.79 6.57 -21.91
N THR A 477 -26.05 7.03 -21.95
CA THR A 477 -26.94 6.63 -23.03
C THR A 477 -26.44 7.12 -24.38
N LEU A 478 -25.92 8.34 -24.44
CA LEU A 478 -25.37 8.85 -25.69
C LEU A 478 -24.19 8.02 -26.15
N LEU A 479 -23.32 7.61 -25.22
CA LEU A 479 -22.22 6.72 -25.56
C LEU A 479 -22.73 5.40 -26.10
N ARG A 480 -23.82 4.87 -25.53
CA ARG A 480 -24.45 3.68 -26.08
C ARG A 480 -24.92 3.93 -27.50
N ILE A 481 -25.55 5.07 -27.74
CA ILE A 481 -26.10 5.38 -29.06
C ILE A 481 -24.98 5.42 -30.10
N LEU A 482 -23.88 6.07 -29.76
CA LEU A 482 -22.78 6.24 -30.69
C LEU A 482 -21.98 4.95 -30.89
N GLY A 483 -22.30 3.89 -30.16
CA GLY A 483 -21.58 2.64 -30.31
C GLY A 483 -20.22 2.62 -29.67
N MET A 484 -19.95 3.55 -28.75
CA MET A 484 -18.65 3.63 -28.09
C MET A 484 -18.58 2.81 -26.81
N SER A 485 -19.71 2.64 -26.12
CA SER A 485 -19.74 1.88 -24.88
C SER A 485 -19.69 0.37 -25.11
N ASP A 486 -19.85 -0.09 -26.34
CA ASP A 486 -19.85 -1.52 -26.61
C ASP A 486 -18.52 -2.14 -26.19
N ILE A 487 -18.60 -3.25 -25.46
CA ILE A 487 -17.39 -3.96 -25.04
C ILE A 487 -16.88 -4.78 -26.22
N SER A 488 -15.60 -4.60 -26.54
CA SER A 488 -15.02 -5.31 -27.67
C SER A 488 -14.99 -6.81 -27.40
N ILE A 489 -15.11 -7.58 -28.49
CA ILE A 489 -15.15 -9.04 -28.35
C ILE A 489 -13.96 -9.56 -27.57
N PRO A 490 -12.73 -9.11 -27.80
CA PRO A 490 -11.60 -9.64 -27.02
C PRO A 490 -11.80 -9.51 -25.53
N LYS A 491 -12.34 -8.39 -25.07
CA LYS A 491 -12.56 -8.20 -23.63
C LYS A 491 -13.64 -9.14 -23.12
N ARG A 492 -14.70 -9.36 -23.91
CA ARG A 492 -15.71 -10.33 -23.53
C ARG A 492 -15.12 -11.71 -23.38
N LEU A 493 -14.26 -12.11 -24.32
CA LEU A 493 -13.60 -13.40 -24.24
C LEU A 493 -12.74 -13.51 -23.00
N ALA A 494 -11.95 -12.47 -22.71
CA ALA A 494 -11.09 -12.48 -21.54
C ALA A 494 -11.90 -12.59 -20.26
N MET A 495 -12.99 -11.83 -20.16
CA MET A 495 -13.82 -11.89 -18.97
C MET A 495 -14.46 -13.26 -18.80
N ALA A 496 -14.97 -13.84 -19.90
CA ALA A 496 -15.57 -15.17 -19.80
C ALA A 496 -14.56 -16.20 -19.33
N GLY A 497 -13.36 -16.19 -19.90
CA GLY A 497 -12.33 -17.13 -19.47
C GLY A 497 -11.94 -16.92 -18.03
N ALA A 498 -11.76 -15.66 -17.61
CA ALA A 498 -11.36 -15.38 -16.25
C ALA A 498 -12.42 -15.83 -15.25
N VAL A 499 -13.69 -15.54 -15.55
CA VAL A 499 -14.76 -15.98 -14.67
C VAL A 499 -14.79 -17.50 -14.59
N ARG A 500 -14.66 -18.17 -15.73
CA ARG A 500 -14.70 -19.63 -15.73
C ARG A 500 -13.58 -20.21 -14.85
N ARG A 501 -12.34 -19.76 -15.05
CA ARG A 501 -11.26 -20.28 -14.23
C ARG A 501 -11.49 -20.00 -12.76
N ILE A 502 -11.98 -18.80 -12.42
CA ILE A 502 -12.25 -18.48 -11.03
C ILE A 502 -13.32 -19.41 -10.48
N HIS A 503 -14.37 -19.66 -11.27
CA HIS A 503 -15.45 -20.54 -10.82
C HIS A 503 -14.93 -21.94 -10.52
N GLU A 504 -14.05 -22.46 -11.39
CA GLU A 504 -13.47 -23.77 -11.14
C GLU A 504 -12.62 -23.77 -9.88
N GLY A 505 -11.83 -22.71 -9.67
CA GLY A 505 -10.98 -22.66 -8.50
C GLY A 505 -11.78 -22.72 -7.21
N GLN A 506 -12.89 -22.00 -7.15
CA GLN A 506 -13.74 -22.05 -5.95
C GLN A 506 -14.29 -23.45 -5.75
N ASN A 507 -14.72 -24.11 -6.83
CA ASN A 507 -15.24 -25.46 -6.70
C ASN A 507 -14.19 -26.41 -6.13
N ARG A 508 -12.93 -26.28 -6.60
CA ARG A 508 -11.85 -27.05 -6.02
C ARG A 508 -11.68 -26.73 -4.54
N THR A 509 -11.67 -25.44 -4.21
CA THR A 509 -11.51 -25.03 -2.81
C THR A 509 -12.67 -25.54 -1.97
N LEU A 510 -13.89 -25.52 -2.52
CA LEU A 510 -15.05 -25.96 -1.76
C LEU A 510 -14.93 -27.44 -1.37
N ASN A 511 -14.54 -28.28 -2.33
CA ASN A 511 -14.41 -29.71 -2.03
C ASN A 511 -13.32 -29.96 -1.00
N MET A 512 -12.22 -29.19 -1.06
CA MET A 512 -11.15 -29.34 -0.08
C MET A 512 -11.66 -29.06 1.32
N LEU A 513 -12.45 -27.99 1.48
CA LEU A 513 -12.93 -27.61 2.80
C LEU A 513 -13.93 -28.62 3.35
N LYS A 514 -14.76 -29.21 2.49
CA LYS A 514 -15.71 -30.21 2.95
C LYS A 514 -15.02 -31.45 3.50
N SER A 515 -13.74 -31.63 3.20
CA SER A 515 -12.94 -32.72 3.75
C SER A 515 -12.18 -32.32 5.01
N ASP A 516 -12.39 -31.09 5.49
CA ASP A 516 -11.69 -30.58 6.67
C ASP A 516 -12.50 -30.96 7.90
N ARG A 517 -11.81 -31.54 8.90
CA ARG A 517 -12.48 -31.92 10.14
C ARG A 517 -13.04 -30.71 10.87
N PHE A 518 -12.40 -29.55 10.72
CA PHE A 518 -12.83 -28.36 11.45
C PHE A 518 -14.07 -27.72 10.82
N LEU A 519 -14.15 -27.73 9.48
CA LEU A 519 -15.17 -26.99 8.76
C LEU A 519 -16.20 -27.88 8.08
N ALA A 520 -16.31 -29.14 8.49
CA ALA A 520 -17.19 -30.08 7.82
C ALA A 520 -18.66 -29.68 7.92
N ASP A 521 -19.05 -28.94 8.96
CA ASP A 521 -20.45 -28.67 9.25
C ASP A 521 -20.83 -27.22 8.97
N ALA A 522 -20.11 -26.53 8.08
CA ALA A 522 -20.50 -25.19 7.69
C ALA A 522 -21.65 -25.24 6.68
N ASP A 523 -22.52 -24.23 6.76
CA ASP A 523 -23.67 -24.14 5.87
C ASP A 523 -23.16 -23.78 4.47
N TRP A 524 -22.95 -24.82 3.65
CA TRP A 524 -22.37 -24.61 2.33
C TRP A 524 -23.31 -23.89 1.38
N ASP A 525 -24.62 -23.96 1.61
CA ASP A 525 -25.55 -23.19 0.80
C ASP A 525 -25.28 -21.69 0.92
N ILE A 526 -25.04 -21.23 2.15
CA ILE A 526 -24.68 -19.82 2.35
C ILE A 526 -23.33 -19.53 1.69
N ALA A 527 -22.34 -20.40 1.91
CA ALA A 527 -21.00 -20.14 1.44
C ALA A 527 -20.95 -20.01 -0.07
N THR A 528 -21.49 -21.01 -0.78
CA THR A 528 -21.42 -21.00 -2.23
C THR A 528 -22.07 -19.75 -2.82
N ALA A 529 -23.22 -19.36 -2.28
CA ALA A 529 -23.89 -18.16 -2.77
C ALA A 529 -23.08 -16.91 -2.50
N ALA A 530 -22.43 -16.84 -1.34
CA ALA A 530 -21.74 -15.61 -0.97
C ALA A 530 -20.44 -15.41 -1.75
N CYS A 531 -19.76 -16.49 -2.13
CA CYS A 531 -18.47 -16.37 -2.79
C CYS A 531 -18.55 -16.37 -4.31
N GLU A 532 -19.74 -16.55 -4.88
CA GLU A 532 -19.85 -16.69 -6.33
C GLU A 532 -19.52 -15.38 -7.02
N ILE A 533 -18.75 -15.47 -8.10
CA ILE A 533 -18.39 -14.33 -8.94
C ILE A 533 -19.13 -14.47 -10.26
N SER A 534 -19.72 -13.38 -10.73
CA SER A 534 -20.54 -13.37 -11.94
C SER A 534 -19.94 -12.43 -12.98
N ASP A 535 -20.15 -12.77 -14.23
CA ASP A 535 -19.60 -11.97 -15.33
C ASP A 535 -20.27 -10.60 -15.35
N PRO A 536 -19.52 -9.50 -15.27
CA PRO A 536 -20.15 -8.18 -15.27
C PRO A 536 -20.68 -7.74 -16.63
N TYR A 537 -20.25 -8.38 -17.72
CA TYR A 537 -20.70 -8.01 -19.06
C TYR A 537 -21.91 -8.81 -19.52
N SER A 538 -22.46 -9.67 -18.67
CA SER A 538 -23.62 -10.47 -19.03
C SER A 538 -24.85 -9.58 -19.20
N SER A 572 -7.86 -21.71 -49.82
CA SER A 572 -8.41 -20.97 -50.94
C SER A 572 -8.26 -19.49 -50.67
N PRO A 573 -8.27 -18.66 -51.73
CA PRO A 573 -8.04 -17.22 -51.52
C PRO A 573 -8.98 -16.59 -50.51
N ARG A 574 -10.27 -16.93 -50.57
CA ARG A 574 -11.22 -16.36 -49.62
C ARG A 574 -10.94 -16.85 -48.21
N GLU A 575 -10.55 -18.10 -48.06
CA GLU A 575 -10.16 -18.63 -46.75
C GLU A 575 -8.91 -17.93 -46.24
N PHE A 576 -7.92 -17.75 -47.13
CA PHE A 576 -6.68 -17.07 -46.74
C PHE A 576 -6.95 -15.62 -46.35
N ALA A 577 -7.93 -14.99 -47.00
CA ALA A 577 -8.19 -13.57 -46.76
C ALA A 577 -8.53 -13.28 -45.31
N ASP A 578 -9.03 -14.27 -44.56
CA ASP A 578 -9.31 -14.11 -43.14
C ASP A 578 -8.54 -15.07 -42.25
N MET A 579 -8.06 -16.20 -42.79
CA MET A 579 -7.15 -17.03 -42.01
C MET A 579 -5.91 -16.26 -41.61
N MET A 580 -5.44 -15.37 -42.49
CA MET A 580 -4.34 -14.49 -42.15
C MET A 580 -4.73 -13.52 -41.04
N GLU A 581 -5.96 -13.03 -41.06
CA GLU A 581 -6.43 -12.16 -39.99
C GLU A 581 -6.35 -12.86 -38.65
N GLU A 582 -6.74 -14.13 -38.60
CA GLU A 582 -6.57 -14.91 -37.37
C GLU A 582 -5.11 -14.98 -36.98
N ALA A 583 -4.22 -15.19 -37.95
CA ALA A 583 -2.79 -15.22 -37.66
C ALA A 583 -2.32 -13.86 -37.14
N ARG A 584 -2.75 -12.78 -37.77
CA ARG A 584 -2.38 -11.45 -37.30
C ARG A 584 -2.84 -11.24 -35.87
N LEU A 585 -4.13 -11.46 -35.62
CA LEU A 585 -4.70 -11.16 -34.31
C LEU A 585 -4.09 -12.06 -33.23
N ARG A 586 -3.89 -13.34 -33.55
CA ARG A 586 -3.34 -14.26 -32.57
C ARG A 586 -1.88 -13.94 -32.27
N MET A 587 -1.11 -13.57 -33.31
CA MET A 587 0.25 -13.09 -33.07
C MET A 587 0.25 -11.81 -32.25
N LEU A 588 -0.57 -10.84 -32.66
CA LEU A 588 -0.63 -9.57 -31.94
C LEU A 588 -1.07 -9.77 -30.50
N LYS A 589 -2.03 -10.65 -30.27
CA LYS A 589 -2.44 -10.97 -28.91
C LYS A 589 -1.29 -11.56 -28.11
N ALA A 590 -0.51 -12.46 -28.73
CA ALA A 590 0.63 -13.05 -28.05
C ALA A 590 1.67 -12.00 -27.69
N GLU A 591 1.92 -11.06 -28.60
CA GLU A 591 2.88 -9.99 -28.32
C GLU A 591 2.45 -9.19 -27.09
N LYS A 592 1.17 -8.87 -27.01
CA LYS A 592 0.66 -8.10 -25.88
C LYS A 592 0.89 -8.85 -24.58
N ILE A 593 0.73 -10.17 -24.61
CA ILE A 593 0.95 -10.98 -23.41
C ILE A 593 2.39 -10.88 -22.96
N SER A 594 3.33 -11.00 -23.91
CA SER A 594 4.74 -10.98 -23.55
C SER A 594 5.14 -9.65 -22.93
N TYR A 595 4.60 -8.55 -23.44
CA TYR A 595 4.91 -7.25 -22.87
C TYR A 595 4.44 -7.15 -21.43
N TRP A 596 3.25 -7.68 -21.14
CA TRP A 596 2.75 -7.70 -19.78
C TRP A 596 3.62 -8.58 -18.89
N LYS A 597 4.08 -9.71 -19.42
CA LYS A 597 5.01 -10.55 -18.68
C LYS A 597 6.23 -9.77 -18.23
N GLN A 598 6.88 -9.08 -19.17
CA GLN A 598 8.13 -8.39 -18.87
C GLN A 598 7.90 -7.29 -17.83
N PHE A 599 6.76 -6.60 -17.93
CA PHE A 599 6.46 -5.53 -16.99
C PHE A 599 6.30 -6.07 -15.57
N GLU A 600 5.59 -7.19 -15.43
CA GLU A 600 5.30 -7.72 -14.10
C GLU A 600 6.53 -8.29 -13.40
N HIS A 601 7.58 -8.63 -14.14
CA HIS A 601 8.82 -9.11 -13.57
C HIS A 601 9.90 -8.04 -13.51
N GLY A 602 9.57 -6.80 -13.82
CA GLY A 602 10.48 -5.69 -13.67
C GLY A 602 11.52 -5.56 -14.77
N MET A 603 11.45 -6.38 -15.81
CA MET A 603 12.41 -6.26 -16.91
C MET A 603 12.08 -5.07 -17.82
N LEU A 604 10.90 -4.49 -17.66
CA LEU A 604 10.40 -3.49 -18.62
C LEU A 604 9.67 -2.40 -17.87
N ALA A 605 9.96 -1.15 -18.22
CA ALA A 605 9.29 -0.02 -17.60
C ALA A 605 7.88 0.15 -18.19
N ARG A 606 7.04 0.87 -17.43
CA ARG A 606 5.65 1.03 -17.85
C ARG A 606 5.54 1.84 -19.13
N GLU A 607 6.39 2.85 -19.30
CA GLU A 607 6.32 3.69 -20.50
C GLU A 607 6.59 2.87 -21.75
N ALA A 608 7.62 2.03 -21.73
CA ALA A 608 7.89 1.17 -22.87
C ALA A 608 6.75 0.18 -23.09
N LEU A 609 6.18 -0.35 -22.01
CA LEU A 609 5.07 -1.28 -22.13
C LEU A 609 3.89 -0.63 -22.83
N ARG A 610 3.52 0.58 -22.41
CA ARG A 610 2.38 1.25 -23.02
C ARG A 610 2.67 1.61 -24.47
N LEU A 611 3.90 2.01 -24.78
CA LEU A 611 4.24 2.29 -26.17
C LEU A 611 4.07 1.03 -27.03
N LEU A 612 4.59 -0.10 -26.55
CA LEU A 612 4.47 -1.34 -27.30
C LEU A 612 3.02 -1.76 -27.47
N VAL A 613 2.24 -1.65 -26.39
CA VAL A 613 0.84 -2.05 -26.44
C VAL A 613 0.06 -1.14 -27.38
N GLN A 614 0.34 0.16 -27.33
CA GLN A 614 -0.30 1.10 -28.25
C GLN A 614 -0.01 0.73 -29.70
N HIS A 615 1.25 0.43 -30.01
CA HIS A 615 1.58 0.05 -31.37
C HIS A 615 0.90 -1.25 -31.78
N ALA A 616 0.83 -2.22 -30.87
CA ALA A 616 0.14 -3.47 -31.19
C ALA A 616 -1.34 -3.21 -31.49
N GLU A 617 -2.01 -2.42 -30.65
CA GLU A 617 -3.41 -2.13 -30.89
C GLU A 617 -3.61 -1.41 -32.21
N VAL A 618 -2.73 -0.43 -32.50
CA VAL A 618 -2.84 0.30 -33.76
C VAL A 618 -2.69 -0.64 -34.94
N ALA A 619 -1.70 -1.53 -34.89
CA ALA A 619 -1.49 -2.46 -35.99
C ALA A 619 -2.67 -3.41 -36.15
N ALA A 620 -3.34 -3.76 -35.04
CA ALA A 620 -4.49 -4.66 -35.13
C ALA A 620 -5.61 -4.03 -35.95
N ASP A 621 -5.91 -2.76 -35.69
CA ASP A 621 -7.01 -2.11 -36.39
C ASP A 621 -6.71 -1.95 -37.88
N GLU A 622 -5.51 -1.49 -38.22
CA GLU A 622 -5.13 -1.38 -39.63
C GLU A 622 -5.18 -2.77 -40.24
N LYS A 623 -5.92 -2.91 -41.33
CA LYS A 623 -6.34 -4.22 -41.81
C LYS A 623 -5.16 -5.11 -42.18
N ASP A 624 -4.21 -4.60 -42.96
CA ASP A 624 -3.09 -5.40 -43.46
C ASP A 624 -1.80 -5.20 -42.69
N GLN A 625 -1.86 -4.62 -41.49
CA GLN A 625 -0.67 -4.14 -40.81
C GLN A 625 -0.13 -5.14 -39.80
N PHE A 626 1.19 -5.22 -39.73
CA PHE A 626 1.91 -5.82 -38.62
C PHE A 626 2.70 -4.70 -37.93
N ILE A 627 3.09 -4.94 -36.68
CA ILE A 627 3.85 -3.93 -35.95
C ILE A 627 5.14 -3.67 -36.72
N LEU A 628 5.46 -2.39 -36.90
CA LEU A 628 6.53 -1.97 -37.80
C LEU A 628 7.66 -1.34 -37.00
N VAL A 629 8.90 -1.78 -37.27
CA VAL A 629 10.05 -1.24 -36.56
C VAL A 629 10.20 0.25 -36.81
N ASP A 630 9.99 0.69 -38.06
CA ASP A 630 10.11 2.10 -38.38
C ASP A 630 9.20 2.96 -37.50
N ASP A 631 8.06 2.43 -37.08
CA ASP A 631 7.25 3.12 -36.08
C ASP A 631 7.91 3.08 -34.71
N LEU A 632 8.55 1.96 -34.39
CA LEU A 632 9.26 1.84 -33.12
C LEU A 632 10.51 2.71 -33.10
N LYS A 633 11.13 2.91 -34.26
CA LYS A 633 12.39 3.65 -34.34
C LYS A 633 12.27 5.03 -33.73
N LYS A 634 11.07 5.63 -33.77
CA LYS A 634 10.88 6.96 -33.23
C LYS A 634 11.21 7.02 -31.74
N SER A 635 11.18 5.87 -31.05
CA SER A 635 11.43 5.87 -29.61
C SER A 635 12.90 6.13 -29.30
N TRP A 636 13.81 5.45 -29.99
CA TRP A 636 15.23 5.51 -29.66
C TRP A 636 16.03 6.43 -30.58
N GLN A 637 15.41 7.04 -31.58
CA GLN A 637 16.14 7.97 -32.44
C GLN A 637 16.39 9.27 -31.68
N ILE A 638 17.65 9.54 -31.35
CA ILE A 638 17.98 10.68 -30.51
C ILE A 638 17.87 11.96 -31.34
N LYS A 639 17.14 12.93 -30.80
CA LYS A 639 17.05 14.24 -31.46
C LYS A 639 18.41 14.93 -31.41
N GLY A 640 18.80 15.54 -32.52
CA GLY A 640 20.17 15.97 -32.72
C GLY A 640 20.61 17.12 -31.83
N ILE A 641 19.66 17.85 -31.25
CA ILE A 641 20.04 19.02 -30.44
C ILE A 641 20.95 18.62 -29.30
N TYR A 642 20.58 17.55 -28.57
CA TYR A 642 21.37 17.17 -27.40
C TYR A 642 22.75 16.65 -27.78
N PRO A 643 22.91 15.75 -28.75
CA PRO A 643 24.26 15.38 -29.18
C PRO A 643 25.08 16.57 -29.65
N TRP A 644 24.47 17.50 -30.38
CA TRP A 644 25.19 18.68 -30.84
C TRP A 644 25.66 19.52 -29.65
N LEU A 645 24.79 19.70 -28.66
CA LEU A 645 25.16 20.46 -27.48
C LEU A 645 26.30 19.79 -26.72
N LYS A 646 26.23 18.48 -26.55
CA LYS A 646 27.31 17.75 -25.89
C LYS A 646 28.63 17.94 -26.62
N ARG A 647 28.62 17.75 -27.94
CA ARG A 647 29.83 17.91 -28.73
C ARG A 647 30.38 19.33 -28.62
N LYS A 648 29.49 20.33 -28.69
CA LYS A 648 29.92 21.71 -28.64
C LYS A 648 30.54 22.05 -27.29
N LEU A 649 29.83 21.75 -26.21
CA LEU A 649 30.29 22.15 -24.88
C LEU A 649 31.54 21.39 -24.47
N GLU A 650 31.72 20.16 -24.94
CA GLU A 650 32.92 19.42 -24.60
C GLU A 650 34.18 20.11 -25.08
N ASP A 651 34.06 20.98 -26.10
CA ASP A 651 35.22 21.71 -26.59
C ASP A 651 35.61 22.84 -25.64
N LEU A 652 34.62 23.48 -25.00
CA LEU A 652 34.88 24.66 -24.20
C LEU A 652 35.74 24.36 -22.98
N ILE A 653 35.84 23.10 -22.57
CA ILE A 653 36.68 22.70 -21.44
C ILE A 653 37.83 21.81 -21.91
N SER A 654 38.20 21.91 -23.19
CA SER A 654 39.30 21.13 -23.74
C SER A 654 40.60 21.73 -23.23
N GLU A 655 40.95 21.38 -21.99
CA GLU A 655 42.17 21.88 -21.36
C GLU A 655 43.43 21.27 -21.96
N LYS A 656 43.30 20.28 -22.84
CA LYS A 656 44.46 19.59 -23.39
C LYS A 656 45.40 20.54 -24.13
N LYS A 657 44.95 21.75 -24.47
CA LYS A 657 45.84 22.74 -25.05
C LYS A 657 47.00 23.08 -24.12
N ILE A 658 46.83 22.89 -22.81
CA ILE A 658 47.87 23.19 -21.84
C ILE A 658 48.20 21.91 -21.07
N ALA A 659 47.16 21.21 -20.60
CA ALA A 659 47.34 19.98 -19.85
C ALA A 659 48.01 18.91 -20.70
N LYS A 670 58.45 25.69 -6.97
CA LYS A 670 57.80 24.93 -8.04
C LYS A 670 56.43 24.42 -7.60
N LEU A 671 56.10 24.65 -6.32
CA LEU A 671 54.82 24.18 -5.80
C LEU A 671 53.65 24.89 -6.49
N MET A 672 53.88 26.10 -7.02
CA MET A 672 52.80 26.81 -7.69
C MET A 672 52.25 26.01 -8.86
N TYR A 673 53.10 25.23 -9.54
CA TYR A 673 52.62 24.38 -10.61
C TYR A 673 51.65 23.34 -10.07
N LYS A 674 51.95 22.74 -8.92
CA LYS A 674 51.03 21.79 -8.30
C LYS A 674 49.75 22.48 -7.84
N ILE A 675 49.89 23.65 -7.20
CA ILE A 675 48.71 24.35 -6.70
C ILE A 675 47.80 24.77 -7.86
N CYS A 676 48.40 25.15 -8.99
CA CYS A 676 47.60 25.56 -10.13
C CYS A 676 46.64 24.46 -10.58
N HIS A 677 47.00 23.20 -10.37
CA HIS A 677 46.19 22.08 -10.81
C HIS A 677 45.41 21.41 -9.68
N HIS A 678 45.69 21.74 -8.42
CA HIS A 678 45.02 21.10 -7.31
C HIS A 678 43.54 21.49 -7.29
N MET A 679 42.68 20.50 -7.04
CA MET A 679 41.24 20.74 -7.05
C MET A 679 40.81 21.64 -5.90
N ALA A 680 41.43 21.50 -4.73
CA ALA A 680 41.03 22.31 -3.58
C ALA A 680 41.20 23.80 -3.88
N PHE A 681 42.32 24.17 -4.48
CA PHE A 681 42.55 25.57 -4.82
C PHE A 681 41.49 26.08 -5.79
N GLU A 682 41.19 25.31 -6.83
CA GLU A 682 40.19 25.72 -7.81
C GLU A 682 38.82 25.87 -7.15
N VAL A 683 38.43 24.91 -6.31
CA VAL A 683 37.12 24.96 -5.67
C VAL A 683 37.04 26.18 -4.77
N THR A 684 38.09 26.44 -3.98
CA THR A 684 38.07 27.58 -3.08
C THR A 684 38.03 28.89 -3.85
N ILE A 685 38.75 28.99 -4.97
CA ILE A 685 38.70 30.20 -5.77
C ILE A 685 37.30 30.41 -6.33
N ASN A 686 36.69 29.35 -6.85
CA ASN A 686 35.32 29.45 -7.37
C ASN A 686 34.37 29.89 -6.27
N ILE A 687 34.51 29.32 -5.08
CA ILE A 687 33.69 29.75 -3.94
C ILE A 687 33.91 31.22 -3.66
N ALA A 688 35.17 31.67 -3.65
CA ALA A 688 35.46 33.07 -3.40
C ALA A 688 34.70 33.97 -4.38
N ILE A 689 34.68 33.58 -5.66
CA ILE A 689 33.89 34.35 -6.63
C ILE A 689 32.41 34.29 -6.27
N VAL A 690 31.94 33.12 -5.84
CA VAL A 690 30.52 32.97 -5.51
C VAL A 690 30.12 33.95 -4.41
N LEU A 691 30.94 34.04 -3.35
CA LEU A 691 30.63 34.94 -2.25
C LEU A 691 30.62 36.40 -2.71
N ASN A 692 31.53 36.77 -3.61
CA ASN A 692 31.61 38.15 -4.07
C ASN A 692 30.33 38.61 -4.77
N ILE A 693 29.49 37.68 -5.21
CA ILE A 693 28.26 38.07 -5.88
C ILE A 693 27.37 38.85 -4.93
N VAL A 694 27.39 38.51 -3.65
CA VAL A 694 26.55 39.18 -2.66
C VAL A 694 26.94 40.66 -2.60
N PRO A 695 28.22 41.00 -2.46
CA PRO A 695 28.61 42.42 -2.59
C PRO A 695 28.20 43.05 -3.91
N ILE A 696 28.25 42.29 -5.00
CA ILE A 696 27.96 42.87 -6.31
C ILE A 696 26.55 43.44 -6.35
N ILE A 697 25.57 42.63 -5.97
CA ILE A 697 24.18 43.10 -5.94
C ILE A 697 23.97 44.07 -4.80
N MET A 698 24.66 43.85 -3.67
CA MET A 698 24.45 44.66 -2.49
C MET A 698 24.83 46.12 -2.75
N GLU A 699 25.93 46.34 -3.48
CA GLU A 699 26.34 47.71 -3.78
C GLU A 699 25.29 48.42 -4.62
N PHE A 700 24.76 47.75 -5.64
CA PHE A 700 23.75 48.38 -6.49
C PHE A 700 22.48 48.69 -5.69
N VAL A 701 22.04 47.74 -4.86
CA VAL A 701 20.83 47.96 -4.08
C VAL A 701 21.05 49.08 -3.07
N VAL A 702 22.22 49.12 -2.44
CA VAL A 702 22.52 50.18 -1.49
C VAL A 702 22.51 51.54 -2.17
N GLN A 703 23.11 51.61 -3.36
CA GLN A 703 23.09 52.87 -4.11
C GLN A 703 21.67 53.29 -4.46
N ASP A 704 20.85 52.33 -4.89
CA ASP A 704 19.46 52.64 -5.22
C ASP A 704 18.70 53.17 -4.01
N LYS A 705 18.86 52.51 -2.86
CA LYS A 705 18.14 52.94 -1.67
C LYS A 705 18.66 54.27 -1.14
N MET A 706 19.98 54.49 -1.20
CA MET A 706 20.53 55.76 -0.75
C MET A 706 20.03 56.90 -1.61
N ALA A 707 19.99 56.71 -2.92
CA ALA A 707 19.54 57.74 -3.85
C ALA A 707 18.03 57.91 -3.76
N LEU A 726 23.62 53.89 2.47
CA LEU A 726 24.22 55.03 3.16
C LEU A 726 25.73 55.05 2.97
N GLN A 727 26.36 56.17 3.33
CA GLN A 727 27.80 56.30 3.17
C GLN A 727 28.54 55.28 4.02
N LYS A 728 28.09 55.08 5.26
CA LYS A 728 28.72 54.10 6.12
C LYS A 728 28.69 52.71 5.51
N ILE A 729 27.67 52.42 4.72
CA ILE A 729 27.58 51.13 4.02
C ILE A 729 28.42 51.12 2.76
N GLU A 730 28.40 52.22 2.00
CA GLU A 730 29.18 52.29 0.76
C GLU A 730 30.66 52.14 1.04
N ASP A 731 31.16 52.79 2.10
CA ASP A 731 32.58 52.67 2.43
C ASP A 731 32.95 51.23 2.74
N ALA A 732 32.11 50.53 3.51
CA ALA A 732 32.40 49.13 3.82
C ALA A 732 32.43 48.28 2.56
N LEU A 733 31.48 48.50 1.65
CA LEU A 733 31.45 47.74 0.41
C LEU A 733 32.68 48.02 -0.45
N ARG A 734 33.05 49.29 -0.57
CA ARG A 734 34.19 49.65 -1.41
C ARG A 734 35.50 49.16 -0.81
N ILE A 735 35.60 49.15 0.53
CA ILE A 735 36.74 48.52 1.18
C ILE A 735 36.75 47.02 0.87
N SER A 736 35.58 46.39 0.93
CA SER A 736 35.48 44.98 0.55
C SER A 736 35.87 44.80 -0.92
N ASN A 737 35.52 45.75 -1.78
CA ASN A 737 35.93 45.68 -3.18
C ASN A 737 37.45 45.69 -3.30
N TYR A 738 38.12 46.56 -2.55
CA TYR A 738 39.58 46.60 -2.58
C TYR A 738 40.16 45.28 -2.09
N VAL A 739 39.61 44.73 -1.02
CA VAL A 739 40.11 43.46 -0.49
C VAL A 739 39.95 42.36 -1.53
N PHE A 740 38.79 42.32 -2.20
CA PHE A 740 38.55 41.29 -3.20
C PHE A 740 39.46 41.49 -4.41
N PHE A 741 39.76 42.74 -4.76
CA PHE A 741 40.73 42.99 -5.82
C PHE A 741 42.09 42.41 -5.44
N VAL A 742 42.51 42.60 -4.20
CA VAL A 742 43.80 42.05 -3.74
C VAL A 742 43.77 40.53 -3.82
N ILE A 743 42.67 39.91 -3.38
CA ILE A 743 42.57 38.45 -3.39
C ILE A 743 42.63 37.94 -4.82
N TYR A 744 41.92 38.60 -5.73
CA TYR A 744 41.94 38.20 -7.14
C TYR A 744 43.34 38.33 -7.72
N ALA A 745 44.07 39.38 -7.32
CA ALA A 745 45.45 39.51 -7.76
C ALA A 745 46.31 38.36 -7.24
N ILE A 746 46.12 37.98 -5.98
CA ILE A 746 46.96 36.94 -5.38
C ILE A 746 46.74 35.61 -6.08
N GLU A 747 45.49 35.21 -6.29
CA GLU A 747 45.22 33.93 -6.93
C GLU A 747 45.77 33.90 -8.35
N ALA A 748 45.58 35.00 -9.09
CA ALA A 748 46.12 35.07 -10.45
C ALA A 748 47.64 35.00 -10.45
N ILE A 749 48.28 35.62 -9.45
CA ILE A 749 49.72 35.54 -9.34
C ILE A 749 50.17 34.10 -9.15
N VAL A 750 49.47 33.36 -8.29
CA VAL A 750 49.80 31.96 -8.08
C VAL A 750 49.66 31.18 -9.39
N LYS A 751 48.57 31.42 -10.11
CA LYS A 751 48.36 30.71 -11.37
C LYS A 751 49.48 31.01 -12.37
N ILE A 752 49.84 32.29 -12.50
CA ILE A 752 50.89 32.67 -13.44
C ILE A 752 52.22 32.03 -13.04
N LEU A 753 52.54 32.06 -11.75
CA LEU A 753 53.75 31.40 -11.28
C LEU A 753 53.75 29.93 -11.60
N GLY A 754 52.58 29.28 -11.52
CA GLY A 754 52.46 27.88 -11.84
C GLY A 754 52.71 27.56 -13.31
N LEU A 755 52.08 28.32 -14.21
CA LEU A 755 52.17 28.02 -15.63
C LEU A 755 53.19 28.87 -16.37
N GLY A 756 53.68 29.95 -15.77
CA GLY A 756 54.64 30.79 -16.47
C GLY A 756 54.05 31.38 -17.74
N ARG A 757 54.84 31.35 -18.81
CA ARG A 757 54.38 31.92 -20.07
C ARG A 757 53.26 31.12 -20.71
N HIS A 758 53.07 29.87 -20.29
CA HIS A 758 51.95 29.07 -20.79
C HIS A 758 50.62 29.48 -20.19
N TYR A 759 50.64 30.40 -19.21
CA TYR A 759 49.41 30.80 -18.53
C TYR A 759 48.40 31.40 -19.49
N ILE A 760 48.87 32.26 -20.41
CA ILE A 760 47.95 33.02 -21.27
C ILE A 760 47.50 32.23 -22.49
N VAL A 761 47.86 30.95 -22.60
CA VAL A 761 47.49 30.19 -23.79
C VAL A 761 45.98 30.01 -23.87
N SER A 762 45.29 29.98 -22.74
CA SER A 762 43.86 29.72 -22.68
C SER A 762 43.09 31.02 -22.64
N HIS A 763 42.03 31.11 -23.45
CA HIS A 763 41.20 32.32 -23.45
C HIS A 763 40.58 32.57 -22.09
N TRP A 764 40.34 31.51 -21.31
CA TRP A 764 39.82 31.70 -19.95
C TRP A 764 40.80 32.51 -19.12
N ASN A 765 42.10 32.23 -19.25
CA ASN A 765 43.11 32.98 -18.53
C ASN A 765 43.33 34.38 -19.11
N LYS A 766 43.04 34.57 -20.40
CA LYS A 766 43.11 35.91 -20.97
C LYS A 766 42.11 36.84 -20.29
N PHE A 767 40.87 36.36 -20.10
CA PHE A 767 39.90 37.11 -19.33
C PHE A 767 40.32 37.19 -17.86
N ASP A 768 41.07 36.20 -17.38
CA ASP A 768 41.64 36.31 -16.04
C ASP A 768 42.65 37.45 -15.96
N ALA A 769 43.41 37.68 -17.04
CA ALA A 769 44.27 38.85 -17.10
C ALA A 769 43.44 40.14 -17.12
N PHE A 770 42.35 40.14 -17.89
CA PHE A 770 41.46 41.30 -17.90
C PHE A 770 40.90 41.56 -16.50
N ILE A 771 40.71 40.51 -15.70
CA ILE A 771 40.26 40.68 -14.33
C ILE A 771 41.24 41.56 -13.57
N LEU A 772 42.54 41.24 -13.67
CA LEU A 772 43.54 42.04 -12.98
C LEU A 772 43.60 43.45 -13.55
N VAL A 773 43.42 43.59 -14.87
CA VAL A 773 43.43 44.93 -15.47
C VAL A 773 42.35 45.80 -14.84
N VAL A 774 41.12 45.28 -14.78
CA VAL A 774 40.01 46.06 -14.22
C VAL A 774 40.21 46.28 -12.73
N ALA A 775 40.71 45.26 -12.02
CA ALA A 775 40.93 45.39 -10.58
C ALA A 775 41.94 46.50 -10.29
N LEU A 776 43.03 46.54 -11.05
CA LEU A 776 44.03 47.58 -10.85
C LEU A 776 43.45 48.95 -11.20
N VAL A 777 42.68 49.04 -12.28
CA VAL A 777 42.11 50.32 -12.68
C VAL A 777 41.19 50.85 -11.60
N ASP A 778 40.29 50.00 -11.08
CA ASP A 778 39.36 50.42 -10.04
C ASP A 778 40.03 50.64 -8.69
N ILE A 779 41.17 49.99 -8.43
CA ILE A 779 41.92 50.26 -7.22
C ILE A 779 42.49 51.67 -7.26
N ILE A 780 42.98 52.08 -8.43
CA ILE A 780 43.67 53.37 -8.55
C ILE A 780 42.68 54.52 -8.37
N ILE A 781 41.54 54.46 -9.04
CA ILE A 781 40.57 55.54 -8.99
C ILE A 781 39.72 55.43 -7.74
N LYS A 798 30.90 57.95 -13.11
CA LYS A 798 31.99 57.28 -12.40
C LYS A 798 31.53 55.94 -11.82
N VAL A 799 30.34 55.92 -11.21
CA VAL A 799 29.83 54.69 -10.62
C VAL A 799 29.45 53.69 -11.71
N VAL A 800 28.88 54.18 -12.82
CA VAL A 800 28.49 53.29 -13.91
C VAL A 800 29.72 52.63 -14.52
N LYS A 801 30.82 53.39 -14.64
CA LYS A 801 32.06 52.84 -15.18
C LYS A 801 32.54 51.63 -14.39
N LEU A 802 32.23 51.57 -13.10
CA LEU A 802 32.59 50.44 -12.26
C LEU A 802 31.54 49.33 -12.33
N PHE A 803 30.25 49.71 -12.27
CA PHE A 803 29.18 48.73 -12.30
C PHE A 803 29.26 47.88 -13.56
N ARG A 804 29.43 48.53 -14.72
CA ARG A 804 29.34 47.81 -15.98
C ARG A 804 30.42 46.75 -16.11
N LEU A 805 31.65 47.05 -15.69
CA LEU A 805 32.73 46.08 -15.79
C LEU A 805 32.58 44.97 -14.76
N LEU A 806 32.26 45.33 -13.51
CA LEU A 806 32.21 44.33 -12.46
C LEU A 806 31.04 43.38 -12.65
N ARG A 807 29.95 43.86 -13.27
CA ARG A 807 28.80 42.99 -13.50
C ARG A 807 29.13 41.85 -14.45
N GLY A 808 30.13 42.02 -15.30
CA GLY A 808 30.49 41.01 -16.28
C GLY A 808 31.63 40.11 -15.85
N LEU A 809 32.64 40.69 -15.21
CA LEU A 809 33.84 39.95 -14.85
C LEU A 809 33.50 38.60 -14.23
N ARG A 810 32.84 38.62 -13.08
CA ARG A 810 32.72 37.44 -12.25
C ARG A 810 31.60 36.50 -12.68
N MET A 811 30.57 37.01 -13.35
CA MET A 811 29.61 36.12 -13.99
C MET A 811 30.31 35.27 -15.03
N LEU A 812 31.13 35.90 -15.87
CA LEU A 812 31.86 35.14 -16.87
C LEU A 812 32.81 34.13 -16.21
N ARG A 813 33.49 34.55 -15.14
CA ARG A 813 34.43 33.63 -14.50
C ARG A 813 33.72 32.48 -13.79
N LEU A 814 32.42 32.65 -13.48
CA LEU A 814 31.64 31.53 -12.93
C LEU A 814 31.12 30.61 -14.02
N THR A 815 30.95 31.12 -15.24
CA THR A 815 30.49 30.26 -16.34
C THR A 815 31.39 29.04 -16.51
N LYS A 816 32.68 29.18 -16.21
CA LYS A 816 33.60 28.05 -16.34
C LYS A 816 33.19 26.89 -15.45
N ALA A 817 32.86 27.17 -14.19
CA ALA A 817 32.37 26.12 -13.30
C ALA A 817 30.96 25.67 -13.64
N LEU A 818 30.18 26.50 -14.33
CA LEU A 818 28.83 26.12 -14.70
C LEU A 818 28.78 25.12 -15.85
N ILE A 819 29.70 25.23 -16.82
CA ILE A 819 29.59 24.39 -18.03
C ILE A 819 29.51 22.90 -17.69
N PRO A 820 30.36 22.34 -16.83
CA PRO A 820 30.28 20.90 -16.57
C PRO A 820 28.90 20.43 -16.12
N LYS A 821 28.21 21.25 -15.34
CA LYS A 821 26.86 20.87 -14.91
C LYS A 821 25.91 20.81 -16.10
N LEU A 822 26.07 21.70 -17.07
CA LEU A 822 25.29 21.63 -18.29
C LEU A 822 25.60 20.34 -19.04
N ILE A 823 26.88 19.94 -19.09
CA ILE A 823 27.24 18.67 -19.70
C ILE A 823 26.49 17.53 -19.02
N LEU A 824 26.48 17.54 -17.68
CA LEU A 824 25.82 16.48 -16.94
C LEU A 824 24.32 16.45 -17.24
N VAL A 825 23.68 17.62 -17.29
CA VAL A 825 22.25 17.68 -17.58
C VAL A 825 21.97 17.12 -18.97
N VAL A 826 22.78 17.50 -19.96
CA VAL A 826 22.58 16.99 -21.32
C VAL A 826 22.73 15.48 -21.34
N ASN A 827 23.75 14.96 -20.65
CA ASN A 827 23.89 13.51 -20.53
C ASN A 827 22.64 12.90 -19.93
N GLY A 828 22.06 13.56 -18.93
CA GLY A 828 20.85 13.03 -18.32
C GLY A 828 19.70 12.94 -19.30
N LYS A 829 19.48 13.99 -20.09
CA LYS A 829 18.42 13.95 -21.09
C LYS A 829 18.64 12.83 -22.10
N ILE A 830 19.89 12.68 -22.57
CA ILE A 830 20.20 11.59 -23.49
C ILE A 830 20.01 10.24 -22.80
N ASN A 831 20.44 10.15 -21.54
CA ASN A 831 20.27 8.89 -20.80
C ASN A 831 18.81 8.51 -20.70
N ASN A 832 17.93 9.46 -20.43
CA ASN A 832 16.51 9.17 -20.33
C ASN A 832 15.97 8.66 -21.66
N GLN A 833 16.21 9.40 -22.74
CA GLN A 833 15.74 8.97 -24.05
C GLN A 833 16.37 7.65 -24.46
N LEU A 834 17.69 7.51 -24.24
CA LEU A 834 18.37 6.28 -24.63
C LEU A 834 17.87 5.09 -23.83
N SER A 835 17.64 5.29 -22.53
CA SER A 835 17.16 4.19 -21.70
C SER A 835 15.83 3.66 -22.19
N LEU A 836 14.91 4.57 -22.54
CA LEU A 836 13.62 4.14 -23.07
C LEU A 836 13.79 3.39 -24.38
N GLY A 837 14.75 3.80 -25.20
CA GLY A 837 15.00 3.08 -26.45
C GLY A 837 15.47 1.66 -26.20
N TYR A 838 16.37 1.48 -25.25
CA TYR A 838 16.83 0.14 -24.90
C TYR A 838 15.68 -0.72 -24.40
N ASP A 839 14.83 -0.15 -23.55
CA ASP A 839 13.69 -0.90 -23.02
C ASP A 839 12.76 -1.35 -24.14
N VAL A 840 12.37 -0.42 -25.02
CA VAL A 840 11.44 -0.75 -26.08
C VAL A 840 12.07 -1.75 -27.04
N GLY A 841 13.30 -1.50 -27.47
CA GLY A 841 13.99 -2.46 -28.31
C GLY A 841 14.14 -3.80 -27.61
N LYS A 842 14.42 -3.78 -26.31
CA LYS A 842 14.44 -5.02 -25.53
C LYS A 842 13.07 -5.68 -25.56
N GLY A 843 12.01 -4.92 -25.28
CA GLY A 843 10.69 -5.50 -25.25
C GLY A 843 10.31 -6.16 -26.56
N TYR A 844 10.59 -5.47 -27.67
CA TYR A 844 10.23 -6.03 -28.97
C TYR A 844 11.09 -7.24 -29.31
N ILE A 845 12.38 -7.19 -28.97
CA ILE A 845 13.26 -8.31 -29.29
C ILE A 845 12.86 -9.54 -28.48
N ILE A 846 12.70 -9.39 -27.17
CA ILE A 846 12.29 -10.51 -26.34
C ILE A 846 10.88 -10.96 -26.69
N GLY A 847 10.00 -10.01 -26.99
CA GLY A 847 8.66 -10.33 -27.41
C GLY A 847 8.66 -11.20 -28.64
N GLU A 848 9.46 -10.82 -29.66
CA GLU A 848 9.52 -11.61 -30.88
C GLU A 848 10.15 -12.97 -30.63
N GLU A 849 11.20 -13.02 -29.81
CA GLU A 849 11.84 -14.30 -29.51
C GLU A 849 10.86 -15.26 -28.85
N GLU A 850 10.08 -14.76 -27.89
CA GLU A 850 9.09 -15.60 -27.22
C GLU A 850 7.96 -15.98 -28.17
N VAL A 851 7.46 -15.01 -28.93
CA VAL A 851 6.32 -15.25 -29.81
C VAL A 851 6.65 -16.29 -30.87
N GLY A 852 7.86 -16.20 -31.44
CA GLY A 852 8.27 -17.18 -32.43
C GLY A 852 8.18 -18.61 -31.93
N LYS A 853 8.39 -18.81 -30.62
CA LYS A 853 8.17 -20.12 -30.03
C LYS A 853 6.69 -20.46 -29.95
N ILE A 854 5.86 -19.44 -29.71
CA ILE A 854 4.44 -19.66 -29.49
C ILE A 854 3.73 -19.94 -30.82
N ILE A 855 3.92 -19.06 -31.80
CA ILE A 855 3.15 -19.16 -33.04
C ILE A 855 3.54 -20.41 -33.82
N ASP A 856 4.71 -20.99 -33.55
CA ASP A 856 5.17 -22.13 -34.33
C ASP A 856 4.21 -23.30 -34.26
N ARG A 857 3.35 -23.36 -33.24
CA ARG A 857 2.38 -24.43 -33.09
C ARG A 857 0.95 -23.93 -32.99
N MET A 858 0.70 -22.63 -33.04
CA MET A 858 -0.66 -22.12 -32.88
C MET A 858 -1.34 -21.90 -34.22
N VAL A 859 -0.63 -21.39 -35.21
CA VAL A 859 -1.16 -21.16 -36.55
C VAL A 859 -1.05 -22.46 -37.34
N ASP A 860 -2.06 -22.73 -38.16
CA ASP A 860 -2.18 -24.04 -38.79
C ASP A 860 -1.42 -24.15 -40.10
N ASN A 861 -1.38 -23.08 -40.89
CA ASN A 861 -0.83 -23.11 -42.24
C ASN A 861 0.63 -22.69 -42.22
N LYS A 862 1.49 -23.49 -42.87
CA LYS A 862 2.91 -23.19 -42.90
C LYS A 862 3.20 -21.92 -43.70
N LYS A 863 2.48 -21.72 -44.81
CA LYS A 863 2.70 -20.53 -45.62
C LYS A 863 2.43 -19.27 -44.81
N ILE A 864 1.35 -19.26 -44.03
CA ILE A 864 1.11 -18.15 -43.11
C ILE A 864 2.23 -18.07 -42.09
N LEU A 865 2.66 -19.22 -41.58
CA LEU A 865 3.69 -19.24 -40.55
C LEU A 865 4.98 -18.61 -41.05
N ARG A 866 5.42 -18.98 -42.26
CA ARG A 866 6.69 -18.48 -42.77
C ARG A 866 6.65 -16.97 -42.97
N GLU A 867 5.54 -16.45 -43.49
CA GLU A 867 5.43 -15.01 -43.69
C GLU A 867 5.54 -14.27 -42.36
N LEU A 868 4.89 -14.77 -41.32
CA LEU A 868 4.92 -14.10 -40.02
C LEU A 868 6.31 -14.17 -39.41
N LYS A 869 6.95 -15.34 -39.48
CA LYS A 869 8.29 -15.48 -38.89
C LYS A 869 9.30 -14.62 -39.63
N HIS A 870 9.17 -14.50 -40.96
CA HIS A 870 10.06 -13.63 -41.71
C HIS A 870 9.97 -12.19 -41.21
N ILE A 871 8.76 -11.71 -40.97
CA ILE A 871 8.59 -10.37 -40.42
C ILE A 871 9.31 -10.24 -39.09
N SER A 872 9.17 -11.26 -38.23
CA SER A 872 9.75 -11.20 -36.90
C SER A 872 11.26 -11.00 -36.96
N GLU A 873 11.94 -11.83 -37.76
CA GLU A 873 13.41 -11.73 -37.85
C GLU A 873 13.83 -10.44 -38.54
N THR A 874 13.13 -10.04 -39.61
CA THR A 874 13.48 -8.82 -40.30
C THR A 874 13.32 -7.60 -39.41
N GLY A 875 12.47 -7.66 -38.40
CA GLY A 875 12.37 -6.57 -37.44
C GLY A 875 13.39 -6.71 -36.33
N ARG A 876 13.60 -7.94 -35.87
CA ARG A 876 14.52 -8.18 -34.76
C ARG A 876 15.93 -7.75 -35.11
N LEU A 877 16.42 -8.14 -36.29
CA LEU A 877 17.78 -7.80 -36.68
C LEU A 877 17.94 -6.30 -36.87
N GLN A 878 16.95 -5.64 -37.45
CA GLN A 878 17.01 -4.19 -37.60
C GLN A 878 17.12 -3.51 -36.25
N VAL A 879 16.29 -3.93 -35.29
CA VAL A 879 16.35 -3.34 -33.96
C VAL A 879 17.71 -3.61 -33.32
N VAL A 880 18.19 -4.85 -33.41
CA VAL A 880 19.49 -5.19 -32.81
C VAL A 880 20.57 -4.30 -33.38
N LYS A 881 20.59 -4.13 -34.70
CA LYS A 881 21.60 -3.26 -35.32
C LYS A 881 21.48 -1.84 -34.80
N GLU A 882 20.24 -1.31 -34.75
CA GLU A 882 20.05 0.05 -34.29
C GLU A 882 20.52 0.23 -32.86
N LEU A 883 20.15 -0.71 -31.98
CA LEU A 883 20.54 -0.59 -30.58
C LEU A 883 22.04 -0.76 -30.39
N GLY A 884 22.67 -1.63 -31.18
CA GLY A 884 24.12 -1.77 -31.10
C GLY A 884 24.84 -0.51 -31.53
N LEU A 885 24.30 0.18 -32.54
CA LEU A 885 24.94 1.38 -33.04
C LEU A 885 24.76 2.56 -32.09
N LEU A 886 23.63 2.62 -31.39
CA LEU A 886 23.44 3.68 -30.39
C LEU A 886 24.57 3.67 -29.37
N GLN A 887 25.07 2.49 -29.04
CA GLN A 887 26.14 2.38 -28.06
C GLN A 887 27.39 3.12 -28.51
N ARG A 888 27.78 2.93 -29.77
CA ARG A 888 29.03 3.52 -30.26
C ARG A 888 28.97 5.04 -30.26
N GLU A 889 27.78 5.62 -30.51
CA GLU A 889 27.67 7.07 -30.53
C GLU A 889 27.75 7.66 -29.13
N HIS A 890 27.29 6.91 -28.12
CA HIS A 890 27.27 7.39 -26.73
C HIS A 890 27.72 6.27 -25.81
N PRO A 891 29.03 5.96 -25.81
CA PRO A 891 29.49 4.80 -25.02
C PRO A 891 29.20 4.93 -23.53
N GLY A 892 29.61 6.03 -22.90
CA GLY A 892 29.46 6.14 -21.46
C GLY A 892 28.02 6.09 -21.00
N ILE A 893 27.13 6.81 -21.66
CA ILE A 893 25.73 6.81 -21.28
C ILE A 893 25.14 5.41 -21.40
N ALA A 894 25.53 4.68 -22.45
CA ALA A 894 25.08 3.30 -22.59
C ALA A 894 25.55 2.45 -21.42
N VAL A 895 26.80 2.66 -20.97
CA VAL A 895 27.31 1.92 -19.82
C VAL A 895 26.48 2.24 -18.58
N SER A 896 26.14 3.51 -18.38
CA SER A 896 25.31 3.88 -17.24
C SER A 896 23.97 3.17 -17.30
N VAL A 897 23.34 3.16 -18.48
CA VAL A 897 22.06 2.49 -18.64
C VAL A 897 22.19 1.02 -18.29
N LYS A 898 23.21 0.36 -18.84
CA LYS A 898 23.37 -1.07 -18.63
C LYS A 898 23.64 -1.39 -17.18
N THR A 899 24.47 -0.59 -16.51
CA THR A 899 24.73 -0.80 -15.09
C THR A 899 23.47 -0.65 -14.26
N ARG A 900 22.67 0.39 -14.55
CA ARG A 900 21.46 0.62 -13.78
C ARG A 900 20.50 -0.56 -13.90
N GLN A 901 20.34 -1.11 -15.11
CA GLN A 901 19.48 -2.28 -15.28
C GLN A 901 20.02 -3.46 -14.49
N ALA A 902 21.33 -3.67 -14.52
CA ALA A 902 21.91 -4.81 -13.82
C ALA A 902 21.63 -4.74 -12.33
N ILE A 903 21.90 -3.60 -11.71
CA ILE A 903 21.66 -3.45 -10.27
C ILE A 903 20.18 -3.63 -9.96
N ARG A 904 19.31 -2.98 -10.74
CA ARG A 904 17.88 -3.07 -10.49
C ARG A 904 17.41 -4.52 -10.55
N THR A 905 17.98 -5.31 -11.46
CA THR A 905 17.58 -6.70 -11.59
C THR A 905 18.09 -7.52 -10.40
N ILE A 906 19.31 -7.25 -9.95
CA ILE A 906 19.86 -7.97 -8.79
C ILE A 906 19.02 -7.68 -7.55
N LEU A 907 18.71 -6.41 -7.32
CA LEU A 907 17.95 -6.04 -6.12
C LEU A 907 16.56 -6.65 -6.15
N ASN A 908 15.90 -6.65 -7.30
CA ASN A 908 14.55 -7.20 -7.40
C ASN A 908 14.54 -8.66 -6.98
N HIS A 909 15.43 -9.47 -7.56
CA HIS A 909 15.52 -10.86 -7.17
C HIS A 909 16.00 -11.01 -5.73
N SER A 910 16.89 -10.12 -5.28
CA SER A 910 17.30 -10.11 -3.89
C SER A 910 16.12 -9.83 -2.97
N ARG A 911 15.28 -8.87 -3.35
CA ARG A 911 14.07 -8.60 -2.58
C ARG A 911 13.16 -9.82 -2.56
N GLU A 912 13.07 -10.54 -3.68
CA GLU A 912 12.17 -11.68 -3.76
C GLU A 912 12.56 -12.74 -2.73
N THR A 913 13.86 -12.99 -2.55
CA THR A 913 14.30 -13.95 -1.55
C THR A 913 13.83 -13.57 -0.16
N ILE A 914 13.83 -12.27 0.15
CA ILE A 914 13.36 -11.83 1.46
C ILE A 914 11.95 -12.31 1.71
N HIS A 915 11.07 -12.17 0.72
CA HIS A 915 9.69 -12.62 0.88
C HIS A 915 9.60 -14.14 0.89
N GLU A 916 10.58 -14.82 0.29
CA GLU A 916 10.55 -16.28 0.26
C GLU A 916 10.69 -16.86 1.67
N LEU A 917 11.69 -16.39 2.42
CA LEU A 917 11.90 -16.92 3.76
C LEU A 917 10.87 -16.37 4.73
N GLN A 918 10.49 -15.10 4.56
CA GLN A 918 9.38 -14.56 5.35
C GLN A 918 8.12 -15.37 5.13
N GLY A 919 7.84 -15.76 3.87
CA GLY A 919 6.74 -16.65 3.61
C GLY A 919 7.03 -18.07 4.06
N ALA A 920 8.31 -18.44 4.16
CA ALA A 920 8.69 -19.75 4.68
C ALA A 920 8.97 -19.72 6.18
N GLY A 921 8.95 -18.55 6.81
CA GLY A 921 9.04 -18.46 8.25
C GLY A 921 10.44 -18.62 8.83
N LEU A 922 11.45 -18.87 8.01
CA LEU A 922 12.81 -18.93 8.53
C LEU A 922 13.33 -17.55 8.93
N LEU A 923 12.65 -16.48 8.53
CA LEU A 923 12.97 -15.13 8.97
C LEU A 923 11.69 -14.44 9.40
N ASP A 924 11.79 -13.67 10.49
CA ASP A 924 10.61 -13.06 11.10
C ASP A 924 10.20 -11.80 10.34
N GLU A 925 9.04 -11.27 10.72
CA GLU A 925 8.48 -10.10 10.05
C GLU A 925 9.37 -8.88 10.23
N MET A 926 9.84 -8.62 11.45
CA MET A 926 10.60 -7.40 11.71
C MET A 926 11.95 -7.42 11.01
N GLU A 927 12.72 -8.50 11.18
CA GLU A 927 14.06 -8.55 10.61
C GLU A 927 14.03 -8.59 9.10
N ALA A 928 13.07 -9.33 8.51
CA ALA A 928 12.92 -9.30 7.07
C ALA A 928 12.64 -7.89 6.57
N HIS A 929 11.80 -7.15 7.30
CA HIS A 929 11.56 -5.75 6.94
C HIS A 929 12.83 -4.93 7.04
N LYS A 930 13.66 -5.20 8.04
CA LYS A 930 14.90 -4.43 8.21
C LYS A 930 15.80 -4.59 6.98
N LEU A 931 15.94 -5.82 6.49
CA LEU A 931 16.74 -6.04 5.30
C LEU A 931 16.12 -5.38 4.08
N GLU A 932 14.80 -5.49 3.93
CA GLU A 932 14.14 -4.94 2.76
C GLU A 932 14.37 -3.45 2.61
N LEU A 933 14.50 -2.74 3.73
CA LEU A 933 14.77 -1.31 3.67
C LEU A 933 16.15 -1.04 3.07
N THR A 934 17.17 -1.78 3.51
CA THR A 934 18.49 -1.63 2.93
C THR A 934 18.47 -1.85 1.43
N VAL A 935 17.62 -2.75 0.96
CA VAL A 935 17.42 -2.93 -0.48
C VAL A 935 16.77 -1.69 -1.07
N GLU A 936 15.73 -1.18 -0.42
CA GLU A 936 14.97 -0.07 -0.99
C GLU A 936 15.84 1.18 -1.12
N ILE A 937 16.63 1.50 -0.09
CA ILE A 937 17.47 2.69 -0.15
C ILE A 937 18.45 2.59 -1.31
N LYS A 938 18.98 1.39 -1.55
CA LYS A 938 19.89 1.21 -2.69
C LYS A 938 19.19 1.49 -4.00
N MET A 939 17.94 1.05 -4.13
CA MET A 939 17.18 1.31 -5.35
C MET A 939 17.04 2.81 -5.59
N LYS A 940 16.82 3.58 -4.53
CA LYS A 940 16.78 5.03 -4.68
C LYS A 940 18.15 5.59 -5.01
N ARG A 941 19.20 5.07 -4.37
CA ARG A 941 20.55 5.49 -4.72
C ARG A 941 20.86 5.17 -6.17
N LEU A 942 20.17 4.18 -6.74
CA LEU A 942 20.37 3.84 -8.14
C LEU A 942 20.00 5.00 -9.05
N MET A 943 18.95 5.75 -8.70
CA MET A 943 18.53 6.87 -9.53
C MET A 943 19.62 7.94 -9.60
N ASN A 944 20.32 8.19 -8.51
CA ASN A 944 21.34 9.22 -8.44
C ASN A 944 22.67 8.77 -9.02
N ALA A 945 22.73 7.58 -9.62
CA ALA A 945 23.96 7.15 -10.28
C ALA A 945 24.28 8.14 -11.40
N PRO A 946 25.57 8.40 -11.65
CA PRO A 946 25.92 9.40 -12.67
C PRO A 946 25.35 9.03 -14.03
N SER A 947 24.87 10.04 -14.75
CA SER A 947 24.26 9.80 -16.06
C SER A 947 25.25 9.24 -17.06
N SER A 948 26.55 9.43 -16.85
CA SER A 948 27.57 8.90 -17.72
C SER A 948 28.66 8.25 -16.88
N ILE A 949 29.03 7.04 -17.24
CA ILE A 949 30.13 6.30 -16.62
C ILE A 949 31.22 6.13 -17.67
N PRO A 950 32.45 6.59 -17.43
CA PRO A 950 33.51 6.41 -18.42
C PRO A 950 33.71 4.94 -18.73
N PRO A 951 33.70 4.55 -20.01
CA PRO A 951 33.82 3.13 -20.34
C PRO A 951 35.12 2.56 -19.81
N PRO A 952 35.10 1.39 -19.19
CA PRO A 952 36.33 0.82 -18.65
C PRO A 952 37.29 0.45 -19.76
N PRO A 953 38.59 0.49 -19.50
CA PRO A 953 39.56 0.14 -20.53
C PRO A 953 39.59 -1.37 -20.75
N PRO A 954 40.12 -1.83 -21.87
CA PRO A 954 40.09 -3.27 -22.15
C PRO A 954 40.71 -4.13 -21.05
N GLU A 955 41.75 -3.63 -20.39
CA GLU A 955 42.37 -4.39 -19.32
C GLU A 955 41.39 -4.71 -18.20
N ASN A 956 40.32 -3.92 -18.05
CA ASN A 956 39.29 -4.21 -17.07
C ASN A 956 38.20 -5.12 -17.61
N LEU A 957 38.02 -5.18 -18.93
CA LEU A 957 36.98 -6.02 -19.50
C LEU A 957 37.28 -7.50 -19.30
N LEU A 958 38.53 -7.89 -19.48
CA LEU A 958 38.91 -9.29 -19.32
C LEU A 958 38.64 -9.77 -17.90
N LYS A 959 38.94 -8.93 -16.91
CA LYS A 959 38.76 -9.31 -15.52
C LYS A 959 37.32 -9.69 -15.21
N ASN A 960 36.36 -9.07 -15.88
CA ASN A 960 34.94 -9.27 -15.59
C ASN A 960 34.28 -10.33 -16.45
N VAL A 961 35.02 -11.02 -17.32
CA VAL A 961 34.43 -12.08 -18.10
C VAL A 961 33.95 -13.18 -17.16
N SER A 962 32.86 -13.85 -17.56
CA SER A 962 32.22 -14.82 -16.68
C SER A 962 33.17 -15.95 -16.31
N TRP A 963 33.91 -16.48 -17.28
CA TRP A 963 34.77 -17.63 -17.05
C TRP A 963 36.18 -17.23 -16.59
N LEU A 964 36.45 -15.94 -16.49
CA LEU A 964 37.73 -15.45 -15.96
C LEU A 964 37.60 -14.88 -14.55
N ALA A 965 36.42 -14.36 -14.19
CA ALA A 965 36.26 -13.64 -12.93
C ALA A 965 36.52 -14.55 -11.75
N GLY A 966 37.11 -13.98 -10.70
CA GLY A 966 37.32 -14.68 -9.45
C GLY A 966 38.58 -15.51 -9.37
N ASP A 967 39.44 -15.48 -10.39
CA ASP A 967 40.70 -16.22 -10.38
C ASP A 967 41.79 -15.28 -10.92
N MET A 968 42.47 -14.60 -10.00
CA MET A 968 43.44 -13.59 -10.41
C MET A 968 44.60 -14.19 -11.19
N LYS A 969 45.14 -15.32 -10.73
CA LYS A 969 46.25 -15.94 -11.45
C LYS A 969 45.83 -16.33 -12.87
N LEU A 970 44.65 -16.92 -13.03
CA LEU A 970 44.16 -17.22 -14.37
C LEU A 970 43.94 -15.95 -15.17
N ILE A 971 43.44 -14.89 -14.53
CA ILE A 971 43.27 -13.61 -15.21
C ILE A 971 44.62 -13.10 -15.70
N ASP A 972 45.64 -13.14 -14.84
CA ASP A 972 46.95 -12.64 -15.22
C ASP A 972 47.54 -13.47 -16.36
N PHE A 973 47.38 -14.79 -16.30
CA PHE A 973 47.99 -15.66 -17.31
C PHE A 973 47.50 -15.30 -18.70
N ILE A 974 46.18 -15.28 -18.90
CA ILE A 974 45.63 -15.02 -20.23
C ILE A 974 45.80 -13.55 -20.59
N LYS A 975 45.70 -12.66 -19.59
CA LYS A 975 45.95 -11.25 -19.85
C LYS A 975 47.36 -11.03 -20.36
N ALA A 976 48.34 -11.70 -19.77
CA ALA A 976 49.71 -11.62 -20.27
C ALA A 976 49.82 -12.23 -21.66
N ARG A 977 49.16 -13.37 -21.88
CA ARG A 977 49.21 -14.02 -23.18
C ARG A 977 48.41 -13.26 -24.23
N ALA A 978 47.53 -12.36 -23.81
CA ALA A 978 46.59 -11.75 -24.73
C ALA A 978 47.29 -10.73 -25.64
N SER A 979 46.62 -10.42 -26.74
CA SER A 979 47.00 -9.35 -27.64
C SER A 979 45.74 -8.67 -28.14
N LEU A 980 45.86 -7.38 -28.46
CA LEU A 980 44.73 -6.57 -28.90
C LEU A 980 44.88 -6.27 -30.38
N LEU A 981 43.83 -6.56 -31.15
CA LEU A 981 43.82 -6.29 -32.58
C LEU A 981 42.95 -5.09 -32.90
N HIS A 982 43.01 -4.66 -34.15
CA HIS A 982 42.19 -3.57 -34.66
C HIS A 982 41.82 -3.86 -36.10
N PHE A 983 40.58 -3.55 -36.46
CA PHE A 983 40.04 -3.85 -37.78
C PHE A 983 39.33 -2.63 -38.35
N ASP A 984 39.37 -2.50 -39.67
CA ASP A 984 38.78 -1.36 -40.35
C ASP A 984 37.34 -1.67 -40.74
N TYR A 985 36.62 -0.61 -41.13
CA TYR A 985 35.20 -0.75 -41.46
C TYR A 985 35.01 -1.78 -42.57
N GLY A 986 33.98 -2.62 -42.40
CA GLY A 986 33.62 -3.59 -43.41
C GLY A 986 34.57 -4.76 -43.56
N GLU A 987 35.55 -4.90 -42.68
CA GLU A 987 36.53 -5.97 -42.81
C GLU A 987 35.95 -7.29 -42.30
N VAL A 988 36.34 -8.38 -42.95
CA VAL A 988 35.96 -9.71 -42.50
C VAL A 988 36.97 -10.18 -41.46
N ILE A 989 36.46 -10.67 -40.33
CA ILE A 989 37.33 -11.18 -39.28
C ILE A 989 37.59 -12.67 -39.48
N VAL A 990 36.52 -13.44 -39.67
CA VAL A 990 36.61 -14.87 -39.96
C VAL A 990 35.46 -15.23 -40.88
N ARG A 991 35.46 -16.47 -41.38
CA ARG A 991 34.55 -16.85 -42.44
C ARG A 991 34.21 -18.33 -42.32
N GLU A 992 33.16 -18.73 -43.03
CA GLU A 992 32.69 -20.11 -43.00
C GLU A 992 33.82 -21.07 -43.36
N GLY A 993 33.93 -22.15 -42.59
CA GLY A 993 34.92 -23.18 -42.84
C GLY A 993 36.31 -22.88 -42.34
N ASP A 994 36.53 -21.72 -41.74
CA ASP A 994 37.85 -21.38 -41.26
C ASP A 994 38.23 -22.22 -40.05
N GLU A 995 39.50 -22.59 -39.97
CA GLU A 995 39.99 -23.29 -38.79
C GLU A 995 39.95 -22.37 -37.57
N SER A 996 39.70 -22.97 -36.41
CA SER A 996 39.62 -22.22 -35.16
C SER A 996 41.01 -22.11 -34.55
N ASP A 997 41.74 -21.09 -35.01
CA ASP A 997 43.10 -20.85 -34.56
C ASP A 997 43.18 -20.07 -33.26
N GLY A 998 42.09 -19.42 -32.85
CA GLY A 998 42.12 -18.60 -31.66
C GLY A 998 40.73 -18.14 -31.30
N LEU A 999 40.67 -17.31 -30.26
CA LEU A 999 39.41 -16.83 -29.71
C LEU A 999 39.40 -15.30 -29.71
N PHE A 1000 38.21 -14.73 -29.87
CA PHE A 1000 38.02 -13.28 -29.93
C PHE A 1000 37.11 -12.82 -28.81
N LEU A 1001 37.35 -11.59 -28.35
CA LEU A 1001 36.44 -10.87 -27.46
C LEU A 1001 36.25 -9.48 -28.01
N ILE A 1002 34.99 -9.05 -28.14
CA ILE A 1002 34.70 -7.73 -28.70
C ILE A 1002 34.87 -6.69 -27.61
N VAL A 1003 35.87 -5.82 -27.78
CA VAL A 1003 36.06 -4.69 -26.87
C VAL A 1003 35.52 -3.40 -27.45
N SER A 1004 35.20 -3.37 -28.75
CA SER A 1004 34.67 -2.17 -29.39
C SER A 1004 34.11 -2.55 -30.75
N GLY A 1005 32.94 -1.98 -31.07
CA GLY A 1005 32.37 -2.11 -32.39
C GLY A 1005 31.32 -3.21 -32.47
N LEU A 1006 30.76 -3.33 -33.67
CA LEU A 1006 29.73 -4.31 -33.99
C LEU A 1006 30.25 -5.29 -35.01
N VAL A 1007 29.66 -6.49 -35.04
CA VAL A 1007 29.98 -7.51 -36.02
C VAL A 1007 28.68 -8.18 -36.47
N LYS A 1008 28.53 -8.33 -37.79
CA LYS A 1008 27.40 -9.04 -38.36
C LYS A 1008 27.82 -10.47 -38.67
N LEU A 1009 26.87 -11.39 -38.53
CA LEU A 1009 27.12 -12.81 -38.74
C LEU A 1009 26.10 -13.38 -39.72
N TYR A 1010 26.49 -14.45 -40.40
CA TYR A 1010 25.60 -15.15 -41.32
C TYR A 1010 26.16 -16.53 -41.64
N PHE A 1033 20.13 -17.71 -40.30
CA PHE A 1033 20.62 -17.65 -38.92
C PHE A 1033 21.47 -16.40 -38.70
N GLU A 1034 21.06 -15.30 -39.32
CA GLU A 1034 21.79 -14.05 -39.18
C GLU A 1034 21.66 -13.52 -37.76
N ASP A 1035 22.69 -12.79 -37.31
CA ASP A 1035 22.68 -12.17 -35.99
C ASP A 1035 23.80 -11.15 -35.94
N TYR A 1036 23.80 -10.35 -34.87
CA TYR A 1036 24.80 -9.32 -34.64
C TYR A 1036 25.28 -9.39 -33.20
N LEU A 1037 26.51 -8.92 -32.96
CA LEU A 1037 27.09 -8.89 -31.64
C LEU A 1037 27.89 -7.60 -31.48
N THR A 1038 28.20 -7.26 -30.23
CA THR A 1038 28.85 -6.00 -29.92
C THR A 1038 29.74 -6.20 -28.69
N VAL A 1039 30.10 -5.10 -28.03
CA VAL A 1039 31.10 -5.12 -26.97
C VAL A 1039 30.76 -6.19 -25.93
N GLY A 1040 31.80 -6.78 -25.35
CA GLY A 1040 31.65 -7.77 -24.31
C GLY A 1040 31.35 -9.18 -24.79
N ASN A 1041 30.79 -9.32 -25.99
CA ASN A 1041 30.45 -10.64 -26.50
C ASN A 1041 31.71 -11.37 -26.94
N VAL A 1042 31.86 -12.61 -26.47
CA VAL A 1042 32.98 -13.46 -26.87
C VAL A 1042 32.58 -14.26 -28.10
N ILE A 1043 33.55 -14.53 -28.96
CA ILE A 1043 33.33 -15.25 -30.21
C ILE A 1043 34.40 -16.32 -30.33
N GLY A 1044 33.97 -17.54 -30.68
CA GLY A 1044 34.86 -18.69 -30.71
C GLY A 1044 34.79 -19.59 -29.50
N GLU A 1045 33.80 -19.39 -28.62
CA GLU A 1045 33.73 -20.16 -27.39
C GLU A 1045 33.42 -21.63 -27.64
N MET A 1046 32.99 -21.98 -28.86
CA MET A 1046 32.74 -23.38 -29.21
C MET A 1046 33.86 -23.95 -30.07
N GLY A 1047 34.30 -23.20 -31.08
CA GLY A 1047 35.33 -23.71 -31.96
C GLY A 1047 36.60 -24.10 -31.22
N VAL A 1048 37.00 -23.28 -30.24
CA VAL A 1048 38.13 -23.64 -29.41
C VAL A 1048 37.86 -24.92 -28.64
N LEU A 1049 36.60 -25.18 -28.29
CA LEU A 1049 36.23 -26.37 -27.53
C LEU A 1049 36.03 -27.58 -28.44
N THR A 1050 35.12 -27.48 -29.42
CA THR A 1050 34.92 -28.57 -30.36
C THR A 1050 36.15 -28.81 -31.22
N LYS A 1051 37.03 -27.82 -31.35
CA LYS A 1051 38.29 -27.97 -32.08
C LYS A 1051 38.04 -28.35 -33.55
N LYS A 1052 37.03 -27.74 -34.16
CA LYS A 1052 36.73 -27.98 -35.56
C LYS A 1052 36.35 -26.67 -36.24
N PRO A 1053 36.23 -26.65 -37.56
CA PRO A 1053 36.13 -25.37 -38.28
C PRO A 1053 35.08 -24.44 -37.70
N ARG A 1054 35.24 -23.15 -37.99
CA ARG A 1054 34.35 -22.14 -37.45
C ARG A 1054 32.96 -22.25 -38.07
N ASN A 1055 31.95 -21.83 -37.31
CA ASN A 1055 30.56 -22.13 -37.65
C ASN A 1055 29.85 -21.00 -38.39
N ALA A 1056 30.37 -19.79 -38.38
CA ALA A 1056 29.63 -18.67 -38.96
C ALA A 1056 30.59 -17.59 -39.44
N THR A 1057 30.08 -16.74 -40.33
CA THR A 1057 30.82 -15.59 -40.81
C THR A 1057 30.85 -14.49 -39.76
N VAL A 1058 31.91 -13.67 -39.80
CA VAL A 1058 32.05 -12.54 -38.90
C VAL A 1058 32.49 -11.33 -39.71
N THR A 1059 31.58 -10.37 -39.90
CA THR A 1059 31.87 -9.14 -40.63
C THR A 1059 31.56 -7.96 -39.73
N CYS A 1060 32.46 -6.99 -39.71
CA CYS A 1060 32.29 -5.81 -38.86
C CYS A 1060 31.47 -4.75 -39.59
N GLU A 1061 30.42 -4.27 -38.95
CA GLU A 1061 29.61 -3.17 -39.46
C GLU A 1061 30.20 -1.82 -39.10
N THR A 1062 31.29 -1.79 -38.34
CA THR A 1062 32.00 -0.56 -38.01
C THR A 1062 33.41 -0.95 -37.60
N THR A 1063 34.23 0.05 -37.30
CA THR A 1063 35.59 -0.22 -36.86
C THR A 1063 35.56 -1.00 -35.56
N VAL A 1064 36.42 -2.02 -35.46
CA VAL A 1064 36.34 -3.02 -34.41
C VAL A 1064 37.69 -3.16 -33.72
N GLN A 1065 37.65 -3.40 -32.41
CA GLN A 1065 38.81 -3.81 -31.63
C GLN A 1065 38.45 -5.07 -30.88
N VAL A 1066 39.38 -6.02 -30.80
CA VAL A 1066 39.13 -7.31 -30.18
C VAL A 1066 40.38 -7.78 -29.44
N TYR A 1067 40.16 -8.43 -28.30
CA TYR A 1067 41.23 -9.16 -27.63
C TYR A 1067 41.31 -10.56 -28.22
N PHE A 1068 42.49 -10.93 -28.72
CA PHE A 1068 42.68 -12.20 -29.41
C PHE A 1068 43.58 -13.09 -28.57
N ILE A 1069 43.11 -14.30 -28.26
CA ILE A 1069 43.89 -15.33 -27.61
C ILE A 1069 44.10 -16.46 -28.60
N THR A 1070 45.36 -16.75 -28.93
CA THR A 1070 45.65 -17.85 -29.83
C THR A 1070 45.28 -19.17 -29.19
N ALA A 1071 44.71 -20.07 -29.98
CA ALA A 1071 44.20 -21.33 -29.45
C ALA A 1071 45.30 -22.10 -28.71
N GLU A 1072 46.54 -22.03 -29.18
CA GLU A 1072 47.61 -22.81 -28.59
C GLU A 1072 47.86 -22.39 -27.15
N ASP A 1073 47.96 -21.09 -26.91
CA ASP A 1073 48.17 -20.59 -25.56
C ASP A 1073 46.97 -20.90 -24.67
N MET A 1074 45.75 -20.73 -25.19
CA MET A 1074 44.56 -21.02 -24.40
C MET A 1074 44.49 -22.51 -24.04
N ASN A 1075 44.83 -23.39 -24.98
CA ASN A 1075 44.83 -24.82 -24.68
C ASN A 1075 45.75 -25.12 -23.50
N ILE A 1076 46.92 -24.47 -23.45
CA ILE A 1076 47.81 -24.62 -22.30
C ILE A 1076 47.12 -24.14 -21.03
N ALA A 1077 46.48 -22.97 -21.11
CA ALA A 1077 45.71 -22.48 -19.97
C ALA A 1077 44.60 -23.46 -19.60
N ILE A 1078 43.98 -24.07 -20.61
CA ILE A 1078 42.89 -25.01 -20.35
C ILE A 1078 43.41 -26.21 -19.56
N ASP A 1079 44.51 -26.79 -20.01
CA ASP A 1079 45.04 -28.00 -19.40
C ASP A 1079 45.97 -27.72 -18.22
N THR A 1080 46.08 -26.47 -17.80
CA THR A 1080 46.85 -26.11 -16.61
C THR A 1080 45.99 -25.58 -15.47
N PHE A 1081 44.87 -24.93 -15.76
CA PHE A 1081 44.01 -24.32 -14.74
C PHE A 1081 42.80 -25.23 -14.52
N THR A 1082 42.94 -26.16 -13.56
CA THR A 1082 41.86 -27.11 -13.28
C THR A 1082 41.66 -27.38 -11.80
N LEU A 1083 42.39 -26.70 -10.90
CA LEU A 1083 42.22 -26.96 -9.48
C LEU A 1083 40.84 -26.55 -9.01
N TYR A 1084 40.52 -25.27 -9.12
CA TYR A 1084 39.17 -24.78 -8.92
C TYR A 1084 38.32 -25.28 -10.08
N PRO A 1085 36.99 -25.07 -10.04
CA PRO A 1085 36.15 -25.57 -11.13
C PRO A 1085 36.78 -25.36 -12.50
N SER A 1086 36.81 -26.42 -13.29
CA SER A 1086 37.65 -26.46 -14.47
C SER A 1086 37.35 -25.30 -15.41
N LEU A 1087 38.41 -24.73 -15.97
CA LEU A 1087 38.25 -23.72 -17.01
C LEU A 1087 37.39 -24.25 -18.15
N GLU A 1088 37.69 -25.45 -18.64
CA GLU A 1088 36.87 -26.05 -19.68
C GLU A 1088 35.43 -26.19 -19.23
N TYR A 1089 35.21 -26.55 -17.97
CA TYR A 1089 33.85 -26.65 -17.45
C TYR A 1089 33.14 -25.31 -17.55
N ARG A 1090 33.83 -24.22 -17.22
CA ARG A 1090 33.21 -22.90 -17.27
C ARG A 1090 32.88 -22.49 -18.70
N LEU A 1091 33.83 -22.65 -19.63
CA LEU A 1091 33.56 -22.31 -21.02
C LEU A 1091 32.40 -23.13 -21.57
N TRP A 1092 32.36 -24.42 -21.23
CA TRP A 1092 31.24 -25.26 -21.63
C TRP A 1092 29.93 -24.74 -21.04
N ARG A 1093 29.97 -24.31 -19.77
CA ARG A 1093 28.77 -23.80 -19.12
C ARG A 1093 28.23 -22.57 -19.85
N VAL A 1094 29.11 -21.65 -20.23
CA VAL A 1094 28.65 -20.46 -20.94
C VAL A 1094 27.94 -20.86 -22.24
N VAL A 1095 28.52 -21.82 -22.96
CA VAL A 1095 27.89 -22.33 -24.18
C VAL A 1095 26.56 -23.00 -23.85
N ALA A 1096 26.56 -23.83 -22.79
CA ALA A 1096 25.37 -24.62 -22.47
C ALA A 1096 24.15 -23.74 -22.26
N ILE A 1097 24.29 -22.70 -21.42
CA ILE A 1097 23.17 -21.81 -21.16
C ILE A 1097 22.74 -21.10 -22.43
N ARG A 1098 23.70 -20.71 -23.27
CA ARG A 1098 23.39 -19.91 -24.45
C ARG A 1098 22.42 -20.65 -25.37
N ILE A 1099 22.71 -21.93 -25.67
CA ILE A 1099 21.89 -22.67 -26.61
C ILE A 1099 20.84 -23.54 -25.93
N ALA A 1100 20.92 -23.73 -24.61
CA ALA A 1100 19.88 -24.47 -23.89
C ALA A 1100 18.62 -23.63 -23.68
N THR A 1101 18.77 -22.31 -23.55
CA THR A 1101 17.62 -21.46 -23.27
C THR A 1101 16.54 -21.57 -24.34
N PRO A 1102 16.85 -21.49 -25.64
CA PRO A 1102 15.79 -21.59 -26.64
C PRO A 1102 15.01 -22.89 -26.57
N LEU A 1103 15.66 -24.00 -26.24
CA LEU A 1103 14.96 -25.27 -26.17
C LEU A 1103 13.88 -25.26 -25.10
N ILE A 1104 14.25 -24.86 -23.87
CA ILE A 1104 13.28 -24.80 -22.78
C ILE A 1104 12.22 -23.76 -23.07
N MET A 1105 12.60 -22.63 -23.66
CA MET A 1105 11.60 -21.63 -24.05
C MET A 1105 10.58 -22.23 -25.01
N GLU A 1106 11.06 -22.95 -26.03
CA GLU A 1106 10.14 -23.64 -26.92
C GLU A 1106 9.23 -24.58 -26.14
N GLN A 1107 9.80 -25.27 -25.14
CA GLN A 1107 9.07 -26.29 -24.41
C GLN A 1107 7.98 -25.71 -23.51
N MET A 1108 8.13 -24.43 -23.06
CA MET A 1108 7.10 -23.87 -22.20
C MET A 1108 6.79 -22.40 -22.47
N ALA A 1109 7.24 -21.83 -23.60
CA ALA A 1109 6.91 -20.44 -23.88
C ALA A 1109 5.40 -20.20 -23.88
N PHE A 1110 4.62 -21.17 -24.33
CA PHE A 1110 3.18 -21.06 -24.30
C PHE A 1110 2.62 -21.09 -22.88
N GLN A 1111 3.44 -21.43 -21.89
CA GLN A 1111 3.06 -21.39 -20.49
C GLN A 1111 3.43 -20.01 -19.93
N GLY A 1112 3.39 -19.87 -18.60
CA GLY A 1112 3.48 -18.56 -17.98
C GLY A 1112 4.89 -18.07 -17.73
N TRP A 1113 5.91 -18.79 -18.20
CA TRP A 1113 7.28 -18.41 -17.89
C TRP A 1113 7.83 -17.41 -18.89
N THR A 1114 8.84 -16.67 -18.44
CA THR A 1114 9.61 -15.75 -19.26
C THR A 1114 11.04 -16.28 -19.40
N GLN A 1115 11.72 -15.83 -20.45
CA GLN A 1115 13.07 -16.34 -20.72
C GLN A 1115 14.05 -15.97 -19.62
N GLU A 1116 13.76 -14.92 -18.84
CA GLU A 1116 14.60 -14.60 -17.69
C GLU A 1116 14.61 -15.75 -16.69
N LYS A 1117 13.43 -16.28 -16.38
CA LYS A 1117 13.34 -17.36 -15.41
C LYS A 1117 13.82 -18.68 -15.98
N VAL A 1118 13.76 -18.84 -17.31
CA VAL A 1118 14.40 -20.01 -17.93
C VAL A 1118 15.89 -19.95 -17.72
N LYS A 1119 16.49 -18.76 -17.87
CA LYS A 1119 17.92 -18.60 -17.63
C LYS A 1119 18.26 -18.87 -16.17
N LEU A 1120 17.50 -18.26 -15.26
CA LEU A 1120 17.70 -18.53 -13.84
C LEU A 1120 17.40 -19.99 -13.52
N HIS A 1121 16.34 -20.53 -14.12
CA HIS A 1121 16.06 -21.97 -13.98
C HIS A 1121 17.28 -22.78 -14.39
N LEU A 1122 17.94 -22.37 -15.47
CA LEU A 1122 19.18 -23.04 -15.88
C LEU A 1122 20.37 -22.59 -15.05
N GLU A 1123 20.38 -21.34 -14.60
CA GLU A 1123 21.53 -20.83 -13.85
C GLU A 1123 21.81 -21.67 -12.61
N ARG A 1124 20.76 -22.21 -11.98
CA ARG A 1124 20.95 -23.06 -10.82
C ARG A 1124 21.60 -24.39 -11.18
N GLY A 1125 21.60 -24.77 -12.45
CA GLY A 1125 22.09 -26.07 -12.87
C GLY A 1125 23.60 -26.08 -13.07
N TYR A 1126 24.08 -27.20 -13.59
CA TYR A 1126 25.50 -27.40 -13.82
C TYR A 1126 25.69 -28.53 -14.81
N LEU A 1127 26.93 -28.69 -15.26
CA LEU A 1127 27.28 -29.78 -16.17
C LEU A 1127 27.66 -31.02 -15.37
N VAL A 1128 27.19 -32.18 -15.83
CA VAL A 1128 27.50 -33.44 -15.16
C VAL A 1128 28.99 -33.76 -15.31
N ASP A 1129 29.55 -34.38 -14.27
CA ASP A 1129 30.92 -34.89 -14.33
C ASP A 1129 30.87 -36.30 -14.95
N LEU A 1130 30.70 -36.32 -16.26
CA LEU A 1130 30.55 -37.58 -16.99
C LEU A 1130 31.77 -38.48 -16.83
N ALA A 1131 32.93 -37.91 -16.50
CA ALA A 1131 34.13 -38.72 -16.34
C ALA A 1131 34.00 -39.73 -15.20
N GLU A 1132 33.05 -39.54 -14.30
CA GLU A 1132 32.89 -40.40 -13.14
C GLU A 1132 31.99 -41.61 -13.38
N SER A 1133 31.33 -41.69 -14.55
CA SER A 1133 30.41 -42.79 -14.79
C SER A 1133 30.35 -43.07 -16.28
N HIS A 1134 30.24 -44.36 -16.63
CA HIS A 1134 30.00 -44.76 -18.01
C HIS A 1134 28.59 -44.39 -18.47
N PHE A 1135 27.70 -44.04 -17.53
CA PHE A 1135 26.30 -43.84 -17.85
C PHE A 1135 25.70 -42.82 -16.90
N GLN A 1136 24.55 -42.29 -17.27
CA GLN A 1136 23.80 -41.33 -16.48
C GLN A 1136 22.36 -41.80 -16.36
N PHE A 1137 21.95 -42.17 -15.15
CA PHE A 1137 20.60 -42.67 -14.88
C PHE A 1137 19.77 -41.56 -14.26
N ASN A 1138 18.52 -41.47 -14.70
CA ASN A 1138 17.68 -40.33 -14.33
C ASN A 1138 17.07 -40.53 -12.94
N ILE A 1139 16.75 -39.39 -12.31
CA ILE A 1139 15.90 -39.34 -11.13
C ILE A 1139 15.14 -38.02 -11.19
N ASP A 1140 13.94 -37.99 -10.62
CA ASP A 1140 13.08 -36.82 -10.72
C ASP A 1140 12.76 -36.18 -9.38
N ALA A 1141 13.15 -36.79 -8.25
CA ALA A 1141 12.85 -36.19 -6.96
C ALA A 1141 13.73 -34.97 -6.70
N THR A 1142 15.02 -35.08 -7.02
CA THR A 1142 15.97 -33.98 -6.83
C THR A 1142 16.52 -33.48 -8.17
N LEU A 1143 15.75 -33.62 -9.24
CA LEU A 1143 16.16 -33.20 -10.57
C LEU A 1143 14.91 -32.94 -11.39
N GLU A 1144 14.89 -31.81 -12.09
CA GLU A 1144 13.69 -31.34 -12.77
C GLU A 1144 13.86 -31.12 -14.27
N ASP A 1145 15.06 -30.86 -14.76
CA ASP A 1145 15.27 -30.67 -16.19
C ASP A 1145 16.71 -31.02 -16.55
N VAL A 1146 16.90 -31.51 -17.77
CA VAL A 1146 18.21 -31.92 -18.27
C VAL A 1146 18.24 -31.68 -19.78
N ILE A 1147 19.38 -31.23 -20.29
CA ILE A 1147 19.57 -30.99 -21.71
C ILE A 1147 20.92 -31.55 -22.13
N LEU A 1148 21.02 -31.98 -23.38
CA LEU A 1148 22.28 -32.42 -23.97
C LEU A 1148 22.85 -31.32 -24.85
N ILE A 1149 24.18 -31.25 -24.89
CA ILE A 1149 24.87 -30.18 -25.60
C ILE A 1149 25.76 -30.76 -26.69
N ASN A 1150 26.74 -31.59 -26.28
CA ASN A 1150 27.73 -32.13 -27.19
C ASN A 1150 27.74 -33.66 -27.09
N GLY A 1151 28.14 -34.30 -28.19
CA GLY A 1151 28.22 -35.75 -28.21
C GLY A 1151 26.86 -36.39 -28.44
N THR A 1152 26.82 -37.70 -28.24
CA THR A 1152 25.58 -38.47 -28.41
C THR A 1152 25.60 -39.62 -27.41
N ALA A 1153 24.41 -40.03 -26.98
CA ALA A 1153 24.25 -41.08 -25.99
C ALA A 1153 23.30 -42.15 -26.51
N TYR A 1154 23.35 -43.32 -25.88
CA TYR A 1154 22.55 -44.46 -26.28
C TYR A 1154 21.54 -44.77 -25.19
N ASN A 1155 20.27 -44.88 -25.56
CA ASN A 1155 19.21 -45.12 -24.59
C ASN A 1155 19.40 -46.48 -23.94
N ALA A 1156 19.23 -46.52 -22.61
CA ALA A 1156 19.39 -47.78 -21.89
C ALA A 1156 18.31 -48.79 -22.26
N HIS A 1157 17.07 -48.32 -22.46
CA HIS A 1157 15.97 -49.24 -22.73
C HIS A 1157 15.88 -49.58 -24.22
N THR A 1158 15.68 -48.57 -25.07
CA THR A 1158 15.47 -48.78 -26.49
C THR A 1158 16.75 -48.86 -27.30
N ARG A 1159 17.90 -48.54 -26.69
CA ARG A 1159 19.19 -48.53 -27.37
C ARG A 1159 19.25 -47.50 -28.49
N GLU A 1160 18.29 -46.58 -28.55
CA GLU A 1160 18.28 -45.57 -29.58
C GLU A 1160 19.20 -44.42 -29.21
N GLU A 1161 19.69 -43.71 -30.23
CA GLU A 1161 20.58 -42.58 -30.02
C GLU A 1161 19.77 -41.30 -29.84
N ILE A 1162 20.32 -40.39 -29.04
CA ILE A 1162 19.72 -39.07 -28.82
C ILE A 1162 20.70 -38.02 -29.30
N ARG A 1163 20.21 -37.09 -30.11
CA ARG A 1163 21.08 -36.15 -30.80
C ARG A 1163 21.62 -35.10 -29.83
N SER A 1164 22.67 -34.40 -30.29
CA SER A 1164 23.46 -33.59 -29.37
C SER A 1164 22.67 -32.41 -28.80
N PRO A 1165 22.20 -31.44 -29.59
CA PRO A 1165 21.46 -30.30 -29.02
C PRO A 1165 19.98 -30.61 -28.82
N CYS A 1166 19.69 -31.58 -27.96
CA CYS A 1166 18.33 -32.07 -27.77
C CYS A 1166 18.01 -32.17 -26.29
N LEU A 1167 16.82 -31.72 -25.93
CA LEU A 1167 16.31 -31.95 -24.58
C LEU A 1167 15.98 -33.42 -24.41
N ILE A 1168 16.29 -33.96 -23.23
CA ILE A 1168 16.02 -35.37 -22.94
C ILE A 1168 14.57 -35.50 -22.50
N SER A 1169 13.78 -36.22 -23.30
CA SER A 1169 12.37 -36.41 -22.98
C SER A 1169 12.22 -37.13 -21.65
N ARG A 1170 11.11 -36.84 -20.97
CA ARG A 1170 10.87 -37.42 -19.66
C ARG A 1170 10.61 -38.91 -19.71
N THR A 1171 10.49 -39.49 -20.91
CA THR A 1171 10.40 -40.94 -21.06
C THR A 1171 11.78 -41.59 -21.09
N VAL A 1172 12.85 -40.81 -20.93
CA VAL A 1172 14.20 -41.37 -20.99
C VAL A 1172 14.73 -41.58 -19.58
N HIS A 1173 15.53 -42.64 -19.41
CA HIS A 1173 15.93 -43.12 -18.10
C HIS A 1173 17.44 -43.04 -17.86
N LYS A 1174 18.21 -43.68 -18.73
CA LYS A 1174 19.62 -43.92 -18.48
C LYS A 1174 20.34 -43.89 -19.82
N LEU A 1175 21.44 -43.15 -19.86
CA LEU A 1175 22.16 -42.88 -21.10
C LEU A 1175 23.58 -43.42 -20.99
N THR A 1176 23.96 -44.25 -21.95
CA THR A 1176 25.28 -44.86 -22.00
C THR A 1176 26.16 -44.07 -22.96
N PHE A 1177 27.24 -43.50 -22.43
CA PHE A 1177 28.21 -42.74 -23.22
C PHE A 1177 29.40 -43.62 -23.56
N GLN A 1178 30.27 -43.07 -24.40
CA GLN A 1178 31.51 -43.74 -24.79
C GLN A 1178 32.63 -42.71 -24.82
N TYR A 1179 33.86 -43.20 -24.64
CA TYR A 1179 35.01 -42.33 -24.43
C TYR A 1179 35.96 -42.36 -25.62
N THR A 1180 35.42 -42.39 -26.83
CA THR A 1180 36.26 -42.25 -28.02
C THR A 1180 36.74 -40.81 -28.15
N ALA A 1181 37.86 -40.65 -28.85
CA ALA A 1181 38.55 -39.36 -28.90
C ALA A 1181 37.90 -38.34 -29.81
N THR A 1182 36.92 -38.73 -30.63
CA THR A 1182 36.34 -37.79 -31.58
C THR A 1182 35.66 -36.62 -30.87
N GLU A 1183 34.96 -36.89 -29.78
CA GLU A 1183 34.21 -35.85 -29.07
C GLU A 1183 34.18 -36.16 -27.58
N GLU A 1184 33.96 -35.10 -26.80
CA GLU A 1184 33.70 -35.26 -25.37
C GLU A 1184 32.25 -34.90 -25.10
N PRO A 1185 31.36 -35.86 -24.89
CA PRO A 1185 29.94 -35.51 -24.73
C PRO A 1185 29.72 -34.61 -23.52
N ARG A 1186 28.75 -33.70 -23.65
CA ARG A 1186 28.45 -32.73 -22.62
C ARG A 1186 26.94 -32.74 -22.36
N LEU A 1187 26.57 -32.68 -21.07
CA LEU A 1187 25.20 -32.80 -20.63
C LEU A 1187 24.96 -31.80 -19.50
N PHE A 1188 23.80 -31.16 -19.50
CA PHE A 1188 23.46 -30.15 -18.52
C PHE A 1188 22.25 -30.59 -17.70
N VAL A 1189 22.35 -30.40 -16.38
CA VAL A 1189 21.30 -30.76 -15.44
C VAL A 1189 20.98 -29.56 -14.57
N VAL A 1190 19.73 -29.47 -14.12
CA VAL A 1190 19.32 -28.53 -13.08
C VAL A 1190 18.64 -29.33 -11.98
N ARG A 1191 19.23 -29.32 -10.79
CA ARG A 1191 18.69 -30.09 -9.68
C ARG A 1191 17.41 -29.42 -9.16
N ASN A 1192 16.42 -30.25 -8.86
CA ASN A 1192 15.16 -29.75 -8.32
C ASN A 1192 15.37 -29.18 -6.92
N ALA A 1193 14.56 -28.20 -6.59
CA ALA A 1193 14.64 -27.54 -5.29
C ALA A 1193 14.50 -28.54 -4.16
N ALA B 73 -2.19 41.10 0.04
CA ALA B 73 -2.29 41.82 1.34
C ALA B 73 -3.08 41.00 2.37
N HIS B 74 -4.23 40.48 1.94
CA HIS B 74 -5.13 39.74 2.82
C HIS B 74 -4.88 38.23 2.78
N ALA B 75 -3.67 37.80 2.48
CA ALA B 75 -3.38 36.39 2.31
C ALA B 75 -3.25 35.68 3.66
N PRO B 76 -3.44 34.36 3.69
CA PRO B 76 -3.26 33.60 4.93
C PRO B 76 -1.80 33.36 5.26
N LYS B 77 -1.18 34.29 5.98
CA LYS B 77 0.24 34.19 6.27
C LYS B 77 0.60 32.90 6.99
N VAL B 78 -0.35 32.28 7.68
CA VAL B 78 -0.06 31.05 8.43
C VAL B 78 0.45 29.94 7.53
N ILE B 79 0.14 30.02 6.22
CA ILE B 79 0.63 28.98 5.31
C ILE B 79 2.15 29.00 5.29
N VAL B 80 2.76 30.18 5.43
CA VAL B 80 4.21 30.28 5.43
C VAL B 80 4.80 29.57 6.64
N PHE B 81 4.34 29.93 7.85
CA PHE B 81 4.92 29.37 9.06
C PHE B 81 4.72 27.85 9.10
N ILE B 82 3.52 27.38 8.75
CA ILE B 82 3.27 25.95 8.74
C ILE B 82 4.21 25.25 7.77
N SER B 83 4.27 25.76 6.53
CA SER B 83 5.15 25.17 5.54
C SER B 83 6.62 25.41 5.86
N GLY B 84 6.93 26.54 6.50
CA GLY B 84 8.30 26.77 6.93
C GLY B 84 8.74 25.77 7.97
N SER B 85 7.90 25.54 8.99
CA SER B 85 8.20 24.53 9.99
C SER B 85 8.37 23.17 9.36
N CYS B 86 7.60 22.87 8.32
CA CYS B 86 7.78 21.63 7.58
C CYS B 86 9.20 21.50 7.07
N LEU B 87 9.71 22.55 6.41
CA LEU B 87 11.06 22.50 5.86
C LEU B 87 12.09 22.39 6.97
N PHE B 88 11.92 23.16 8.05
CA PHE B 88 12.88 23.12 9.14
C PHE B 88 12.91 21.75 9.79
N GLY B 89 11.75 21.12 9.97
CA GLY B 89 11.72 19.78 10.52
C GLY B 89 12.39 18.78 9.59
N ALA B 90 12.16 18.92 8.29
CA ALA B 90 12.83 18.05 7.33
C ALA B 90 14.35 18.19 7.43
N ILE B 91 14.83 19.43 7.52
CA ILE B 91 16.27 19.67 7.61
C ILE B 91 16.83 19.06 8.88
N SER B 92 16.22 19.37 10.02
CA SER B 92 16.74 18.88 11.30
C SER B 92 16.66 17.36 11.38
N ARG B 93 15.59 16.77 10.84
CA ARG B 93 15.41 15.33 10.86
C ARG B 93 16.34 14.64 9.88
N SER B 94 16.80 15.35 8.84
CA SER B 94 17.72 14.74 7.88
C SER B 94 19.16 14.83 8.35
N LEU B 95 19.56 15.97 8.90
CA LEU B 95 20.93 16.13 9.36
C LEU B 95 21.22 15.24 10.56
N PHE B 96 20.47 15.43 11.65
CA PHE B 96 20.65 14.67 12.88
C PHE B 96 19.96 13.31 12.83
N LYS B 97 20.24 12.52 11.79
CA LYS B 97 19.64 11.19 11.68
C LYS B 97 20.51 10.15 12.38
N LYS B 98 21.79 10.08 12.02
CA LYS B 98 22.70 9.13 12.63
C LYS B 98 23.29 9.63 13.94
N LEU B 99 23.11 10.90 14.26
CA LEU B 99 23.60 11.44 15.52
C LEU B 99 22.74 10.95 16.67
N PRO B 100 23.28 10.96 17.89
CA PRO B 100 22.47 10.52 19.05
C PRO B 100 21.40 11.53 19.44
N ILE B 101 21.66 12.82 19.24
CA ILE B 101 20.74 13.86 19.70
C ILE B 101 19.43 13.76 18.91
N PRO B 102 18.26 13.87 19.56
CA PRO B 102 17.01 13.89 18.80
C PRO B 102 16.85 15.18 18.00
N TYR B 103 16.05 15.10 16.95
CA TYR B 103 15.88 16.26 16.07
C TYR B 103 15.01 17.34 16.71
N THR B 104 14.22 16.99 17.73
CA THR B 104 13.31 17.96 18.31
C THR B 104 14.04 19.12 18.96
N VAL B 105 15.13 18.84 19.67
CA VAL B 105 15.89 19.91 20.32
C VAL B 105 16.44 20.88 19.27
N VAL B 106 16.86 20.35 18.12
CA VAL B 106 17.32 21.22 17.04
C VAL B 106 16.21 22.17 16.63
N LEU B 107 14.98 21.67 16.55
CA LEU B 107 13.84 22.50 16.19
C LEU B 107 13.64 23.61 17.23
N LEU B 108 13.84 23.29 18.50
CA LEU B 108 13.70 24.31 19.55
C LEU B 108 14.73 25.42 19.37
N ILE B 109 15.97 25.04 19.06
CA ILE B 109 17.02 26.03 18.82
C ILE B 109 16.66 26.90 17.62
N LEU B 110 16.15 26.28 16.56
CA LEU B 110 15.75 27.03 15.37
C LEU B 110 14.62 28.02 15.71
N GLY B 111 13.65 27.58 16.50
CA GLY B 111 12.60 28.48 16.93
C GLY B 111 13.12 29.63 17.77
N ALA B 112 14.09 29.35 18.65
CA ALA B 112 14.71 30.42 19.43
C ALA B 112 15.40 31.42 18.51
N ILE B 113 16.11 30.92 17.50
CA ILE B 113 16.74 31.80 16.53
C ILE B 113 15.69 32.68 15.87
N LEU B 114 14.60 32.07 15.38
CA LEU B 114 13.51 32.84 14.80
C LEU B 114 13.01 33.90 15.77
N GLY B 115 12.98 33.56 17.06
CA GLY B 115 12.50 34.51 18.05
C GLY B 115 13.40 35.73 18.20
N VAL B 116 14.72 35.52 18.25
CA VAL B 116 15.61 36.65 18.45
C VAL B 116 15.61 37.56 17.22
N VAL B 117 15.69 36.99 16.02
CA VAL B 117 15.66 37.81 14.81
C VAL B 117 14.29 38.48 14.66
N ALA B 118 13.22 37.74 14.92
CA ALA B 118 11.89 38.33 14.84
C ALA B 118 11.66 39.41 15.90
N SER B 119 12.46 39.42 16.98
CA SER B 119 12.32 40.46 17.99
C SER B 119 12.78 41.81 17.48
N ASN B 120 13.63 41.85 16.46
CA ASN B 120 14.11 43.09 15.87
C ASN B 120 13.55 43.29 14.47
N VAL B 121 13.64 42.29 13.60
CA VAL B 121 13.11 42.36 12.25
C VAL B 121 11.59 42.36 12.30
N PRO B 122 10.90 43.36 11.73
CA PRO B 122 9.44 43.37 11.78
C PRO B 122 8.81 42.47 10.74
N LEU B 123 9.47 42.30 9.60
CA LEU B 123 8.88 41.57 8.49
C LEU B 123 8.55 40.13 8.88
N VAL B 124 9.49 39.45 9.53
CA VAL B 124 9.26 38.06 9.89
C VAL B 124 8.31 37.92 11.06
N GLU B 125 8.15 38.97 11.86
CA GLU B 125 7.19 38.94 12.96
C GLU B 125 5.77 38.72 12.43
N GLU B 126 5.44 39.38 11.32
CA GLU B 126 4.10 39.26 10.75
C GLU B 126 3.81 37.85 10.29
N HIS B 127 4.82 37.13 9.83
CA HIS B 127 4.66 35.76 9.36
C HIS B 127 4.82 34.73 10.47
N THR B 128 5.16 35.16 11.69
CA THR B 128 5.24 34.28 12.84
C THR B 128 4.20 34.60 13.90
N ARG B 129 3.67 35.81 13.90
CA ARG B 129 2.75 36.25 14.95
C ARG B 129 1.50 35.38 15.00
N ASP B 130 0.85 35.18 13.84
CA ASP B 130 -0.46 34.57 13.82
C ASP B 130 -0.46 33.14 14.34
N VAL B 131 0.70 32.49 14.40
CA VAL B 131 0.82 31.12 14.88
C VAL B 131 1.55 31.06 16.22
N ALA B 132 2.59 31.86 16.39
CA ALA B 132 3.33 31.86 17.64
C ALA B 132 2.46 32.29 18.82
N HIS B 133 1.46 33.14 18.56
CA HIS B 133 0.60 33.66 19.60
C HIS B 133 -0.83 33.21 19.37
N MET B 134 -0.99 31.94 19.01
CA MET B 134 -2.29 31.39 18.68
C MET B 134 -3.10 31.13 19.95
N ASP B 135 -4.41 31.25 19.84
CA ASP B 135 -5.27 31.16 21.01
C ASP B 135 -5.18 29.77 21.64
N PRO B 136 -5.29 29.66 22.97
CA PRO B 136 -5.18 28.34 23.60
C PRO B 136 -6.37 27.44 23.35
N HIS B 137 -7.58 27.98 23.38
CA HIS B 137 -8.79 27.19 23.14
C HIS B 137 -8.86 26.64 21.73
N VAL B 138 -7.88 26.95 20.88
CA VAL B 138 -7.80 26.40 19.54
C VAL B 138 -6.61 25.45 19.52
N LEU B 139 -5.58 25.76 20.31
CA LEU B 139 -4.45 24.86 20.46
C LEU B 139 -4.91 23.50 20.97
N LEU B 140 -5.79 23.52 21.98
CA LEU B 140 -6.28 22.27 22.56
C LEU B 140 -7.18 21.52 21.57
N GLN B 141 -8.09 22.24 20.92
CA GLN B 141 -9.12 21.60 20.13
C GLN B 141 -8.56 20.97 18.85
N ILE B 142 -7.41 21.46 18.38
CA ILE B 142 -6.87 21.02 17.09
C ILE B 142 -5.75 20.02 17.27
N PHE B 143 -4.79 20.32 18.13
CA PHE B 143 -3.58 19.50 18.22
C PHE B 143 -3.79 18.28 19.10
N LEU B 144 -4.35 18.47 20.29
CA LEU B 144 -4.48 17.36 21.22
C LEU B 144 -5.24 16.17 20.63
N PRO B 145 -6.36 16.36 19.91
CA PRO B 145 -7.00 15.21 19.27
C PRO B 145 -6.06 14.45 18.35
N VAL B 146 -5.20 15.18 17.63
CA VAL B 146 -4.25 14.53 16.72
C VAL B 146 -3.23 13.73 17.51
N LEU B 147 -2.62 14.36 18.53
CA LEU B 147 -1.60 13.70 19.32
C LEU B 147 -2.17 12.51 20.07
N ILE B 148 -3.30 12.70 20.74
CA ILE B 148 -3.88 11.65 21.56
C ILE B 148 -4.39 10.49 20.70
N PHE B 149 -5.14 10.80 19.65
CA PHE B 149 -5.66 9.74 18.78
C PHE B 149 -4.52 8.97 18.12
N GLU B 150 -3.50 9.69 17.63
CA GLU B 150 -2.37 9.02 17.00
C GLU B 150 -1.67 8.09 17.98
N SER B 151 -1.47 8.55 19.22
CA SER B 151 -0.89 7.69 20.23
C SER B 151 -1.78 6.47 20.47
N ALA B 152 -3.10 6.70 20.57
CA ALA B 152 -4.02 5.58 20.71
C ALA B 152 -4.08 4.72 19.46
N PHE B 153 -4.16 5.34 18.28
CA PHE B 153 -4.26 4.58 17.04
C PHE B 153 -3.02 3.76 16.76
N ALA B 154 -1.87 4.13 17.35
CA ALA B 154 -0.62 3.40 17.12
C ALA B 154 -0.45 2.25 18.09
N MET B 155 -1.37 2.05 19.02
CA MET B 155 -1.19 1.05 20.07
C MET B 155 -1.28 -0.37 19.52
N ASP B 156 -0.67 -1.30 20.26
CA ASP B 156 -0.94 -2.73 20.11
C ASP B 156 -1.97 -3.09 21.17
N VAL B 157 -3.24 -2.84 20.83
CA VAL B 157 -4.30 -2.83 21.83
C VAL B 157 -4.38 -4.17 22.55
N HIS B 158 -4.31 -5.27 21.80
CA HIS B 158 -4.45 -6.59 22.41
C HIS B 158 -3.46 -6.76 23.55
N THR B 159 -2.19 -6.40 23.32
CA THR B 159 -1.22 -6.42 24.40
C THR B 159 -1.59 -5.42 25.49
N PHE B 160 -2.07 -4.24 25.09
CA PHE B 160 -2.44 -3.22 26.07
C PHE B 160 -3.55 -3.71 26.98
N MET B 161 -4.47 -4.52 26.44
CA MET B 161 -5.52 -5.10 27.28
C MET B 161 -4.98 -6.18 28.20
N ARG B 162 -4.08 -7.03 27.70
CA ARG B 162 -3.48 -8.07 28.52
C ARG B 162 -2.58 -7.51 29.61
N SER B 163 -2.41 -6.18 29.67
CA SER B 163 -1.68 -5.54 30.76
C SER B 163 -2.44 -4.34 31.29
N PHE B 164 -3.76 -4.29 31.12
CA PHE B 164 -4.51 -3.07 31.42
C PHE B 164 -4.40 -2.67 32.88
N SER B 165 -4.55 -3.64 33.79
CA SER B 165 -4.50 -3.31 35.21
C SER B 165 -3.13 -2.77 35.60
N GLN B 166 -2.07 -3.41 35.11
CA GLN B 166 -0.71 -2.96 35.42
C GLN B 166 -0.50 -1.52 34.98
N VAL B 167 -1.03 -1.17 33.81
CA VAL B 167 -0.91 0.21 33.32
C VAL B 167 -1.76 1.15 34.16
N CYS B 168 -2.99 0.75 34.47
CA CYS B 168 -3.90 1.63 35.21
C CYS B 168 -3.33 2.00 36.57
N ILE B 169 -2.74 1.03 37.28
CA ILE B 169 -2.18 1.31 38.59
C ILE B 169 -1.06 2.33 38.48
N LEU B 170 -0.14 2.11 37.55
CA LEU B 170 0.99 3.02 37.38
C LEU B 170 0.58 4.36 36.78
N ALA B 171 -0.30 4.35 35.78
CA ALA B 171 -0.64 5.56 35.05
C ALA B 171 -1.59 6.46 35.83
N LEU B 172 -2.53 5.89 36.58
CA LEU B 172 -3.51 6.69 37.30
C LEU B 172 -3.05 7.00 38.73
N PHE B 173 -2.85 5.98 39.55
CA PHE B 173 -2.39 6.22 40.92
C PHE B 173 -0.97 6.75 40.93
N GLY B 174 -0.10 6.21 40.08
CA GLY B 174 1.25 6.72 39.99
C GLY B 174 1.28 8.18 39.57
N LEU B 175 0.34 8.58 38.70
CA LEU B 175 0.25 9.98 38.29
C LEU B 175 -0.10 10.87 39.47
N VAL B 176 -1.06 10.44 40.31
CA VAL B 176 -1.48 11.29 41.42
C VAL B 176 -0.31 11.53 42.37
N VAL B 177 0.37 10.46 42.76
CA VAL B 177 1.50 10.58 43.67
C VAL B 177 2.63 11.38 43.01
N ALA B 178 2.94 11.08 41.75
CA ALA B 178 4.02 11.77 41.07
C ALA B 178 3.77 13.27 40.99
N SER B 179 2.52 13.65 40.69
CA SER B 179 2.19 15.08 40.56
C SER B 179 2.14 15.75 41.92
N VAL B 180 1.50 15.12 42.90
CA VAL B 180 1.39 15.73 44.23
C VAL B 180 2.78 15.92 44.83
N LEU B 181 3.61 14.87 44.77
CA LEU B 181 4.98 14.99 45.24
C LEU B 181 5.71 16.10 44.50
N THR B 182 5.51 16.18 43.18
CA THR B 182 6.07 17.28 42.42
C THR B 182 5.47 18.61 42.86
N ALA B 183 4.21 18.62 43.29
CA ALA B 183 3.59 19.87 43.72
C ALA B 183 4.15 20.34 45.05
N VAL B 184 4.23 19.45 46.05
CA VAL B 184 4.79 19.85 47.34
C VAL B 184 6.20 20.38 47.15
N LEU B 185 6.97 19.74 46.27
CA LEU B 185 8.30 20.24 45.93
C LEU B 185 8.22 21.69 45.45
N ALA B 186 7.28 21.98 44.56
CA ALA B 186 7.15 23.33 44.02
C ALA B 186 6.66 24.33 45.06
N MET B 187 5.84 23.90 46.01
CA MET B 187 5.41 24.79 47.09
C MET B 187 6.56 25.11 48.04
N ASN B 188 7.39 24.12 48.36
CA ASN B 188 8.40 24.25 49.41
C ASN B 188 9.77 24.67 48.87
N LEU B 189 10.21 24.08 47.78
CA LEU B 189 11.55 24.37 47.27
C LEU B 189 11.62 25.73 46.60
N PHE B 190 10.70 26.01 45.67
CA PHE B 190 10.74 27.25 44.91
C PHE B 190 10.35 28.43 45.78
N ASN B 191 10.82 29.61 45.39
CA ASN B 191 10.49 30.85 46.07
C ASN B 191 9.26 31.53 45.47
N TYR B 192 8.61 30.89 44.50
CA TYR B 192 7.46 31.50 43.83
C TYR B 192 6.22 31.54 44.71
N ASN B 193 6.21 30.78 45.82
CA ASN B 193 5.10 30.81 46.76
C ASN B 193 3.78 30.42 46.09
N TRP B 194 3.81 29.35 45.30
CA TRP B 194 2.60 28.88 44.62
C TRP B 194 1.62 28.30 45.63
N ASN B 195 0.34 28.33 45.28
CA ASN B 195 -0.68 27.61 46.02
C ASN B 195 -0.93 26.25 45.36
N PHE B 196 -1.65 25.39 46.08
CA PHE B 196 -1.75 23.99 45.67
C PHE B 196 -2.33 23.85 44.27
N SER B 197 -3.25 24.73 43.89
CA SER B 197 -3.85 24.64 42.55
C SER B 197 -2.79 24.83 41.48
N GLU B 198 -2.02 25.91 41.58
CA GLU B 198 -0.98 26.17 40.59
C GLU B 198 0.10 25.10 40.62
N ALA B 199 0.49 24.66 41.81
CA ALA B 199 1.48 23.60 41.93
C ALA B 199 0.98 22.30 41.31
N MET B 200 -0.33 22.02 41.41
CA MET B 200 -0.88 20.83 40.79
C MET B 200 -0.90 20.94 39.28
N MET B 201 -1.15 22.14 38.75
CA MET B 201 -0.98 22.37 37.32
C MET B 201 0.46 22.08 36.90
N PHE B 202 1.41 22.59 37.70
CA PHE B 202 2.82 22.33 37.44
C PHE B 202 3.11 20.82 37.39
N GLY B 203 2.68 20.09 38.42
CA GLY B 203 2.93 18.67 38.46
C GLY B 203 2.25 17.94 37.32
N ALA B 204 1.05 18.37 36.95
CA ALA B 204 0.33 17.75 35.84
C ALA B 204 1.13 17.86 34.55
N ILE B 205 1.59 19.06 34.21
CA ILE B 205 2.33 19.22 32.97
C ILE B 205 3.73 18.61 33.07
N MET B 206 4.24 18.40 34.28
CA MET B 206 5.53 17.73 34.43
C MET B 206 5.41 16.22 34.25
N SER B 207 4.29 15.62 34.67
CA SER B 207 4.14 14.19 34.60
C SER B 207 3.87 13.69 33.19
N ALA B 208 3.33 14.54 32.31
CA ALA B 208 3.03 14.11 30.95
C ALA B 208 4.31 13.69 30.23
N THR B 209 4.28 12.52 29.61
CA THR B 209 5.45 11.96 28.96
C THR B 209 5.08 11.41 27.60
N ASP B 210 6.01 11.55 26.66
CA ASP B 210 5.80 11.05 25.29
C ASP B 210 7.03 10.23 24.94
N PRO B 211 7.08 8.94 25.33
CA PRO B 211 8.27 8.12 25.07
C PRO B 211 8.32 7.55 23.67
N VAL B 212 8.09 8.39 22.66
CA VAL B 212 8.07 7.93 21.28
C VAL B 212 9.42 7.38 20.85
N ALA B 213 10.52 7.83 21.48
CA ALA B 213 11.85 7.38 21.08
C ALA B 213 12.24 6.09 21.80
N VAL B 214 12.03 6.04 23.11
CA VAL B 214 12.40 4.87 23.88
C VAL B 214 11.65 3.64 23.38
N VAL B 215 10.35 3.79 23.11
CA VAL B 215 9.57 2.69 22.58
C VAL B 215 10.13 2.23 21.23
N ALA B 216 10.57 3.18 20.40
CA ALA B 216 11.18 2.81 19.13
C ALA B 216 12.45 1.99 19.35
N LEU B 217 13.29 2.42 20.29
CA LEU B 217 14.51 1.67 20.59
C LEU B 217 14.18 0.24 20.99
N LEU B 218 13.25 0.08 21.93
CA LEU B 218 12.88 -1.26 22.38
C LEU B 218 12.32 -2.08 21.23
N LYS B 219 11.46 -1.48 20.41
CA LYS B 219 10.92 -2.16 19.24
C LYS B 219 12.05 -2.68 18.35
N ASP B 220 13.12 -1.90 18.20
CA ASP B 220 14.25 -2.33 17.39
C ASP B 220 15.08 -3.40 18.09
N LEU B 221 15.28 -3.27 19.40
CA LEU B 221 16.18 -4.15 20.12
C LEU B 221 15.58 -5.53 20.42
N GLY B 222 14.26 -5.66 20.36
CA GLY B 222 13.61 -6.89 20.73
C GLY B 222 13.27 -6.94 22.21
N ALA B 223 12.54 -7.98 22.59
CA ALA B 223 12.04 -8.13 23.96
C ALA B 223 11.23 -6.90 24.37
N SER B 224 10.47 -6.34 23.42
CA SER B 224 9.82 -5.05 23.64
C SER B 224 8.39 -5.22 24.13
N LYS B 225 7.79 -6.39 23.91
CA LYS B 225 6.35 -6.53 24.10
C LYS B 225 5.95 -6.20 25.54
N GLN B 226 6.67 -6.75 26.52
CA GLN B 226 6.28 -6.60 27.90
C GLN B 226 6.77 -5.29 28.52
N LEU B 227 7.51 -4.48 27.78
CA LEU B 227 7.99 -3.19 28.27
C LEU B 227 7.57 -2.02 27.39
N GLY B 228 7.65 -2.15 26.07
CA GLY B 228 7.31 -1.04 25.20
C GLY B 228 5.84 -0.66 25.31
N THR B 229 4.96 -1.66 25.28
CA THR B 229 3.53 -1.39 25.43
C THR B 229 3.22 -0.80 26.80
N ILE B 230 3.94 -1.22 27.83
CA ILE B 230 3.69 -0.69 29.17
C ILE B 230 4.02 0.79 29.22
N ILE B 231 5.20 1.17 28.70
CA ILE B 231 5.58 2.57 28.67
C ILE B 231 4.69 3.34 27.71
N GLU B 232 4.32 2.72 26.59
CA GLU B 232 3.44 3.36 25.64
C GLU B 232 2.04 3.53 26.22
N GLY B 233 1.50 2.46 26.82
CA GLY B 233 0.19 2.56 27.43
C GLY B 233 0.19 3.47 28.64
N GLU B 234 1.22 3.36 29.47
CA GLU B 234 1.34 4.27 30.61
C GLU B 234 1.40 5.71 30.13
N SER B 235 2.18 5.96 29.07
CA SER B 235 2.26 7.32 28.52
C SER B 235 0.88 7.80 28.08
N LEU B 236 0.17 6.98 27.30
CA LEU B 236 -1.15 7.39 26.81
C LEU B 236 -2.06 7.75 27.97
N LEU B 237 -2.18 6.86 28.96
CA LEU B 237 -3.07 7.13 30.08
C LEU B 237 -2.59 8.33 30.88
N ASN B 238 -1.28 8.48 31.05
CA ASN B 238 -0.74 9.58 31.83
C ASN B 238 -1.05 10.93 31.18
N ASP B 239 -0.89 11.04 29.87
CA ASP B 239 -1.26 12.28 29.20
C ASP B 239 -2.76 12.50 29.28
N GLY B 240 -3.56 11.44 29.06
CA GLY B 240 -4.99 11.60 29.09
C GLY B 240 -5.49 12.13 30.42
N CYS B 241 -4.99 11.56 31.52
CA CYS B 241 -5.41 12.01 32.83
C CYS B 241 -4.77 13.35 33.21
N ALA B 242 -3.53 13.59 32.75
CA ALA B 242 -2.86 14.84 33.07
C ALA B 242 -3.62 16.03 32.49
N ILE B 243 -4.09 15.90 31.24
CA ILE B 243 -4.92 16.95 30.67
C ILE B 243 -6.17 17.14 31.50
N VAL B 244 -6.79 16.04 31.93
CA VAL B 244 -7.99 16.13 32.76
C VAL B 244 -7.69 16.91 34.03
N ILE B 245 -6.60 16.54 34.71
CA ILE B 245 -6.22 17.26 35.93
C ILE B 245 -5.85 18.70 35.61
N PHE B 246 -5.13 18.92 34.51
CA PHE B 246 -4.75 20.27 34.13
C PHE B 246 -5.98 21.11 33.82
N ASN B 247 -6.96 20.52 33.12
CA ASN B 247 -8.20 21.24 32.86
C ASN B 247 -8.91 21.58 34.16
N VAL B 248 -8.90 20.63 35.11
CA VAL B 248 -9.58 20.85 36.38
C VAL B 248 -8.93 21.98 37.15
N PHE B 249 -7.60 22.01 37.17
CA PHE B 249 -6.89 22.96 38.03
C PHE B 249 -6.67 24.30 37.36
N MET B 250 -6.74 24.35 36.03
CA MET B 250 -6.73 25.64 35.34
C MET B 250 -7.97 26.45 35.69
N LYS B 251 -9.09 25.76 35.88
CA LYS B 251 -10.35 26.46 36.13
C LYS B 251 -10.42 27.03 37.54
N MET B 252 -9.72 26.42 38.50
CA MET B 252 -9.66 27.02 39.82
C MET B 252 -8.52 28.03 39.97
N VAL B 253 -7.92 28.47 38.86
CA VAL B 253 -6.92 29.53 38.92
C VAL B 253 -7.34 30.68 38.01
N PHE B 254 -7.73 30.35 36.78
CA PHE B 254 -8.10 31.36 35.79
C PHE B 254 -9.60 31.53 35.62
N PHE B 255 -10.41 30.54 35.97
CA PHE B 255 -11.86 30.62 35.86
C PHE B 255 -12.52 30.23 37.19
N PRO B 256 -12.10 30.86 38.29
CA PRO B 256 -12.60 30.43 39.61
C PRO B 256 -14.12 30.54 39.69
N GLN B 257 -14.74 29.55 40.33
CA GLN B 257 -16.16 29.53 40.57
C GLN B 257 -16.40 29.41 42.07
N LEU B 258 -17.46 30.07 42.56
CA LEU B 258 -17.65 30.21 43.99
C LEU B 258 -18.64 29.20 44.58
N THR B 259 -19.51 28.62 43.76
CA THR B 259 -20.53 27.73 44.29
C THR B 259 -19.90 26.59 45.07
N SER B 260 -19.13 25.74 44.39
CA SER B 260 -18.31 24.72 45.04
C SER B 260 -19.14 23.79 45.94
N THR B 261 -20.39 23.53 45.59
CA THR B 261 -21.20 22.59 46.36
C THR B 261 -20.68 21.17 46.14
N VAL B 262 -20.64 20.39 47.21
CA VAL B 262 -20.04 19.06 47.14
C VAL B 262 -20.80 18.17 46.18
N GLY B 263 -22.13 18.21 46.23
CA GLY B 263 -22.92 17.32 45.39
C GLY B 263 -22.62 17.48 43.91
N GLN B 264 -22.44 18.73 43.45
CA GLN B 264 -22.11 18.95 42.05
C GLN B 264 -20.72 18.44 41.73
N ASN B 265 -19.78 18.53 42.67
CA ASN B 265 -18.43 18.05 42.41
C ASN B 265 -18.44 16.57 42.03
N VAL B 266 -19.23 15.77 42.74
CA VAL B 266 -19.38 14.37 42.38
C VAL B 266 -19.99 14.24 40.99
N LEU B 267 -21.03 15.03 40.72
CA LEU B 267 -21.61 15.07 39.37
C LEU B 267 -20.58 15.54 38.36
N TYR B 268 -19.79 16.56 38.72
CA TYR B 268 -18.74 17.04 37.83
C TYR B 268 -17.72 15.95 37.55
N PHE B 269 -17.32 15.20 38.58
CA PHE B 269 -16.38 14.11 38.37
C PHE B 269 -16.95 13.05 37.44
N LEU B 270 -18.23 12.74 37.58
CA LEU B 270 -18.83 11.68 36.78
C LEU B 270 -18.76 12.01 35.28
N GLN B 271 -19.00 13.27 34.93
CA GLN B 271 -18.95 13.66 33.52
C GLN B 271 -17.59 13.39 32.92
N VAL B 272 -16.53 13.90 33.54
CA VAL B 272 -15.20 13.82 32.95
C VAL B 272 -14.69 12.38 33.00
N ALA B 273 -14.94 11.68 34.11
CA ALA B 273 -14.34 10.37 34.32
C ALA B 273 -15.14 9.25 33.69
N VAL B 274 -16.46 9.31 33.74
CA VAL B 274 -17.33 8.21 33.33
C VAL B 274 -17.97 8.48 31.97
N ALA B 275 -18.57 9.67 31.80
CA ALA B 275 -19.27 9.96 30.56
C ALA B 275 -18.35 10.04 29.37
N GLY B 276 -17.13 10.53 29.54
CA GLY B 276 -16.18 10.64 28.45
C GLY B 276 -15.96 9.34 27.73
N PRO B 277 -15.49 8.33 28.47
CA PRO B 277 -15.33 7.00 27.86
C PRO B 277 -16.62 6.47 27.25
N LEU B 278 -17.77 6.76 27.87
CA LEU B 278 -19.04 6.30 27.32
C LEU B 278 -19.39 7.05 26.03
N TRP B 279 -19.16 8.36 26.02
CA TRP B 279 -19.38 9.14 24.80
C TRP B 279 -18.52 8.61 23.66
N GLY B 280 -17.25 8.35 23.94
CA GLY B 280 -16.37 7.79 22.92
C GLY B 280 -16.80 6.41 22.48
N TYR B 281 -17.24 5.59 23.44
CA TYR B 281 -17.71 4.25 23.11
C TYR B 281 -18.90 4.28 22.17
N ALA B 282 -19.88 5.15 22.47
CA ALA B 282 -21.05 5.26 21.62
C ALA B 282 -20.67 5.74 20.22
N VAL B 283 -19.86 6.80 20.15
CA VAL B 283 -19.44 7.30 18.84
C VAL B 283 -18.65 6.24 18.09
N ALA B 284 -17.82 5.47 18.78
CA ALA B 284 -17.04 4.43 18.12
C ALA B 284 -17.93 3.35 17.54
N LYS B 285 -18.87 2.85 18.35
CA LYS B 285 -19.73 1.77 17.89
C LYS B 285 -20.61 2.24 16.74
N VAL B 286 -21.05 3.49 16.76
CA VAL B 286 -21.76 4.05 15.61
C VAL B 286 -20.83 4.11 14.41
N THR B 287 -19.60 4.57 14.61
CA THR B 287 -18.68 4.76 13.50
C THR B 287 -18.34 3.44 12.81
N VAL B 288 -17.94 2.44 13.58
CA VAL B 288 -17.60 1.14 12.98
C VAL B 288 -18.79 0.56 12.27
N PHE B 289 -20.00 0.82 12.75
CA PHE B 289 -21.20 0.28 12.13
C PHE B 289 -21.33 0.76 10.70
N PHE B 290 -21.23 2.08 10.49
CA PHE B 290 -21.28 2.62 9.14
C PHE B 290 -20.08 2.17 8.32
N LEU B 291 -18.89 2.21 8.92
CA LEU B 291 -17.69 1.79 8.20
C LEU B 291 -17.81 0.37 7.70
N SER B 292 -18.43 -0.51 8.49
CA SER B 292 -18.65 -1.89 8.07
C SER B 292 -19.65 -1.99 6.92
N HIS B 293 -20.41 -0.93 6.64
CA HIS B 293 -21.38 -0.93 5.55
C HIS B 293 -20.93 -0.13 4.35
N ILE B 294 -19.76 0.49 4.40
CA ILE B 294 -19.22 1.22 3.25
C ILE B 294 -18.42 0.24 2.39
N PHE B 295 -18.76 0.16 1.11
CA PHE B 295 -18.11 -0.74 0.16
C PHE B 295 -17.58 0.06 -1.02
N ASN B 296 -16.31 -0.17 -1.35
CA ASN B 296 -15.68 0.42 -2.54
C ASN B 296 -15.85 1.94 -2.49
N ASP B 297 -15.44 2.53 -1.36
CA ASP B 297 -15.32 3.97 -1.25
C ASP B 297 -14.33 4.27 -0.12
N ALA B 298 -13.07 4.52 -0.50
CA ALA B 298 -12.04 4.76 0.50
C ALA B 298 -12.12 6.18 1.04
N LEU B 299 -12.40 7.15 0.17
CA LEU B 299 -12.45 8.54 0.60
C LEU B 299 -13.46 8.71 1.73
N VAL B 300 -14.60 8.05 1.63
CA VAL B 300 -15.63 8.18 2.66
C VAL B 300 -15.18 7.56 3.97
N GLU B 301 -14.48 6.42 3.90
CA GLU B 301 -13.94 5.82 5.13
C GLU B 301 -13.00 6.79 5.83
N ILE B 302 -12.04 7.35 5.10
CA ILE B 302 -11.08 8.27 5.71
C ILE B 302 -11.80 9.49 6.25
N THR B 303 -12.72 10.05 5.46
CA THR B 303 -13.45 11.23 5.85
C THR B 303 -14.29 10.98 7.09
N ILE B 304 -14.94 9.82 7.16
CA ILE B 304 -15.74 9.46 8.33
C ILE B 304 -14.84 9.39 9.57
N THR B 305 -13.68 8.75 9.45
CA THR B 305 -12.77 8.68 10.59
C THR B 305 -12.39 10.07 11.08
N LEU B 306 -12.02 10.96 10.15
CA LEU B 306 -11.64 12.31 10.54
C LEU B 306 -12.77 13.04 11.26
N ALA B 307 -13.96 13.06 10.64
CA ALA B 307 -15.07 13.80 11.22
C ALA B 307 -15.49 13.23 12.56
N ALA B 308 -15.48 11.91 12.68
CA ALA B 308 -15.80 11.28 13.95
C ALA B 308 -14.80 11.69 15.03
N THR B 309 -13.51 11.69 14.68
CA THR B 309 -12.49 12.04 15.67
C THR B 309 -12.68 13.47 16.16
N TYR B 310 -12.88 14.42 15.24
CA TYR B 310 -12.94 15.82 15.66
C TYR B 310 -14.27 16.16 16.30
N LEU B 311 -15.37 15.59 15.80
CA LEU B 311 -16.67 15.84 16.42
C LEU B 311 -16.74 15.25 17.82
N THR B 312 -16.17 14.06 18.02
CA THR B 312 -16.16 13.46 19.34
C THR B 312 -15.54 14.39 20.37
N TYR B 313 -14.36 14.92 20.07
CA TYR B 313 -13.72 15.86 20.99
C TYR B 313 -14.51 17.15 21.10
N TYR B 314 -14.92 17.73 19.96
CA TYR B 314 -15.58 19.02 19.98
C TYR B 314 -16.92 18.94 20.72
N ILE B 315 -17.73 17.95 20.38
CA ILE B 315 -19.04 17.82 21.01
C ILE B 315 -18.88 17.50 22.49
N GLY B 316 -17.99 16.57 22.82
CA GLY B 316 -17.80 16.16 24.20
C GLY B 316 -17.32 17.30 25.10
N ASP B 317 -16.40 18.11 24.60
CA ASP B 317 -15.79 19.14 25.44
C ASP B 317 -16.63 20.41 25.44
N ILE B 318 -17.26 20.73 24.31
CA ILE B 318 -17.91 22.03 24.17
C ILE B 318 -19.42 21.97 24.44
N TRP B 319 -20.10 20.94 23.92
CA TRP B 319 -21.55 20.84 24.05
C TRP B 319 -21.99 20.04 25.26
N LEU B 320 -21.32 18.92 25.55
CA LEU B 320 -21.67 18.07 26.67
C LEU B 320 -20.85 18.37 27.92
N GLU B 321 -19.87 19.26 27.83
CA GLU B 321 -18.91 19.50 28.91
C GLU B 321 -18.22 18.23 29.34
N VAL B 322 -18.20 17.23 28.46
CA VAL B 322 -17.58 15.94 28.76
C VAL B 322 -16.11 15.98 28.39
N SER B 323 -15.32 15.11 29.02
CA SER B 323 -13.89 15.04 28.76
C SER B 323 -13.64 14.58 27.33
N GLY B 324 -13.20 15.51 26.48
CA GLY B 324 -12.92 15.15 25.10
C GLY B 324 -11.75 14.20 24.95
N VAL B 325 -10.69 14.43 25.71
CA VAL B 325 -9.46 13.65 25.52
C VAL B 325 -9.73 12.17 25.76
N LEU B 326 -10.41 11.84 26.85
CA LEU B 326 -10.68 10.45 27.15
C LEU B 326 -11.62 9.83 26.12
N ALA B 327 -12.62 10.60 25.66
CA ALA B 327 -13.50 10.10 24.61
C ALA B 327 -12.71 9.73 23.37
N VAL B 328 -11.77 10.60 22.96
CA VAL B 328 -10.93 10.29 21.82
C VAL B 328 -10.04 9.09 22.12
N VAL B 329 -9.52 9.02 23.34
CA VAL B 329 -8.65 7.91 23.72
C VAL B 329 -9.41 6.59 23.53
N VAL B 330 -10.63 6.52 24.05
CA VAL B 330 -11.44 5.32 23.87
C VAL B 330 -11.77 5.13 22.39
N LEU B 331 -12.13 6.22 21.71
CA LEU B 331 -12.50 6.11 20.30
C LEU B 331 -11.34 5.59 19.46
N GLY B 332 -10.14 6.11 19.68
CA GLY B 332 -8.99 5.60 18.96
C GLY B 332 -8.71 4.14 19.30
N LEU B 333 -8.82 3.79 20.57
CA LEU B 333 -8.57 2.41 20.98
C LEU B 333 -9.63 1.46 20.40
N ILE B 334 -10.90 1.86 20.47
CA ILE B 334 -11.96 1.00 19.94
C ILE B 334 -11.81 0.81 18.45
N VAL B 335 -11.55 1.90 17.72
CA VAL B 335 -11.36 1.80 16.27
C VAL B 335 -10.16 0.94 15.95
N ASN B 336 -9.05 1.13 16.66
CA ASN B 336 -7.88 0.29 16.47
C ASN B 336 -8.23 -1.19 16.66
N ALA B 337 -9.07 -1.48 17.65
CA ALA B 337 -9.49 -2.86 17.88
C ALA B 337 -10.35 -3.37 16.73
N GLU B 338 -11.23 -2.53 16.20
CA GLU B 338 -12.18 -2.92 15.17
C GLU B 338 -11.68 -2.62 13.76
N LYS B 339 -10.37 -2.70 13.54
CA LYS B 339 -9.79 -2.35 12.25
C LYS B 339 -10.32 -3.23 11.13
N THR B 340 -10.81 -4.43 11.44
CA THR B 340 -11.33 -5.31 10.40
C THR B 340 -12.49 -4.69 9.64
N SER B 341 -13.26 -3.81 10.28
CA SER B 341 -14.34 -3.13 9.59
C SER B 341 -13.83 -2.13 8.56
N ILE B 342 -12.54 -1.83 8.57
CA ILE B 342 -11.94 -0.87 7.66
C ILE B 342 -11.24 -1.65 6.54
N SER B 343 -11.31 -1.11 5.33
CA SER B 343 -10.65 -1.75 4.21
C SER B 343 -9.13 -1.72 4.44
N PRO B 344 -8.42 -2.82 4.15
CA PRO B 344 -6.98 -2.85 4.44
C PRO B 344 -6.22 -1.71 3.76
N GLU B 345 -6.59 -1.36 2.54
CA GLU B 345 -5.88 -0.29 1.84
C GLU B 345 -6.06 1.04 2.53
N VAL B 346 -7.18 1.22 3.24
CA VAL B 346 -7.40 2.45 4.00
C VAL B 346 -6.69 2.37 5.35
N GLU B 347 -6.63 1.18 5.95
CA GLU B 347 -5.97 1.03 7.24
C GLU B 347 -4.51 1.48 7.16
N VAL B 348 -3.78 0.98 6.16
CA VAL B 348 -2.38 1.37 6.00
C VAL B 348 -2.28 2.87 5.75
N PHE B 349 -3.23 3.44 5.01
CA PHE B 349 -3.21 4.87 4.74
C PHE B 349 -3.40 5.68 6.02
N LEU B 350 -4.34 5.24 6.86
CA LEU B 350 -4.69 6.04 8.05
C LEU B 350 -3.51 6.13 9.01
N HIS B 351 -2.82 5.03 9.26
CA HIS B 351 -1.68 5.06 10.18
C HIS B 351 -0.65 6.09 9.72
N ARG B 352 -0.27 6.03 8.44
CA ARG B 352 0.69 7.00 7.90
C ARG B 352 0.10 8.40 7.88
N PHE B 353 -1.23 8.50 7.75
CA PHE B 353 -1.88 9.81 7.70
C PHE B 353 -1.88 10.46 9.08
N TRP B 354 -2.37 9.76 10.08
CA TRP B 354 -2.38 10.29 11.43
C TRP B 354 -0.96 10.48 11.97
N GLU B 355 -0.03 9.60 11.57
CA GLU B 355 1.36 9.79 11.94
C GLU B 355 1.90 11.10 11.38
N MET B 356 1.58 11.41 10.13
CA MET B 356 2.00 12.68 9.53
C MET B 356 1.40 13.86 10.26
N LEU B 357 0.11 13.78 10.60
CA LEU B 357 -0.52 14.88 11.32
C LEU B 357 0.12 15.09 12.69
N ALA B 358 0.42 13.99 13.39
CA ALA B 358 1.10 14.11 14.68
C ALA B 358 2.50 14.70 14.50
N TYR B 359 3.21 14.31 13.44
CA TYR B 359 4.52 14.90 13.18
C TYR B 359 4.40 16.40 13.01
N LEU B 360 3.41 16.84 12.24
CA LEU B 360 3.21 18.28 12.04
C LEU B 360 2.92 18.97 13.36
N ALA B 361 2.05 18.36 14.18
CA ALA B 361 1.73 18.97 15.47
C ALA B 361 2.97 19.09 16.34
N ASN B 362 3.76 18.03 16.43
CA ASN B 362 4.99 18.10 17.22
C ASN B 362 5.89 19.20 16.72
N THR B 363 6.18 19.20 15.42
CA THR B 363 7.07 20.20 14.85
C THR B 363 6.58 21.61 15.09
N LEU B 364 5.28 21.86 14.91
CA LEU B 364 4.73 23.18 15.22
C LEU B 364 5.00 23.55 16.67
N ILE B 365 4.60 22.68 17.60
CA ILE B 365 4.62 23.04 19.02
C ILE B 365 6.03 23.44 19.44
N PHE B 366 7.02 22.64 19.04
CA PHE B 366 8.39 22.94 19.43
C PHE B 366 8.83 24.31 18.93
N MET B 367 8.45 24.67 17.71
CA MET B 367 8.84 25.96 17.15
C MET B 367 8.10 27.12 17.81
N MET B 368 6.81 26.95 18.12
CA MET B 368 6.10 27.97 18.88
C MET B 368 6.76 28.18 20.24
N VAL B 369 7.19 27.08 20.88
CA VAL B 369 7.90 27.20 22.15
C VAL B 369 9.20 27.98 21.94
N GLY B 370 9.97 27.59 20.94
CA GLY B 370 11.23 28.28 20.70
C GLY B 370 11.04 29.76 20.46
N VAL B 371 9.93 30.13 19.83
CA VAL B 371 9.66 31.54 19.58
C VAL B 371 9.30 32.25 20.88
N VAL B 372 8.25 31.79 21.56
CA VAL B 372 7.76 32.50 22.72
C VAL B 372 8.75 32.43 23.88
N VAL B 373 9.43 31.29 24.05
CA VAL B 373 10.36 31.16 25.17
C VAL B 373 11.43 32.24 25.10
N THR B 374 11.88 32.56 23.89
CA THR B 374 12.89 33.59 23.69
C THR B 374 12.32 35.00 23.82
N GLN B 375 11.11 35.23 23.33
CA GLN B 375 10.54 36.57 23.34
C GLN B 375 10.15 36.99 24.76
N LYS B 376 9.50 36.10 25.50
CA LYS B 376 8.76 36.49 26.70
C LYS B 376 9.25 35.80 27.96
N ALA B 377 9.66 34.53 27.84
CA ALA B 377 10.04 33.76 29.01
C ALA B 377 11.45 34.08 29.47
N LEU B 378 12.43 33.92 28.57
CA LEU B 378 13.83 34.07 28.95
C LEU B 378 14.16 35.49 29.38
N VAL B 379 13.33 36.48 29.03
CA VAL B 379 13.59 37.86 29.44
C VAL B 379 13.24 38.12 30.90
N ALA B 380 12.58 37.18 31.58
CA ALA B 380 12.18 37.35 32.97
C ALA B 380 12.81 36.30 33.88
N VAL B 381 13.92 35.69 33.47
CA VAL B 381 14.57 34.68 34.28
C VAL B 381 15.38 35.35 35.39
N ASP B 382 15.59 34.59 36.47
CA ASP B 382 16.47 35.01 37.56
C ASP B 382 17.59 33.99 37.68
N LYS B 383 18.63 34.37 38.41
CA LYS B 383 19.85 33.56 38.48
C LYS B 383 19.57 32.19 39.11
N MET B 384 18.83 32.14 40.22
CA MET B 384 18.59 30.89 40.92
C MET B 384 17.68 29.93 40.15
N ASP B 385 16.93 30.41 39.15
CA ASP B 385 15.99 29.53 38.46
C ASP B 385 16.68 28.29 37.92
N TRP B 386 17.94 28.42 37.50
CA TRP B 386 18.68 27.26 37.00
C TRP B 386 18.93 26.23 38.09
N PHE B 387 19.18 26.69 39.32
CA PHE B 387 19.35 25.75 40.43
C PHE B 387 18.12 24.90 40.62
N TYR B 388 16.93 25.53 40.57
CA TYR B 388 15.69 24.79 40.70
C TYR B 388 15.51 23.82 39.55
N LEU B 389 15.90 24.22 38.33
CA LEU B 389 15.74 23.36 37.17
C LEU B 389 16.49 22.04 37.37
N ILE B 390 17.75 22.12 37.76
CA ILE B 390 18.55 20.91 37.96
C ILE B 390 17.97 20.08 39.08
N ILE B 391 17.66 20.71 40.22
CA ILE B 391 17.06 19.99 41.34
C ILE B 391 15.76 19.35 40.90
N LEU B 392 14.94 20.08 40.13
CA LEU B 392 13.66 19.55 39.68
C LEU B 392 13.85 18.33 38.78
N TYR B 393 14.81 18.40 37.85
CA TYR B 393 15.06 17.27 36.97
C TYR B 393 15.46 16.05 37.77
N LEU B 394 16.29 16.24 38.80
CA LEU B 394 16.64 15.12 39.66
C LEU B 394 15.44 14.62 40.45
N ALA B 395 14.60 15.53 40.92
CA ALA B 395 13.48 15.15 41.79
C ALA B 395 12.47 14.28 41.03
N ILE B 396 12.04 14.73 39.86
CA ILE B 396 11.05 13.95 39.11
C ILE B 396 11.61 12.58 38.77
N THR B 397 12.93 12.48 38.57
CA THR B 397 13.53 11.20 38.23
C THR B 397 13.48 10.24 39.40
N ILE B 398 13.85 10.70 40.60
CA ILE B 398 13.78 9.84 41.77
C ILE B 398 12.33 9.64 42.20
N ILE B 399 11.47 10.62 41.94
CA ILE B 399 10.05 10.47 42.25
C ILE B 399 9.46 9.33 41.41
N ARG B 400 9.77 9.32 40.12
CA ARG B 400 9.26 8.27 39.25
C ARG B 400 9.78 6.91 39.67
N GLY B 401 11.07 6.82 40.01
CA GLY B 401 11.62 5.56 40.44
C GLY B 401 11.02 5.08 41.75
N MET B 402 10.83 6.00 42.70
CA MET B 402 10.23 5.65 43.98
C MET B 402 8.80 5.16 43.77
N VAL B 403 8.06 5.80 42.88
CA VAL B 403 6.69 5.37 42.59
C VAL B 403 6.70 3.97 41.99
N ILE B 404 7.59 3.73 41.02
CA ILE B 404 7.63 2.44 40.33
C ILE B 404 8.02 1.34 41.31
N SER B 405 9.05 1.58 42.12
CA SER B 405 9.46 0.59 43.11
C SER B 405 8.40 0.39 44.18
N LEU B 406 7.75 1.46 44.62
CA LEU B 406 6.74 1.36 45.67
C LEU B 406 5.59 0.46 45.23
N PHE B 407 5.12 0.61 43.99
CA PHE B 407 4.08 -0.26 43.46
C PHE B 407 4.64 -1.60 42.98
N SER B 408 5.96 -1.73 42.89
CA SER B 408 6.55 -2.94 42.31
C SER B 408 6.06 -4.22 42.98
N PRO B 409 5.94 -4.31 44.31
CA PRO B 409 5.38 -5.54 44.89
C PRO B 409 3.99 -5.86 44.36
N ILE B 410 3.16 -4.84 44.18
CA ILE B 410 1.82 -5.06 43.64
C ILE B 410 1.90 -5.51 42.18
N LEU B 411 2.77 -4.88 41.41
CA LEU B 411 2.89 -5.21 39.99
C LEU B 411 3.43 -6.63 39.80
N SER B 412 4.31 -7.08 40.69
CA SER B 412 4.83 -8.43 40.59
C SER B 412 3.71 -9.46 40.55
N ARG B 413 2.62 -9.21 41.27
CA ARG B 413 1.46 -10.09 41.27
C ARG B 413 0.53 -9.81 40.10
N ILE B 414 0.25 -8.53 39.85
CA ILE B 414 -0.69 -8.14 38.80
C ILE B 414 0.11 -7.90 37.53
N GLY B 415 -0.16 -8.70 36.51
CA GLY B 415 0.49 -8.53 35.22
C GLY B 415 1.78 -9.33 35.10
N TYR B 416 2.69 -8.83 34.26
CA TYR B 416 3.93 -9.55 33.99
C TYR B 416 4.97 -9.37 35.09
N GLY B 417 4.90 -8.28 35.85
CA GLY B 417 5.88 -8.02 36.89
C GLY B 417 7.07 -7.26 36.36
N LEU B 418 7.73 -6.48 37.21
CA LEU B 418 8.82 -5.62 36.80
C LEU B 418 10.14 -6.09 37.41
N THR B 419 11.14 -6.32 36.58
CA THR B 419 12.50 -6.49 37.05
C THR B 419 13.10 -5.14 37.40
N TRP B 420 14.15 -5.16 38.23
CA TRP B 420 14.78 -3.92 38.63
C TRP B 420 15.35 -3.16 37.44
N ARG B 421 15.90 -3.89 36.47
CA ARG B 421 16.44 -3.22 35.27
C ARG B 421 15.32 -2.60 34.44
N ASN B 422 14.23 -3.35 34.23
CA ASN B 422 13.10 -2.80 33.48
C ASN B 422 12.54 -1.57 34.19
N ALA B 423 12.52 -1.59 35.52
CA ALA B 423 12.04 -0.44 36.26
C ALA B 423 12.87 0.80 35.95
N VAL B 424 14.20 0.63 35.88
CA VAL B 424 15.06 1.77 35.57
C VAL B 424 14.77 2.31 34.18
N ILE B 425 14.57 1.41 33.21
CA ILE B 425 14.26 1.84 31.85
C ILE B 425 13.03 2.74 31.85
N MET B 426 11.96 2.30 32.54
CA MET B 426 10.78 3.15 32.68
C MET B 426 11.11 4.45 33.37
N THR B 427 11.92 4.38 34.44
CA THR B 427 12.32 5.58 35.16
C THR B 427 13.17 6.49 34.29
N TRP B 428 14.12 5.91 33.56
CA TRP B 428 15.05 6.70 32.77
C TRP B 428 14.40 7.22 31.49
N GLY B 429 13.48 6.45 30.92
CA GLY B 429 12.83 6.79 29.68
C GLY B 429 11.62 7.68 29.79
N GLY B 430 11.39 8.31 30.93
CA GLY B 430 10.25 9.17 31.11
C GLY B 430 10.42 10.52 30.43
N LEU B 431 10.52 10.50 29.10
CA LEU B 431 10.71 11.74 28.35
C LEU B 431 9.45 12.60 28.37
N ARG B 432 9.66 13.90 28.49
CA ARG B 432 8.60 14.89 28.33
C ARG B 432 8.60 15.39 26.89
N GLY B 433 7.59 16.19 26.55
CA GLY B 433 7.52 16.71 25.20
C GLY B 433 6.33 17.58 24.86
N ALA B 434 5.73 17.31 23.69
CA ALA B 434 4.75 18.23 23.13
C ALA B 434 3.56 18.44 24.06
N VAL B 435 3.02 17.36 24.63
CA VAL B 435 1.84 17.48 25.47
C VAL B 435 2.12 18.38 26.66
N GLY B 436 3.26 18.19 27.31
CA GLY B 436 3.63 19.08 28.40
C GLY B 436 3.83 20.50 27.92
N LEU B 437 4.47 20.66 26.77
CA LEU B 437 4.70 22.00 26.24
C LEU B 437 3.40 22.67 25.82
N ALA B 438 2.50 21.91 25.19
CA ALA B 438 1.24 22.49 24.74
C ALA B 438 0.47 23.06 25.91
N LEU B 439 0.43 22.34 27.03
CA LEU B 439 -0.27 22.83 28.21
C LEU B 439 0.45 24.00 28.84
N ALA B 440 1.79 24.05 28.74
CA ALA B 440 2.52 25.22 29.22
C ALA B 440 2.21 26.45 28.38
N LEU B 441 2.11 26.27 27.06
CA LEU B 441 1.74 27.39 26.19
C LEU B 441 0.38 27.94 26.58
N VAL B 442 -0.55 27.06 26.97
CA VAL B 442 -1.87 27.52 27.40
C VAL B 442 -1.74 28.46 28.58
N VAL B 443 -0.89 28.09 29.55
CA VAL B 443 -0.70 28.95 30.71
C VAL B 443 -0.06 30.27 30.33
N GLU B 444 0.91 30.24 29.40
CA GLU B 444 1.58 31.48 29.00
C GLU B 444 0.60 32.48 28.44
N ASN B 445 -0.30 32.03 27.56
CA ASN B 445 -1.33 32.92 27.04
C ASN B 445 -2.26 33.40 28.13
N LEU B 446 -2.61 32.51 29.06
CA LEU B 446 -3.60 32.82 30.08
C LEU B 446 -3.03 33.67 31.20
N ALA B 447 -1.75 33.50 31.54
CA ALA B 447 -1.14 34.30 32.60
C ALA B 447 -0.92 35.74 32.20
N GLY B 448 -0.80 36.03 30.91
CA GLY B 448 -0.57 37.39 30.48
C GLY B 448 0.74 37.92 31.03
N ASN B 449 0.64 38.97 31.85
CA ASN B 449 1.82 39.61 32.39
C ASN B 449 2.34 38.94 33.67
N ASP B 450 1.62 37.95 34.20
CA ASP B 450 2.07 37.26 35.39
C ASP B 450 3.30 36.41 35.09
N VAL B 451 4.22 36.38 36.06
CA VAL B 451 5.47 35.63 35.90
C VAL B 451 5.22 34.14 35.75
N ILE B 452 4.12 33.63 36.28
CA ILE B 452 3.91 32.19 36.36
C ILE B 452 3.97 31.57 34.96
N GLY B 453 3.35 32.22 33.99
CA GLY B 453 3.39 31.69 32.64
C GLY B 453 4.80 31.59 32.10
N SER B 454 5.67 32.53 32.50
CA SER B 454 7.06 32.50 32.05
C SER B 454 7.81 31.32 32.67
N LYS B 455 7.69 31.15 33.98
CA LYS B 455 8.45 30.11 34.67
C LYS B 455 7.85 28.72 34.45
N PHE B 456 6.53 28.62 34.27
CA PHE B 456 5.95 27.35 33.83
C PHE B 456 6.58 26.92 32.52
N LEU B 457 6.65 27.82 31.55
CA LEU B 457 7.27 27.51 30.27
C LEU B 457 8.76 27.26 30.41
N PHE B 458 9.42 28.05 31.26
CA PHE B 458 10.86 27.90 31.44
C PHE B 458 11.20 26.49 31.93
N HIS B 459 10.57 26.06 33.02
CA HIS B 459 10.90 24.77 33.61
C HIS B 459 10.42 23.62 32.73
N THR B 460 9.22 23.74 32.15
CA THR B 460 8.75 22.73 31.22
C THR B 460 9.72 22.57 30.04
N ALA B 461 10.11 23.69 29.43
CA ALA B 461 11.03 23.61 28.30
C ALA B 461 12.37 23.04 28.73
N GLY B 462 12.90 23.50 29.86
CA GLY B 462 14.20 23.02 30.31
C GLY B 462 14.20 21.53 30.56
N ILE B 463 13.17 21.04 31.25
CA ILE B 463 13.08 19.60 31.53
C ILE B 463 12.96 18.81 30.24
N VAL B 464 12.21 19.33 29.27
CA VAL B 464 12.14 18.68 27.96
C VAL B 464 13.52 18.61 27.33
N VAL B 465 14.26 19.72 27.40
CA VAL B 465 15.60 19.75 26.80
C VAL B 465 16.52 18.75 27.49
N LEU B 466 16.52 18.75 28.82
CA LEU B 466 17.43 17.88 29.56
C LEU B 466 17.12 16.42 29.29
N THR B 467 15.84 16.03 29.37
CA THR B 467 15.46 14.66 29.08
C THR B 467 15.85 14.27 27.67
N LEU B 468 15.75 15.20 26.73
CA LEU B 468 16.12 14.93 25.35
C LEU B 468 17.63 14.94 25.17
N VAL B 469 18.33 15.78 25.94
CA VAL B 469 19.78 15.87 25.81
C VAL B 469 20.47 14.74 26.54
N ILE B 470 19.93 14.31 27.68
CA ILE B 470 20.57 13.33 28.56
C ILE B 470 19.90 11.97 28.46
N ASN B 471 18.62 11.88 28.85
CA ASN B 471 17.96 10.58 28.92
C ASN B 471 17.81 9.97 27.54
N ALA B 472 17.38 10.77 26.55
CA ALA B 472 17.22 10.26 25.20
C ALA B 472 18.54 9.87 24.57
N THR B 473 19.66 10.42 25.05
CA THR B 473 20.96 10.14 24.46
C THR B 473 21.69 9.00 25.15
N THR B 474 21.60 8.92 26.48
CA THR B 474 22.29 7.88 27.22
C THR B 474 21.49 6.59 27.32
N ILE B 475 20.24 6.59 26.90
CA ILE B 475 19.37 5.42 27.09
C ILE B 475 19.96 4.20 26.38
N GLN B 476 20.52 4.40 25.19
CA GLN B 476 21.09 3.28 24.46
C GLN B 476 22.28 2.68 25.21
N THR B 477 23.17 3.53 25.71
CA THR B 477 24.31 3.03 26.47
C THR B 477 23.87 2.33 27.74
N LEU B 478 22.87 2.89 28.44
CA LEU B 478 22.36 2.24 29.64
C LEU B 478 21.76 0.86 29.32
N LEU B 479 21.04 0.77 28.20
CA LEU B 479 20.53 -0.54 27.78
C LEU B 479 21.67 -1.51 27.50
N ARG B 480 22.76 -1.03 26.92
CA ARG B 480 23.94 -1.87 26.74
C ARG B 480 24.49 -2.33 28.09
N ILE B 481 24.55 -1.41 29.06
CA ILE B 481 25.10 -1.75 30.37
C ILE B 481 24.27 -2.83 31.04
N LEU B 482 22.94 -2.70 30.97
CA LEU B 482 22.05 -3.63 31.63
C LEU B 482 21.97 -4.98 30.91
N GLY B 483 22.62 -5.11 29.76
CA GLY B 483 22.57 -6.36 29.02
C GLY B 483 21.29 -6.61 28.29
N MET B 484 20.49 -5.57 28.06
CA MET B 484 19.20 -5.72 27.38
C MET B 484 19.31 -5.54 25.88
N SER B 485 20.27 -4.74 25.41
CA SER B 485 20.45 -4.50 23.99
C SER B 485 21.12 -5.66 23.27
N ASP B 486 21.67 -6.63 23.99
CA ASP B 486 22.36 -7.74 23.36
C ASP B 486 21.40 -8.50 22.46
N ILE B 487 21.85 -8.79 21.23
CA ILE B 487 21.05 -9.55 20.29
C ILE B 487 21.16 -11.03 20.66
N SER B 488 20.01 -11.68 20.83
CA SER B 488 20.01 -13.08 21.21
C SER B 488 20.61 -13.95 20.11
N ILE B 489 21.24 -15.05 20.52
CA ILE B 489 21.91 -15.92 19.57
C ILE B 489 20.98 -16.36 18.44
N PRO B 490 19.73 -16.75 18.70
CA PRO B 490 18.86 -17.16 17.58
C PRO B 490 18.73 -16.10 16.50
N LYS B 491 18.64 -14.83 16.89
CA LYS B 491 18.51 -13.76 15.91
C LYS B 491 19.81 -13.59 15.12
N ARG B 492 20.95 -13.73 15.79
CA ARG B 492 22.23 -13.68 15.07
C ARG B 492 22.30 -14.80 14.04
N LEU B 493 21.88 -16.01 14.42
CA LEU B 493 21.87 -17.13 13.49
C LEU B 493 20.96 -16.84 12.30
N ALA B 494 19.76 -16.35 12.57
CA ALA B 494 18.82 -16.06 11.49
C ALA B 494 19.38 -15.01 10.54
N MET B 495 19.97 -13.95 11.08
CA MET B 495 20.55 -12.90 10.24
C MET B 495 21.70 -13.43 9.41
N ALA B 496 22.58 -14.24 10.01
CA ALA B 496 23.70 -14.79 9.25
C ALA B 496 23.20 -15.67 8.11
N GLY B 497 22.24 -16.54 8.37
CA GLY B 497 21.70 -17.38 7.31
C GLY B 497 21.02 -16.56 6.22
N ALA B 498 20.23 -15.56 6.61
CA ALA B 498 19.53 -14.74 5.63
C ALA B 498 20.51 -13.98 4.75
N VAL B 499 21.54 -13.39 5.36
CA VAL B 499 22.54 -12.68 4.58
C VAL B 499 23.24 -13.63 3.62
N ARG B 500 23.61 -14.82 4.10
CA ARG B 500 24.30 -15.77 3.25
C ARG B 500 23.46 -16.14 2.04
N ARG B 501 22.19 -16.53 2.26
CA ARG B 501 21.34 -16.88 1.14
C ARG B 501 21.18 -15.73 0.17
N ILE B 502 21.01 -14.50 0.69
CA ILE B 502 20.90 -13.35 -0.18
C ILE B 502 22.17 -13.15 -1.00
N HIS B 503 23.32 -13.32 -0.34
CA HIS B 503 24.59 -13.15 -1.05
C HIS B 503 24.72 -14.15 -2.18
N GLU B 504 24.34 -15.40 -1.96
CA GLU B 504 24.38 -16.40 -3.01
C GLU B 504 23.42 -16.04 -4.14
N GLY B 505 22.23 -15.56 -3.81
CA GLY B 505 21.27 -15.21 -4.84
C GLY B 505 21.79 -14.14 -5.78
N GLN B 506 22.42 -13.11 -5.23
CA GLN B 506 23.01 -12.07 -6.06
C GLN B 506 24.09 -12.62 -6.97
N ASN B 507 24.94 -13.51 -6.44
CA ASN B 507 25.99 -14.12 -7.24
C ASN B 507 25.41 -14.89 -8.42
N ARG B 508 24.32 -15.63 -8.17
CA ARG B 508 23.63 -16.30 -9.27
C ARG B 508 23.10 -15.29 -10.28
N THR B 509 22.45 -14.24 -9.77
CA THR B 509 21.91 -13.21 -10.66
C THR B 509 23.02 -12.53 -11.46
N LEU B 510 24.17 -12.30 -10.80
CA LEU B 510 25.27 -11.62 -11.48
C LEU B 510 25.76 -12.43 -12.68
N ASN B 511 25.95 -13.74 -12.48
CA ASN B 511 26.43 -14.57 -13.57
C ASN B 511 25.42 -14.62 -14.71
N MET B 512 24.14 -14.64 -14.39
CA MET B 512 23.11 -14.65 -15.43
C MET B 512 23.20 -13.40 -16.29
N LEU B 513 23.39 -12.24 -15.65
CA LEU B 513 23.42 -10.99 -16.40
C LEU B 513 24.67 -10.89 -17.27
N LYS B 514 25.80 -11.42 -16.81
CA LYS B 514 27.02 -11.39 -17.61
C LYS B 514 26.88 -12.20 -18.89
N SER B 515 25.89 -13.08 -18.96
CA SER B 515 25.60 -13.85 -20.17
C SER B 515 24.55 -13.18 -21.05
N ASP B 516 24.09 -11.98 -20.68
CA ASP B 516 23.07 -11.26 -21.42
C ASP B 516 23.75 -10.42 -22.49
N ARG B 517 23.26 -10.53 -23.73
CA ARG B 517 23.81 -9.75 -24.83
C ARG B 517 23.63 -8.26 -24.61
N PHE B 518 22.57 -7.85 -23.90
CA PHE B 518 22.30 -6.44 -23.71
C PHE B 518 23.19 -5.83 -22.64
N LEU B 519 23.48 -6.58 -21.57
CA LEU B 519 24.16 -6.04 -20.40
C LEU B 519 25.57 -6.58 -20.22
N ALA B 520 26.17 -7.13 -21.27
CA ALA B 520 27.48 -7.76 -21.15
C ALA B 520 28.58 -6.76 -20.77
N ASP B 521 28.41 -5.48 -21.09
CA ASP B 521 29.46 -4.49 -20.93
C ASP B 521 29.20 -3.51 -19.79
N ALA B 522 28.39 -3.91 -18.80
CA ALA B 522 28.19 -3.06 -17.63
C ALA B 522 29.38 -3.17 -16.69
N ASP B 523 29.68 -2.06 -16.01
CA ASP B 523 30.79 -2.01 -15.06
C ASP B 523 30.40 -2.81 -13.83
N TRP B 524 30.81 -4.08 -13.82
CA TRP B 524 30.42 -4.99 -12.75
C TRP B 524 31.07 -4.64 -11.42
N ASP B 525 32.22 -3.96 -11.44
CA ASP B 525 32.81 -3.51 -10.19
C ASP B 525 31.89 -2.55 -9.45
N ILE B 526 31.25 -1.62 -10.18
CA ILE B 526 30.27 -0.74 -9.57
C ILE B 526 29.07 -1.54 -9.10
N ALA B 527 28.56 -2.42 -9.94
CA ALA B 527 27.32 -3.13 -9.64
C ALA B 527 27.47 -3.97 -8.37
N THR B 528 28.51 -4.81 -8.31
CA THR B 528 28.68 -5.70 -7.16
C THR B 528 28.78 -4.91 -5.86
N ALA B 529 29.52 -3.80 -5.87
CA ALA B 529 29.65 -3.00 -4.67
C ALA B 529 28.33 -2.36 -4.27
N ALA B 530 27.54 -1.93 -5.25
CA ALA B 530 26.32 -1.20 -4.93
C ALA B 530 25.22 -2.12 -4.40
N CYS B 531 25.16 -3.36 -4.84
CA CYS B 531 24.07 -4.25 -4.46
C CYS B 531 24.39 -5.12 -3.25
N GLU B 532 25.61 -5.04 -2.72
CA GLU B 532 25.99 -5.94 -1.63
C GLU B 532 25.22 -5.61 -0.35
N ILE B 533 24.76 -6.67 0.32
CA ILE B 533 24.07 -6.55 1.60
C ILE B 533 24.99 -7.10 2.68
N SER B 534 25.09 -6.37 3.79
CA SER B 534 26.00 -6.70 4.88
C SER B 534 25.21 -6.96 6.15
N ASP B 535 25.74 -7.84 7.00
CA ASP B 535 25.08 -8.20 8.24
C ASP B 535 25.05 -6.99 9.17
N PRO B 536 23.88 -6.54 9.63
CA PRO B 536 23.82 -5.37 10.52
C PRO B 536 24.32 -5.65 11.94
N TYR B 537 24.40 -6.91 12.35
CA TYR B 537 24.83 -7.26 13.70
C TYR B 537 26.33 -7.52 13.79
N SER B 538 27.07 -7.34 12.69
CA SER B 538 28.51 -7.56 12.70
C SER B 538 29.21 -6.51 13.55
N SER B 572 24.67 -40.36 27.92
CA SER B 572 24.99 -40.28 29.34
C SER B 572 24.14 -39.20 29.98
N PRO B 573 23.95 -39.25 31.30
CA PRO B 573 23.06 -38.28 31.94
C PRO B 573 23.45 -36.83 31.67
N ARG B 574 24.74 -36.51 31.73
CA ARG B 574 25.15 -35.13 31.46
C ARG B 574 24.91 -34.76 30.01
N GLU B 575 25.12 -35.69 29.08
CA GLU B 575 24.81 -35.44 27.68
C GLU B 575 23.30 -35.25 27.50
N PHE B 576 22.50 -36.10 28.14
CA PHE B 576 21.05 -35.97 28.04
C PHE B 576 20.56 -34.65 28.62
N ALA B 577 21.24 -34.16 29.66
CA ALA B 577 20.79 -32.96 30.35
C ALA B 577 20.72 -31.75 29.43
N ASP B 578 21.49 -31.75 28.33
CA ASP B 578 21.44 -30.68 27.35
C ASP B 578 21.06 -31.14 25.95
N MET B 579 21.23 -32.43 25.64
CA MET B 579 20.69 -32.95 24.39
C MET B 579 19.18 -32.75 24.32
N MET B 580 18.51 -32.90 25.47
CA MET B 580 17.09 -32.60 25.54
C MET B 580 16.82 -31.12 25.29
N GLU B 581 17.68 -30.24 25.80
CA GLU B 581 17.52 -28.81 25.54
C GLU B 581 17.56 -28.53 24.05
N GLU B 582 18.47 -29.18 23.32
CA GLU B 582 18.49 -29.05 21.87
C GLU B 582 17.17 -29.53 21.28
N ALA B 583 16.65 -30.65 21.79
CA ALA B 583 15.35 -31.14 21.31
C ALA B 583 14.24 -30.14 21.61
N ARG B 584 14.23 -29.59 22.83
CA ARG B 584 13.23 -28.59 23.18
C ARG B 584 13.30 -27.40 22.25
N LEU B 585 14.50 -26.82 22.12
CA LEU B 585 14.65 -25.59 21.35
C LEU B 585 14.35 -25.82 19.88
N ARG B 586 14.81 -26.95 19.34
CA ARG B 586 14.58 -27.25 17.93
C ARG B 586 13.11 -27.53 17.65
N MET B 587 12.43 -28.22 18.56
CA MET B 587 10.99 -28.39 18.43
C MET B 587 10.29 -27.04 18.54
N LEU B 588 10.62 -26.26 19.57
CA LEU B 588 9.98 -24.96 19.76
C LEU B 588 10.23 -24.06 18.56
N LYS B 589 11.44 -24.07 18.02
CA LYS B 589 11.73 -23.30 16.82
C LYS B 589 10.86 -23.75 15.65
N ALA B 590 10.68 -25.06 15.49
CA ALA B 590 9.84 -25.57 14.42
C ALA B 590 8.39 -25.12 14.59
N GLU B 591 7.89 -25.15 15.83
CA GLU B 591 6.52 -24.70 16.08
C GLU B 591 6.34 -23.25 15.64
N LYS B 592 7.30 -22.40 15.99
CA LYS B 592 7.22 -21.00 15.62
C LYS B 592 7.16 -20.83 14.11
N ILE B 593 7.90 -21.66 13.38
CA ILE B 593 7.89 -21.59 11.92
C ILE B 593 6.50 -21.92 11.39
N SER B 594 5.88 -22.97 11.92
CA SER B 594 4.58 -23.39 11.42
C SER B 594 3.53 -22.32 11.64
N TYR B 595 3.58 -21.64 12.78
CA TYR B 595 2.62 -20.57 13.06
C TYR B 595 2.77 -19.44 12.04
N TRP B 596 4.01 -19.09 11.70
CA TRP B 596 4.23 -18.07 10.68
C TRP B 596 3.73 -18.53 9.32
N LYS B 597 3.93 -19.80 9.00
CA LYS B 597 3.37 -20.36 7.77
C LYS B 597 1.87 -20.12 7.68
N GLN B 598 1.15 -20.52 8.73
CA GLN B 598 -0.31 -20.42 8.68
C GLN B 598 -0.77 -18.99 8.56
N PHE B 599 -0.07 -18.07 9.23
CA PHE B 599 -0.45 -16.66 9.16
C PHE B 599 -0.28 -16.11 7.75
N GLU B 600 0.83 -16.45 7.08
CA GLU B 600 1.10 -15.89 5.77
C GLU B 600 0.17 -16.42 4.68
N HIS B 601 -0.48 -17.56 4.90
CA HIS B 601 -1.43 -18.09 3.95
C HIS B 601 -2.88 -17.83 4.36
N GLY B 602 -3.09 -17.03 5.41
CA GLY B 602 -4.42 -16.62 5.80
C GLY B 602 -5.22 -17.65 6.57
N MET B 603 -4.63 -18.79 6.92
CA MET B 603 -5.34 -19.78 7.71
C MET B 603 -5.44 -19.38 9.17
N LEU B 604 -4.70 -18.36 9.60
CA LEU B 604 -4.57 -18.04 11.01
C LEU B 604 -4.53 -16.53 11.19
N ALA B 605 -5.30 -16.03 12.15
CA ALA B 605 -5.31 -14.60 12.44
C ALA B 605 -4.07 -14.20 13.23
N ARG B 606 -3.78 -12.90 13.20
CA ARG B 606 -2.56 -12.40 13.84
C ARG B 606 -2.63 -12.57 15.35
N GLU B 607 -3.81 -12.38 15.94
CA GLU B 607 -3.94 -12.49 17.40
C GLU B 607 -3.60 -13.90 17.86
N ALA B 608 -4.13 -14.92 17.18
CA ALA B 608 -3.79 -16.29 17.53
C ALA B 608 -2.32 -16.56 17.31
N LEU B 609 -1.75 -16.01 16.23
CA LEU B 609 -0.33 -16.21 15.96
C LEU B 609 0.53 -15.66 17.09
N ARG B 610 0.24 -14.43 17.52
CA ARG B 610 1.03 -13.83 18.59
C ARG B 610 0.84 -14.56 19.90
N LEU B 611 -0.37 -15.05 20.19
CA LEU B 611 -0.58 -15.84 21.39
C LEU B 611 0.28 -17.10 21.36
N LEU B 612 0.26 -17.81 20.23
CA LEU B 612 1.04 -19.04 20.11
C LEU B 612 2.54 -18.75 20.24
N VAL B 613 3.00 -17.69 19.57
CA VAL B 613 4.43 -17.36 19.59
C VAL B 613 4.85 -16.94 21.00
N GLN B 614 4.00 -16.18 21.68
CA GLN B 614 4.28 -15.80 23.07
C GLN B 614 4.42 -17.03 23.94
N HIS B 615 3.50 -17.99 23.82
CA HIS B 615 3.60 -19.19 24.62
C HIS B 615 4.85 -19.99 24.30
N ALA B 616 5.21 -20.07 23.01
CA ALA B 616 6.43 -20.78 22.64
C ALA B 616 7.66 -20.13 23.26
N GLU B 617 7.76 -18.80 23.18
CA GLU B 617 8.89 -18.10 23.76
C GLU B 617 8.94 -18.31 25.27
N VAL B 618 7.79 -18.23 25.92
CA VAL B 618 7.74 -18.43 27.37
C VAL B 618 8.23 -19.82 27.72
N ALA B 619 7.75 -20.84 27.01
CA ALA B 619 8.17 -22.20 27.29
C ALA B 619 9.65 -22.40 27.05
N ALA B 620 10.23 -21.69 26.07
CA ALA B 620 11.65 -21.82 25.80
C ALA B 620 12.48 -21.37 27.00
N ASP B 621 12.13 -20.23 27.59
CA ASP B 621 12.91 -19.71 28.70
C ASP B 621 12.82 -20.62 29.93
N GLU B 622 11.61 -21.05 30.29
CA GLU B 622 11.44 -21.98 31.39
C GLU B 622 12.21 -23.25 31.07
N LYS B 623 13.11 -23.65 31.98
CA LYS B 623 14.14 -24.62 31.64
C LYS B 623 13.57 -25.97 31.22
N ASP B 624 12.62 -26.52 31.99
CA ASP B 624 12.09 -27.85 31.73
C ASP B 624 10.74 -27.84 31.03
N GLN B 625 10.34 -26.72 30.44
CA GLN B 625 8.97 -26.54 29.99
C GLN B 625 8.80 -26.86 28.51
N PHE B 626 7.66 -27.47 28.20
CA PHE B 626 7.12 -27.53 26.85
C PHE B 626 5.81 -26.75 26.84
N ILE B 627 5.39 -26.34 25.64
CA ILE B 627 4.14 -25.58 25.55
C ILE B 627 3.02 -26.44 26.10
N LEU B 628 2.17 -25.85 26.94
CA LEU B 628 1.19 -26.58 27.72
C LEU B 628 -0.21 -26.19 27.28
N VAL B 629 -1.05 -27.20 27.04
CA VAL B 629 -2.42 -26.94 26.60
C VAL B 629 -3.18 -26.16 27.67
N ASP B 630 -3.00 -26.52 28.94
CA ASP B 630 -3.69 -25.80 30.01
C ASP B 630 -3.43 -24.31 29.96
N ASP B 631 -2.25 -23.89 29.50
CA ASP B 631 -2.01 -22.48 29.25
C ASP B 631 -2.79 -22.00 28.03
N LEU B 632 -2.90 -22.85 27.00
CA LEU B 632 -3.67 -22.49 25.83
C LEU B 632 -5.17 -22.48 26.13
N LYS B 633 -5.62 -23.31 27.06
CA LYS B 633 -7.04 -23.42 27.35
C LYS B 633 -7.66 -22.08 27.71
N LYS B 634 -6.87 -21.17 28.28
CA LYS B 634 -7.40 -19.87 28.66
C LYS B 634 -7.95 -19.11 27.47
N SER B 635 -7.51 -19.45 26.26
CA SER B 635 -7.96 -18.72 25.08
C SER B 635 -9.42 -19.02 24.74
N TRP B 636 -9.79 -20.30 24.75
CA TRP B 636 -11.12 -20.69 24.30
C TRP B 636 -12.09 -21.00 25.43
N GLN B 637 -11.67 -20.90 26.68
CA GLN B 637 -12.59 -21.11 27.79
C GLN B 637 -13.51 -19.90 27.91
N ILE B 638 -14.79 -20.10 27.61
CA ILE B 638 -15.74 -18.99 27.57
C ILE B 638 -16.08 -18.57 28.98
N LYS B 639 -15.97 -17.27 29.26
CA LYS B 639 -16.39 -16.75 30.56
C LYS B 639 -17.90 -16.86 30.71
N GLY B 640 -18.34 -17.29 31.90
CA GLY B 640 -19.71 -17.74 32.08
C GLY B 640 -20.75 -16.65 31.98
N ILE B 641 -20.35 -15.38 32.10
CA ILE B 641 -21.33 -14.30 32.10
C ILE B 641 -22.12 -14.31 30.80
N TYR B 642 -21.44 -14.43 29.66
CA TYR B 642 -22.14 -14.34 28.38
C TYR B 642 -23.07 -15.55 28.16
N PRO B 643 -22.63 -16.79 28.36
CA PRO B 643 -23.59 -17.91 28.27
C PRO B 643 -24.78 -17.76 29.21
N TRP B 644 -24.53 -17.28 30.43
CA TRP B 644 -25.64 -17.09 31.37
C TRP B 644 -26.61 -16.04 30.85
N LEU B 645 -26.09 -14.94 30.31
CA LEU B 645 -26.95 -13.91 29.78
C LEU B 645 -27.77 -14.41 28.59
N LYS B 646 -27.14 -15.18 27.70
CA LYS B 646 -27.85 -15.76 26.57
C LYS B 646 -28.99 -16.65 27.06
N ARG B 647 -28.68 -17.55 27.99
CA ARG B 647 -29.69 -18.46 28.51
C ARG B 647 -30.83 -17.69 29.18
N LYS B 648 -30.49 -16.67 29.96
CA LYS B 648 -31.52 -15.91 30.67
C LYS B 648 -32.42 -15.16 29.69
N LEU B 649 -31.83 -14.40 28.78
CA LEU B 649 -32.62 -13.56 27.89
C LEU B 649 -33.46 -14.40 26.92
N GLU B 650 -32.97 -15.57 26.53
CA GLU B 650 -33.74 -16.43 25.63
C GLU B 650 -35.09 -16.81 26.23
N ASP B 651 -35.21 -16.77 27.55
CA ASP B 651 -36.49 -17.09 28.19
C ASP B 651 -37.48 -15.95 28.04
N LEU B 652 -37.01 -14.71 28.06
CA LEU B 652 -37.90 -13.56 28.09
C LEU B 652 -38.71 -13.43 26.81
N ILE B 653 -38.30 -14.09 25.73
CA ILE B 653 -39.03 -14.06 24.47
C ILE B 653 -39.56 -15.45 24.12
N SER B 654 -39.72 -16.31 25.14
CA SER B 654 -40.25 -17.65 24.93
C SER B 654 -41.75 -17.54 24.68
N GLU B 655 -42.09 -17.19 23.44
CA GLU B 655 -43.48 -17.04 23.03
C GLU B 655 -44.22 -18.37 22.94
N LYS B 656 -43.51 -19.50 23.08
CA LYS B 656 -44.14 -20.81 22.92
C LYS B 656 -45.28 -21.03 23.92
N LYS B 657 -45.38 -20.22 24.97
CA LYS B 657 -46.51 -20.30 25.87
C LYS B 657 -47.83 -20.05 25.16
N ILE B 658 -47.80 -19.33 24.03
CA ILE B 658 -49.00 -19.03 23.27
C ILE B 658 -48.83 -19.58 21.85
N ALA B 659 -47.69 -19.30 21.24
CA ALA B 659 -47.41 -19.77 19.89
C ALA B 659 -47.38 -21.28 19.83
N LYS B 670 -61.78 -13.37 11.27
CA LYS B 670 -60.70 -14.22 11.76
C LYS B 670 -59.34 -13.68 11.34
N LEU B 671 -59.36 -12.62 10.51
CA LEU B 671 -58.10 -12.05 10.04
C LEU B 671 -57.28 -11.46 11.19
N MET B 672 -57.95 -11.06 12.28
CA MET B 672 -57.21 -10.49 13.41
C MET B 672 -56.18 -11.47 13.95
N TYR B 673 -56.48 -12.77 13.90
CA TYR B 673 -55.49 -13.76 14.31
C TYR B 673 -54.25 -13.69 13.43
N LYS B 674 -54.44 -13.55 12.11
CA LYS B 674 -53.30 -13.41 11.22
C LYS B 674 -52.57 -12.11 11.47
N ILE B 675 -53.31 -11.00 11.62
CA ILE B 675 -52.68 -9.71 11.84
C ILE B 675 -51.89 -9.70 13.14
N CYS B 676 -52.40 -10.38 14.16
CA CYS B 676 -51.70 -10.42 15.44
C CYS B 676 -50.30 -10.98 15.30
N HIS B 677 -50.07 -11.86 14.33
CA HIS B 677 -48.78 -12.51 14.15
C HIS B 677 -47.97 -11.93 12.99
N HIS B 678 -48.57 -11.10 12.15
CA HIS B 678 -47.86 -10.56 10.99
C HIS B 678 -46.75 -9.63 11.45
N MET B 679 -45.58 -9.75 10.79
CA MET B 679 -44.43 -8.94 11.18
C MET B 679 -44.64 -7.47 10.86
N ALA B 680 -45.32 -7.16 9.76
CA ALA B 680 -45.52 -5.76 9.40
C ALA B 680 -46.29 -5.01 10.47
N PHE B 681 -47.35 -5.63 10.99
CA PHE B 681 -48.13 -4.99 12.06
C PHE B 681 -47.27 -4.74 13.29
N GLU B 682 -46.49 -5.74 13.70
CA GLU B 682 -45.64 -5.58 14.89
C GLU B 682 -44.62 -4.48 14.68
N VAL B 683 -43.98 -4.46 13.51
CA VAL B 683 -42.96 -3.45 13.24
C VAL B 683 -43.57 -2.05 13.25
N THR B 684 -44.73 -1.90 12.60
CA THR B 684 -45.38 -0.60 12.58
C THR B 684 -45.81 -0.15 13.97
N ILE B 685 -46.31 -1.08 14.79
CA ILE B 685 -46.70 -0.71 16.16
C ILE B 685 -45.46 -0.27 16.95
N ASN B 686 -44.37 -1.01 16.82
CA ASN B 686 -43.14 -0.63 17.51
C ASN B 686 -42.68 0.74 17.06
N ILE B 687 -42.74 1.01 15.75
CA ILE B 687 -42.38 2.33 15.25
C ILE B 687 -43.28 3.39 15.85
N ALA B 688 -44.59 3.11 15.91
CA ALA B 688 -45.53 4.06 16.49
C ALA B 688 -45.11 4.43 17.91
N ILE B 689 -44.71 3.44 18.70
CA ILE B 689 -44.21 3.72 20.05
C ILE B 689 -42.94 4.57 19.96
N VAL B 690 -42.07 4.26 19.01
CA VAL B 690 -40.81 4.99 18.88
C VAL B 690 -41.08 6.48 18.65
N LEU B 691 -42.01 6.79 17.74
CA LEU B 691 -42.32 8.19 17.46
C LEU B 691 -42.88 8.89 18.68
N ASN B 692 -43.72 8.19 19.46
CA ASN B 692 -44.33 8.82 20.62
C ASN B 692 -43.32 9.29 21.65
N ILE B 693 -42.09 8.78 21.60
CA ILE B 693 -41.08 9.21 22.55
C ILE B 693 -40.80 10.69 22.39
N VAL B 694 -40.86 11.22 21.17
CA VAL B 694 -40.60 12.64 20.93
C VAL B 694 -41.62 13.47 21.68
N PRO B 695 -42.92 13.20 21.57
CA PRO B 695 -43.88 13.90 22.45
C PRO B 695 -43.60 13.73 23.93
N ILE B 696 -43.13 12.56 24.35
CA ILE B 696 -42.93 12.29 25.78
C ILE B 696 -41.94 13.30 26.36
N ILE B 697 -40.76 13.42 25.73
CA ILE B 697 -39.77 14.37 26.22
C ILE B 697 -40.20 15.81 25.91
N MET B 698 -40.88 16.00 24.78
CA MET B 698 -41.26 17.35 24.36
C MET B 698 -42.21 17.99 25.36
N GLU B 699 -43.16 17.21 25.90
CA GLU B 699 -44.09 17.76 26.88
C GLU B 699 -43.36 18.23 28.13
N PHE B 700 -42.43 17.42 28.63
CA PHE B 700 -41.69 17.78 29.84
C PHE B 700 -40.85 19.03 29.58
N VAL B 701 -40.16 19.09 28.44
CA VAL B 701 -39.32 20.24 28.13
C VAL B 701 -40.18 21.50 27.96
N VAL B 702 -41.33 21.36 27.31
CA VAL B 702 -42.23 22.49 27.13
C VAL B 702 -42.73 23.00 28.47
N GLN B 703 -43.10 22.08 29.37
CA GLN B 703 -43.54 22.50 30.70
C GLN B 703 -42.42 23.20 31.45
N ASP B 704 -41.19 22.70 31.34
CA ASP B 704 -40.07 23.32 32.02
C ASP B 704 -39.83 24.74 31.50
N LYS B 705 -39.86 24.90 30.18
CA LYS B 705 -39.60 26.22 29.60
C LYS B 705 -40.74 27.19 29.88
N MET B 706 -41.99 26.71 29.84
CA MET B 706 -43.13 27.57 30.14
C MET B 706 -43.08 28.05 31.59
N ALA B 707 -42.73 27.16 32.51
CA ALA B 707 -42.66 27.52 33.92
C ALA B 707 -41.42 28.37 34.21
N LEU B 726 -45.50 26.82 26.00
CA LEU B 726 -46.65 27.73 26.03
C LEU B 726 -47.96 26.93 25.94
N GLN B 727 -49.07 27.61 26.23
CA GLN B 727 -50.37 26.95 26.21
C GLN B 727 -50.70 26.44 24.81
N LYS B 728 -50.40 27.24 23.77
CA LYS B 728 -50.66 26.80 22.41
C LYS B 728 -49.90 25.52 22.09
N ILE B 729 -48.74 25.32 22.71
CA ILE B 729 -47.97 24.10 22.50
C ILE B 729 -48.51 22.97 23.38
N GLU B 730 -48.87 23.28 24.62
CA GLU B 730 -49.38 22.24 25.52
C GLU B 730 -50.66 21.62 24.97
N ASP B 731 -51.56 22.45 24.43
CA ASP B 731 -52.80 21.93 23.88
C ASP B 731 -52.53 20.97 22.72
N ALA B 732 -51.60 21.34 21.83
CA ALA B 732 -51.26 20.46 20.71
C ALA B 732 -50.71 19.13 21.21
N LEU B 733 -49.82 19.18 22.21
CA LEU B 733 -49.26 17.94 22.75
C LEU B 733 -50.32 17.07 23.40
N ARG B 734 -51.21 17.68 24.18
CA ARG B 734 -52.24 16.91 24.87
C ARG B 734 -53.26 16.34 23.90
N ILE B 735 -53.55 17.08 22.83
CA ILE B 735 -54.37 16.52 21.75
C ILE B 735 -53.66 15.33 21.12
N SER B 736 -52.35 15.48 20.88
CA SER B 736 -51.57 14.35 20.38
C SER B 736 -51.60 13.19 21.35
N ASN B 737 -51.59 13.49 22.66
CA ASN B 737 -51.68 12.43 23.65
C ASN B 737 -53.00 11.67 23.53
N TYR B 738 -54.10 12.40 23.33
CA TYR B 738 -55.39 11.74 23.14
C TYR B 738 -55.39 10.88 21.89
N VAL B 739 -54.83 11.40 20.80
CA VAL B 739 -54.77 10.64 19.55
C VAL B 739 -53.97 9.36 19.76
N PHE B 740 -52.83 9.46 20.44
CA PHE B 740 -52.00 8.29 20.68
C PHE B 740 -52.68 7.30 21.59
N PHE B 741 -53.45 7.79 22.57
CA PHE B 741 -54.26 6.89 23.39
C PHE B 741 -55.25 6.11 22.54
N VAL B 742 -55.90 6.79 21.59
CA VAL B 742 -56.84 6.11 20.72
C VAL B 742 -56.13 5.05 19.88
N ILE B 743 -54.95 5.40 19.33
CA ILE B 743 -54.20 4.46 18.51
C ILE B 743 -53.80 3.24 19.32
N TYR B 744 -53.32 3.47 20.55
CA TYR B 744 -52.94 2.37 21.42
C TYR B 744 -54.14 1.48 21.73
N ALA B 745 -55.31 2.08 21.92
CA ALA B 745 -56.52 1.28 22.13
C ALA B 745 -56.83 0.44 20.90
N ILE B 746 -56.69 1.01 19.71
CA ILE B 746 -57.04 0.30 18.48
C ILE B 746 -56.15 -0.92 18.29
N GLU B 747 -54.83 -0.74 18.43
CA GLU B 747 -53.92 -1.85 18.21
C GLU B 747 -54.15 -2.95 19.24
N ALA B 748 -54.38 -2.57 20.50
CA ALA B 748 -54.66 -3.57 21.53
C ALA B 748 -55.96 -4.30 21.24
N ILE B 749 -56.95 -3.59 20.72
CA ILE B 749 -58.22 -4.23 20.35
C ILE B 749 -57.98 -5.29 19.28
N VAL B 750 -57.17 -4.95 18.27
CA VAL B 750 -56.87 -5.92 17.23
C VAL B 750 -56.18 -7.15 17.82
N LYS B 751 -55.21 -6.92 18.72
CA LYS B 751 -54.50 -8.04 19.34
C LYS B 751 -55.47 -8.93 20.12
N ILE B 752 -56.35 -8.32 20.92
CA ILE B 752 -57.28 -9.10 21.71
C ILE B 752 -58.22 -9.89 20.81
N LEU B 753 -58.73 -9.26 19.76
CA LEU B 753 -59.57 -9.96 18.80
C LEU B 753 -58.83 -11.14 18.19
N GLY B 754 -57.54 -11.00 17.93
CA GLY B 754 -56.74 -12.07 17.38
C GLY B 754 -56.58 -13.26 18.31
N LEU B 755 -56.24 -13.00 19.58
CA LEU B 755 -55.95 -14.08 20.52
C LEU B 755 -57.12 -14.42 21.43
N GLY B 756 -58.13 -13.56 21.51
CA GLY B 756 -59.24 -13.84 22.41
C GLY B 756 -58.79 -13.92 23.85
N ARG B 757 -59.30 -14.93 24.56
CA ARG B 757 -58.96 -15.09 25.97
C ARG B 757 -57.50 -15.49 26.19
N HIS B 758 -56.83 -16.00 25.14
CA HIS B 758 -55.42 -16.32 25.25
C HIS B 758 -54.54 -15.08 25.23
N TYR B 759 -55.12 -13.90 25.01
CA TYR B 759 -54.34 -12.68 24.88
C TYR B 759 -53.57 -12.38 26.16
N ILE B 760 -54.21 -12.56 27.32
CA ILE B 760 -53.62 -12.15 28.60
C ILE B 760 -52.67 -13.19 29.17
N VAL B 761 -52.39 -14.27 28.45
CA VAL B 761 -51.53 -15.31 29.00
C VAL B 761 -50.11 -14.80 29.20
N SER B 762 -49.67 -13.85 28.38
CA SER B 762 -48.31 -13.35 28.43
C SER B 762 -48.23 -12.09 29.29
N HIS B 763 -47.21 -12.03 30.15
CA HIS B 763 -47.03 -10.86 31.00
C HIS B 763 -46.82 -9.60 30.16
N TRP B 764 -46.24 -9.73 28.96
CA TRP B 764 -46.10 -8.58 28.08
C TRP B 764 -47.46 -7.99 27.75
N ASN B 765 -48.45 -8.84 27.48
CA ASN B 765 -49.79 -8.38 27.19
C ASN B 765 -50.52 -7.89 28.43
N LYS B 766 -50.15 -8.38 29.61
CA LYS B 766 -50.73 -7.85 30.85
C LYS B 766 -50.38 -6.38 31.01
N PHE B 767 -49.10 -6.04 30.78
CA PHE B 767 -48.72 -4.63 30.76
C PHE B 767 -49.35 -3.90 29.59
N ASP B 768 -49.64 -4.61 28.49
CA ASP B 768 -50.40 -4.01 27.40
C ASP B 768 -51.82 -3.67 27.85
N ALA B 769 -52.42 -4.49 28.72
CA ALA B 769 -53.70 -4.12 29.32
C ALA B 769 -53.54 -2.91 30.22
N PHE B 770 -52.47 -2.86 31.02
CA PHE B 770 -52.21 -1.69 31.85
C PHE B 770 -52.06 -0.44 30.98
N ILE B 771 -51.54 -0.59 29.77
CA ILE B 771 -51.45 0.55 28.85
C ILE B 771 -52.82 1.14 28.60
N LEU B 772 -53.80 0.28 28.29
CA LEU B 772 -55.15 0.76 28.06
C LEU B 772 -55.76 1.35 29.33
N VAL B 773 -55.45 0.76 30.49
CA VAL B 773 -55.96 1.28 31.74
C VAL B 773 -55.51 2.72 31.93
N VAL B 774 -54.21 2.98 31.78
CA VAL B 774 -53.69 4.32 31.97
C VAL B 774 -54.19 5.26 30.89
N ALA B 775 -54.27 4.77 29.64
CA ALA B 775 -54.76 5.61 28.55
C ALA B 775 -56.19 6.06 28.81
N LEU B 776 -57.06 5.14 29.25
CA LEU B 776 -58.44 5.50 29.56
C LEU B 776 -58.50 6.48 30.73
N VAL B 777 -57.68 6.26 31.76
CA VAL B 777 -57.70 7.13 32.93
C VAL B 777 -57.30 8.55 32.53
N ASP B 778 -56.22 8.69 31.76
CA ASP B 778 -55.75 10.00 31.34
C ASP B 778 -56.66 10.64 30.29
N ILE B 779 -57.39 9.84 29.52
CA ILE B 779 -58.37 10.41 28.59
C ILE B 779 -59.51 11.06 29.37
N ILE B 780 -59.94 10.43 30.46
CA ILE B 780 -61.10 10.91 31.20
C ILE B 780 -60.78 12.22 31.89
N ILE B 781 -59.65 12.30 32.57
CA ILE B 781 -59.30 13.50 33.33
C ILE B 781 -58.69 14.55 32.40
N LYS B 798 -51.25 17.05 39.56
CA LYS B 798 -52.01 16.53 38.43
C LYS B 798 -51.10 16.19 37.26
N VAL B 799 -50.14 17.07 36.95
CA VAL B 799 -49.23 16.83 35.85
C VAL B 799 -48.27 15.69 36.18
N VAL B 800 -47.81 15.62 37.43
CA VAL B 800 -46.90 14.55 37.84
C VAL B 800 -47.58 13.20 37.73
N LYS B 801 -48.87 13.14 38.10
CA LYS B 801 -49.62 11.89 38.01
C LYS B 801 -49.63 11.33 36.59
N LEU B 802 -49.52 12.19 35.57
CA LEU B 802 -49.46 11.76 34.19
C LEU B 802 -48.03 11.46 33.76
N PHE B 803 -47.09 12.33 34.14
CA PHE B 803 -45.69 12.14 33.77
C PHE B 803 -45.18 10.79 34.25
N ARG B 804 -45.43 10.47 35.53
CA ARG B 804 -44.83 9.29 36.12
C ARG B 804 -45.28 8.01 35.43
N LEU B 805 -46.56 7.91 35.07
CA LEU B 805 -47.05 6.71 34.40
C LEU B 805 -46.58 6.63 32.95
N LEU B 806 -46.67 7.76 32.23
CA LEU B 806 -46.33 7.74 30.81
C LEU B 806 -44.84 7.52 30.60
N ARG B 807 -44.01 7.95 31.54
CA ARG B 807 -42.56 7.77 31.40
C ARG B 807 -42.19 6.30 31.42
N GLY B 808 -43.01 5.45 32.04
CA GLY B 808 -42.71 4.04 32.16
C GLY B 808 -43.36 3.18 31.11
N LEU B 809 -44.63 3.49 30.78
CA LEU B 809 -45.40 2.66 29.87
C LEU B 809 -44.59 2.26 28.63
N ARG B 810 -44.19 3.26 27.84
CA ARG B 810 -43.69 3.02 26.50
C ARG B 810 -42.22 2.63 26.47
N MET B 811 -41.43 3.06 27.46
CA MET B 811 -40.09 2.52 27.60
C MET B 811 -40.15 1.01 27.81
N LEU B 812 -41.02 0.56 28.72
CA LEU B 812 -41.16 -0.87 28.94
C LEU B 812 -41.65 -1.57 27.68
N ARG B 813 -42.60 -0.97 26.96
CA ARG B 813 -43.11 -1.63 25.76
C ARG B 813 -42.07 -1.67 24.65
N LEU B 814 -41.06 -0.79 24.69
CA LEU B 814 -39.96 -0.85 23.73
C LEU B 814 -38.90 -1.88 24.14
N THR B 815 -38.80 -2.19 25.43
CA THR B 815 -37.84 -3.20 25.87
C THR B 815 -38.05 -4.52 25.15
N LYS B 816 -39.29 -4.82 24.78
CA LYS B 816 -39.57 -6.07 24.07
C LYS B 816 -38.81 -6.14 22.75
N ALA B 817 -38.85 -5.07 21.97
CA ALA B 817 -38.10 -5.03 20.72
C ALA B 817 -36.60 -4.89 20.95
N LEU B 818 -36.19 -4.38 22.12
CA LEU B 818 -34.76 -4.25 22.40
C LEU B 818 -34.09 -5.57 22.73
N ILE B 819 -34.78 -6.49 23.41
CA ILE B 819 -34.12 -7.71 23.89
C ILE B 819 -33.44 -8.47 22.77
N PRO B 820 -34.05 -8.71 21.61
CA PRO B 820 -33.36 -9.50 20.58
C PRO B 820 -32.03 -8.92 20.17
N LYS B 821 -31.90 -7.59 20.13
CA LYS B 821 -30.62 -6.99 19.80
C LYS B 821 -29.57 -7.31 20.85
N LEU B 822 -29.97 -7.35 22.12
CA LEU B 822 -29.05 -7.77 23.16
C LEU B 822 -28.62 -9.21 22.96
N ILE B 823 -29.55 -10.08 22.56
CA ILE B 823 -29.20 -11.46 22.23
C ILE B 823 -28.14 -11.48 21.13
N LEU B 824 -28.35 -10.68 20.09
CA LEU B 824 -27.40 -10.65 18.98
C LEU B 824 -26.03 -10.17 19.43
N VAL B 825 -25.99 -9.13 20.28
CA VAL B 825 -24.72 -8.62 20.77
C VAL B 825 -23.99 -9.68 21.58
N VAL B 826 -24.71 -10.38 22.46
CA VAL B 826 -24.09 -11.42 23.27
C VAL B 826 -23.54 -12.52 22.37
N ASN B 827 -24.30 -12.93 21.35
CA ASN B 827 -23.79 -13.88 20.39
C ASN B 827 -22.51 -13.37 19.75
N GLY B 828 -22.46 -12.09 19.43
CA GLY B 828 -21.26 -11.53 18.83
C GLY B 828 -20.05 -11.64 19.74
N LYS B 829 -20.21 -11.32 21.03
CA LYS B 829 -19.10 -11.45 21.96
C LYS B 829 -18.64 -12.89 22.07
N ILE B 830 -19.58 -13.83 22.15
CA ILE B 830 -19.21 -15.25 22.18
C ILE B 830 -18.55 -15.65 20.87
N ASN B 831 -19.08 -15.17 19.76
CA ASN B 831 -18.49 -15.49 18.46
C ASN B 831 -17.04 -15.04 18.38
N ASN B 832 -16.75 -13.83 18.88
CA ASN B 832 -15.38 -13.34 18.85
C ASN B 832 -14.46 -14.21 19.69
N GLN B 833 -14.84 -14.47 20.95
CA GLN B 833 -14.02 -15.31 21.80
C GLN B 833 -13.93 -16.72 21.25
N LEU B 834 -15.04 -17.28 20.78
CA LEU B 834 -15.02 -18.64 20.26
C LEU B 834 -14.17 -18.74 19.00
N SER B 835 -14.27 -17.74 18.12
CA SER B 835 -13.48 -17.77 16.89
C SER B 835 -12.00 -17.81 17.20
N LEU B 836 -11.54 -16.99 18.14
CA LEU B 836 -10.13 -17.00 18.52
C LEU B 836 -9.74 -18.36 19.09
N GLY B 837 -10.63 -19.01 19.83
CA GLY B 837 -10.32 -20.33 20.35
C GLY B 837 -10.13 -21.35 19.25
N TYR B 838 -11.00 -21.31 18.23
CA TYR B 838 -10.85 -22.22 17.11
C TYR B 838 -9.52 -21.98 16.39
N ASP B 839 -9.17 -20.71 16.18
CA ASP B 839 -7.92 -20.39 15.50
C ASP B 839 -6.72 -20.92 16.27
N VAL B 840 -6.66 -20.63 17.57
CA VAL B 840 -5.52 -21.07 18.38
C VAL B 840 -5.47 -22.59 18.45
N GLY B 841 -6.60 -23.23 18.74
CA GLY B 841 -6.63 -24.68 18.72
C GLY B 841 -6.28 -25.24 17.36
N LYS B 842 -6.73 -24.58 16.29
CA LYS B 842 -6.31 -24.97 14.96
C LYS B 842 -4.81 -24.81 14.79
N GLY B 843 -4.28 -23.65 15.19
CA GLY B 843 -2.85 -23.41 15.04
C GLY B 843 -2.01 -24.46 15.76
N TYR B 844 -2.39 -24.78 17.00
CA TYR B 844 -1.62 -25.76 17.75
C TYR B 844 -1.77 -27.16 17.17
N ILE B 845 -2.97 -27.51 16.72
CA ILE B 845 -3.19 -28.84 16.16
C ILE B 845 -2.41 -29.01 14.86
N ILE B 846 -2.55 -28.06 13.95
CA ILE B 846 -1.81 -28.14 12.69
C ILE B 846 -0.32 -28.01 12.94
N GLY B 847 0.06 -27.15 13.88
CA GLY B 847 1.46 -27.01 14.23
C GLY B 847 2.05 -28.31 14.70
N GLU B 848 1.34 -29.02 15.58
CA GLU B 848 1.83 -30.29 16.09
C GLU B 848 1.87 -31.33 14.99
N GLU B 849 0.83 -31.37 14.13
CA GLU B 849 0.81 -32.34 13.05
C GLU B 849 2.00 -32.14 12.11
N GLU B 850 2.30 -30.89 11.78
CA GLU B 850 3.44 -30.61 10.90
C GLU B 850 4.75 -30.91 11.62
N VAL B 851 4.87 -30.50 12.87
CA VAL B 851 6.13 -30.65 13.60
C VAL B 851 6.47 -32.12 13.79
N GLY B 852 5.47 -32.94 14.10
CA GLY B 852 5.72 -34.37 14.24
C GLY B 852 6.34 -34.99 13.00
N LYS B 853 6.05 -34.46 11.83
CA LYS B 853 6.74 -34.88 10.61
C LYS B 853 8.18 -34.39 10.60
N ILE B 854 8.41 -33.19 11.14
CA ILE B 854 9.72 -32.57 11.06
C ILE B 854 10.68 -33.22 12.05
N ILE B 855 10.27 -33.29 13.32
CA ILE B 855 11.18 -33.75 14.37
C ILE B 855 11.54 -35.22 14.20
N ASP B 856 10.73 -35.97 13.45
CA ASP B 856 10.96 -37.40 13.32
C ASP B 856 12.33 -37.72 12.73
N ARG B 857 12.95 -36.75 12.03
CA ARG B 857 14.25 -36.94 11.43
C ARG B 857 15.28 -35.91 11.87
N MET B 858 14.90 -34.96 12.72
CA MET B 858 15.85 -33.91 13.11
C MET B 858 16.56 -34.24 14.41
N VAL B 859 15.85 -34.80 15.39
CA VAL B 859 16.44 -35.20 16.66
C VAL B 859 17.05 -36.58 16.50
N ASP B 860 18.19 -36.79 17.16
CA ASP B 860 18.98 -37.99 16.90
C ASP B 860 18.59 -39.18 17.77
N ASN B 861 18.18 -38.94 19.01
CA ASN B 861 17.93 -40.01 19.97
C ASN B 861 16.45 -40.37 19.97
N LYS B 862 16.17 -41.67 19.87
CA LYS B 862 14.79 -42.13 19.84
C LYS B 862 14.09 -41.90 21.18
N LYS B 863 14.80 -42.09 22.30
CA LYS B 863 14.20 -41.87 23.60
C LYS B 863 13.73 -40.43 23.74
N ILE B 864 14.55 -39.47 23.31
CA ILE B 864 14.13 -38.07 23.27
C ILE B 864 12.94 -37.93 22.33
N LEU B 865 13.00 -38.59 21.17
CA LEU B 865 11.94 -38.47 20.18
C LEU B 865 10.61 -38.92 20.75
N ARG B 866 10.59 -40.08 21.41
CA ARG B 866 9.32 -40.62 21.90
C ARG B 866 8.71 -39.71 22.96
N GLU B 867 9.53 -39.17 23.86
CA GLU B 867 9.01 -38.27 24.88
C GLU B 867 8.35 -37.05 24.25
N LEU B 868 9.00 -36.47 23.23
CA LEU B 868 8.46 -35.28 22.59
C LEU B 868 7.17 -35.59 21.84
N LYS B 869 7.15 -36.69 21.11
CA LYS B 869 5.95 -37.06 20.35
C LYS B 869 4.78 -37.37 21.28
N HIS B 870 5.06 -38.01 22.41
CA HIS B 870 4.00 -38.28 23.39
C HIS B 870 3.34 -36.99 23.84
N ILE B 871 4.15 -35.96 24.14
CA ILE B 871 3.62 -34.67 24.52
C ILE B 871 2.71 -34.13 23.42
N SER B 872 3.16 -34.24 22.17
CA SER B 872 2.41 -33.67 21.06
C SER B 872 1.00 -34.27 20.98
N GLU B 873 0.90 -35.60 21.01
CA GLU B 873 -0.41 -36.24 20.92
C GLU B 873 -1.26 -35.98 22.15
N THR B 874 -0.65 -36.03 23.33
CA THR B 874 -1.40 -35.77 24.56
C THR B 874 -1.96 -34.35 24.60
N GLY B 875 -1.34 -33.41 23.89
CA GLY B 875 -1.90 -32.08 23.79
C GLY B 875 -2.91 -31.98 22.66
N ARG B 876 -2.61 -32.63 21.54
CA ARG B 876 -3.48 -32.55 20.37
C ARG B 876 -4.86 -33.11 20.69
N LEU B 877 -4.91 -34.29 21.30
CA LEU B 877 -6.20 -34.90 21.59
C LEU B 877 -7.01 -34.09 22.60
N GLN B 878 -6.34 -33.54 23.62
CA GLN B 878 -7.03 -32.69 24.57
C GLN B 878 -7.64 -31.47 23.88
N VAL B 879 -6.88 -30.82 23.00
CA VAL B 879 -7.42 -29.67 22.29
C VAL B 879 -8.58 -30.09 21.41
N VAL B 880 -8.43 -31.19 20.67
CA VAL B 880 -9.50 -31.65 19.80
C VAL B 880 -10.77 -31.88 20.60
N LYS B 881 -10.66 -32.55 21.74
CA LYS B 881 -11.83 -32.79 22.58
C LYS B 881 -12.45 -31.48 23.04
N GLU B 882 -11.62 -30.54 23.49
CA GLU B 882 -12.14 -29.26 23.98
C GLU B 882 -12.86 -28.52 22.86
N LEU B 883 -12.26 -28.45 21.68
CA LEU B 883 -12.87 -27.73 20.57
C LEU B 883 -14.14 -28.41 20.09
N GLY B 884 -14.17 -29.74 20.09
CA GLY B 884 -15.39 -30.44 19.71
C GLY B 884 -16.52 -30.18 20.68
N LEU B 885 -16.21 -30.07 21.97
CA LEU B 885 -17.23 -29.85 22.98
C LEU B 885 -17.76 -28.42 22.95
N LEU B 886 -16.91 -27.45 22.61
CA LEU B 886 -17.38 -26.08 22.47
C LEU B 886 -18.53 -25.98 21.47
N GLN B 887 -18.49 -26.81 20.43
CA GLN B 887 -19.53 -26.79 19.42
C GLN B 887 -20.88 -27.13 20.02
N ARG B 888 -20.94 -28.17 20.85
CA ARG B 888 -22.22 -28.63 21.37
C ARG B 888 -22.86 -27.59 22.29
N GLU B 889 -22.04 -26.81 23.01
CA GLU B 889 -22.60 -25.80 23.90
C GLU B 889 -23.16 -24.61 23.12
N HIS B 890 -22.59 -24.31 21.96
CA HIS B 890 -23.00 -23.16 21.15
C HIS B 890 -23.04 -23.57 19.68
N PRO B 891 -24.04 -24.38 19.30
CA PRO B 891 -24.05 -24.89 17.91
C PRO B 891 -24.08 -23.80 16.84
N GLY B 892 -25.05 -22.88 16.93
CA GLY B 892 -25.20 -21.89 15.88
C GLY B 892 -23.98 -20.99 15.71
N ILE B 893 -23.42 -20.50 16.82
CA ILE B 893 -22.25 -19.64 16.73
C ILE B 893 -21.08 -20.39 16.10
N ALA B 894 -20.93 -21.67 16.43
CA ALA B 894 -19.89 -22.47 15.80
C ALA B 894 -20.10 -22.56 14.30
N VAL B 895 -21.35 -22.72 13.87
CA VAL B 895 -21.65 -22.77 12.45
C VAL B 895 -21.28 -21.46 11.78
N SER B 896 -21.58 -20.32 12.43
CA SER B 896 -21.20 -19.03 11.88
C SER B 896 -19.69 -18.94 11.72
N VAL B 897 -18.94 -19.35 12.75
CA VAL B 897 -17.49 -19.31 12.68
C VAL B 897 -17.00 -20.16 11.52
N LYS B 898 -17.50 -21.38 11.40
CA LYS B 898 -17.04 -22.29 10.37
C LYS B 898 -17.36 -21.77 8.98
N THR B 899 -18.56 -21.21 8.80
CA THR B 899 -18.91 -20.64 7.51
C THR B 899 -18.00 -19.47 7.15
N ARG B 900 -17.72 -18.59 8.11
CA ARG B 900 -16.89 -17.44 7.83
C ARG B 900 -15.50 -17.85 7.39
N GLN B 901 -14.92 -18.86 8.05
CA GLN B 901 -13.61 -19.36 7.63
C GLN B 901 -13.66 -19.94 6.23
N ALA B 902 -14.72 -20.68 5.91
CA ALA B 902 -14.83 -21.29 4.59
C ALA B 902 -14.84 -20.23 3.49
N ILE B 903 -15.71 -19.22 3.64
CA ILE B 903 -15.79 -18.18 2.63
C ILE B 903 -14.45 -17.45 2.51
N ARG B 904 -13.87 -17.08 3.64
CA ARG B 904 -12.61 -16.34 3.62
C ARG B 904 -11.53 -17.13 2.90
N THR B 905 -11.52 -18.46 3.06
CA THR B 905 -10.53 -19.29 2.40
C THR B 905 -10.79 -19.36 0.90
N ILE B 906 -12.06 -19.47 0.50
CA ILE B 906 -12.39 -19.52 -0.92
C ILE B 906 -11.99 -18.21 -1.60
N LEU B 907 -12.32 -17.08 -0.98
CA LEU B 907 -12.02 -15.79 -1.59
C LEU B 907 -10.51 -15.58 -1.71
N ASN B 908 -9.76 -15.96 -0.67
CA ASN B 908 -8.32 -15.78 -0.72
C ASN B 908 -7.70 -16.50 -1.91
N HIS B 909 -8.03 -17.79 -2.07
CA HIS B 909 -7.54 -18.53 -3.22
C HIS B 909 -8.13 -18.00 -4.51
N SER B 910 -9.38 -17.54 -4.48
CA SER B 910 -9.96 -16.90 -5.66
C SER B 910 -9.20 -15.64 -6.03
N ARG B 911 -8.83 -14.84 -5.02
CA ARG B 911 -8.01 -13.66 -5.28
C ARG B 911 -6.67 -14.05 -5.87
N GLU B 912 -6.08 -15.14 -5.39
CA GLU B 912 -4.77 -15.55 -5.87
C GLU B 912 -4.79 -15.83 -7.36
N THR B 913 -5.85 -16.48 -7.86
CA THR B 913 -5.95 -16.73 -9.28
C THR B 913 -5.94 -15.45 -10.09
N ILE B 914 -6.58 -14.39 -9.57
CA ILE B 914 -6.58 -13.12 -10.27
C ILE B 914 -5.15 -12.65 -10.53
N HIS B 915 -4.30 -12.74 -9.51
CA HIS B 915 -2.90 -12.33 -9.69
C HIS B 915 -2.14 -13.29 -10.58
N GLU B 916 -2.59 -14.55 -10.65
CA GLU B 916 -1.90 -15.53 -11.50
C GLU B 916 -2.00 -15.15 -12.97
N LEU B 917 -3.20 -14.84 -13.45
CA LEU B 917 -3.35 -14.51 -14.86
C LEU B 917 -2.86 -13.09 -15.14
N GLN B 918 -3.06 -12.17 -14.18
CA GLN B 918 -2.47 -10.85 -14.31
C GLN B 918 -0.96 -10.95 -14.41
N GLY B 919 -0.34 -11.82 -13.61
CA GLY B 919 1.08 -12.08 -13.76
C GLY B 919 1.39 -12.90 -15.00
N ALA B 920 0.41 -13.66 -15.49
CA ALA B 920 0.59 -14.40 -16.73
C ALA B 920 0.11 -13.63 -17.95
N GLY B 921 -0.51 -12.46 -17.75
CA GLY B 921 -0.87 -11.59 -18.85
C GLY B 921 -2.10 -11.99 -19.63
N LEU B 922 -2.76 -13.11 -19.30
CA LEU B 922 -4.00 -13.45 -19.96
C LEU B 922 -5.14 -12.53 -19.54
N LEU B 923 -4.97 -11.73 -18.50
CA LEU B 923 -5.93 -10.72 -18.10
C LEU B 923 -5.20 -9.42 -17.83
N ASP B 924 -5.80 -8.31 -18.26
CA ASP B 924 -5.15 -7.01 -18.18
C ASP B 924 -5.23 -6.42 -16.78
N GLU B 925 -4.51 -5.32 -16.58
CA GLU B 925 -4.45 -4.69 -15.27
C GLU B 925 -5.80 -4.16 -14.83
N MET B 926 -6.52 -3.49 -15.72
CA MET B 926 -7.79 -2.87 -15.34
C MET B 926 -8.85 -3.90 -15.01
N GLU B 927 -9.06 -4.87 -15.91
CA GLU B 927 -10.12 -5.84 -15.71
C GLU B 927 -9.84 -6.74 -14.51
N ALA B 928 -8.58 -7.15 -14.33
CA ALA B 928 -8.23 -7.92 -13.15
C ALA B 928 -8.55 -7.14 -11.88
N HIS B 929 -8.26 -5.84 -11.88
CA HIS B 929 -8.61 -5.00 -10.74
C HIS B 929 -10.12 -4.97 -10.53
N LYS B 930 -10.89 -4.93 -11.63
CA LYS B 930 -12.34 -4.89 -11.50
C LYS B 930 -12.87 -6.11 -10.77
N LEU B 931 -12.37 -7.29 -11.13
CA LEU B 931 -12.78 -8.51 -10.44
C LEU B 931 -12.33 -8.51 -8.99
N GLU B 932 -11.11 -8.06 -8.72
CA GLU B 932 -10.58 -8.09 -7.37
C GLU B 932 -11.44 -7.28 -6.41
N LEU B 933 -12.05 -6.20 -6.90
CA LEU B 933 -12.93 -5.41 -6.05
C LEU B 933 -14.17 -6.21 -5.63
N THR B 934 -14.79 -6.90 -6.58
CA THR B 934 -15.94 -7.74 -6.25
C THR B 934 -15.57 -8.77 -5.19
N VAL B 935 -14.34 -9.26 -5.21
CA VAL B 935 -13.86 -10.14 -4.16
C VAL B 935 -13.76 -9.37 -2.84
N GLU B 936 -13.17 -8.17 -2.89
CA GLU B 936 -12.93 -7.42 -1.66
C GLU B 936 -14.23 -7.05 -0.96
N ILE B 937 -15.23 -6.59 -1.71
CA ILE B 937 -16.50 -6.21 -1.09
C ILE B 937 -17.12 -7.40 -0.40
N LYS B 938 -17.02 -8.59 -0.99
CA LYS B 938 -17.55 -9.79 -0.36
C LYS B 938 -16.86 -10.06 0.97
N MET B 939 -15.54 -9.86 1.01
CA MET B 939 -14.80 -10.06 2.25
C MET B 939 -15.32 -9.14 3.35
N LYS B 940 -15.64 -7.89 3.00
CA LYS B 940 -16.23 -7.00 3.98
C LYS B 940 -17.64 -7.45 4.36
N ARG B 941 -18.43 -7.88 3.37
CA ARG B 941 -19.74 -8.42 3.67
C ARG B 941 -19.64 -9.63 4.58
N LEU B 942 -18.49 -10.31 4.56
CA LEU B 942 -18.30 -11.46 5.44
C LEU B 942 -18.35 -11.06 6.90
N MET B 943 -17.83 -9.87 7.23
CA MET B 943 -17.83 -9.41 8.62
C MET B 943 -19.25 -9.23 9.13
N ASN B 944 -20.16 -8.74 8.29
CA ASN B 944 -21.53 -8.48 8.69
C ASN B 944 -22.40 -9.73 8.67
N ALA B 945 -21.82 -10.89 8.43
CA ALA B 945 -22.60 -12.12 8.52
C ALA B 945 -23.16 -12.28 9.92
N PRO B 946 -24.36 -12.83 10.07
CA PRO B 946 -24.96 -12.92 11.41
C PRO B 946 -24.08 -13.71 12.35
N SER B 947 -23.99 -13.24 13.59
CA SER B 947 -23.15 -13.89 14.59
C SER B 947 -23.60 -15.31 14.89
N SER B 948 -24.87 -15.64 14.63
CA SER B 948 -25.38 -16.98 14.85
C SER B 948 -26.18 -17.42 13.62
N ILE B 949 -25.89 -18.61 13.14
CA ILE B 949 -26.63 -19.23 12.03
C ILE B 949 -27.34 -20.46 12.59
N PRO B 950 -28.66 -20.56 12.47
CA PRO B 950 -29.35 -21.74 12.99
C PRO B 950 -28.81 -23.00 12.33
N PRO B 951 -28.43 -24.01 13.11
CA PRO B 951 -27.84 -25.21 12.52
C PRO B 951 -28.81 -25.87 11.56
N PRO B 952 -28.34 -26.28 10.38
CA PRO B 952 -29.25 -26.89 9.42
C PRO B 952 -29.76 -28.22 9.93
N PRO B 953 -30.96 -28.63 9.54
CA PRO B 953 -31.48 -29.92 9.98
C PRO B 953 -30.79 -31.06 9.27
N PRO B 954 -30.87 -32.28 9.80
CA PRO B 954 -30.14 -33.40 9.18
C PRO B 954 -30.47 -33.60 7.71
N GLU B 955 -31.72 -33.34 7.30
CA GLU B 955 -32.09 -33.51 5.91
C GLU B 955 -31.27 -32.62 4.98
N ASN B 956 -30.71 -31.53 5.51
CA ASN B 956 -29.83 -30.67 4.73
C ASN B 956 -28.36 -31.10 4.79
N LEU B 957 -27.98 -31.84 5.83
CA LEU B 957 -26.59 -32.27 5.96
C LEU B 957 -26.22 -33.27 4.88
N LEU B 958 -27.11 -34.22 4.60
CA LEU B 958 -26.83 -35.22 3.57
C LEU B 958 -26.60 -34.57 2.22
N LYS B 959 -27.41 -33.57 1.88
CA LYS B 959 -27.30 -32.91 0.58
C LYS B 959 -25.91 -32.35 0.34
N ASN B 960 -25.23 -31.90 1.39
CA ASN B 960 -23.96 -31.21 1.27
C ASN B 960 -22.75 -32.13 1.43
N VAL B 961 -22.97 -33.44 1.61
CA VAL B 961 -21.84 -34.35 1.69
C VAL B 961 -21.06 -34.31 0.38
N SER B 962 -19.75 -34.49 0.47
CA SER B 962 -18.89 -34.34 -0.69
C SER B 962 -19.26 -35.31 -1.81
N TRP B 963 -19.51 -36.57 -1.46
CA TRP B 963 -19.80 -37.60 -2.47
C TRP B 963 -21.27 -37.70 -2.82
N LEU B 964 -22.12 -36.89 -2.19
CA LEU B 964 -23.54 -36.83 -2.53
C LEU B 964 -23.91 -35.56 -3.28
N ALA B 965 -23.16 -34.47 -3.06
CA ALA B 965 -23.54 -33.17 -3.61
C ALA B 965 -23.56 -33.19 -5.14
N GLY B 966 -24.50 -32.47 -5.72
CA GLY B 966 -24.57 -32.30 -7.16
C GLY B 966 -25.30 -33.37 -7.91
N ASP B 967 -25.91 -34.33 -7.22
CA ASP B 967 -26.69 -35.40 -7.86
C ASP B 967 -27.98 -35.57 -7.07
N MET B 968 -29.04 -34.89 -7.50
CA MET B 968 -30.29 -34.89 -6.75
C MET B 968 -30.90 -36.29 -6.66
N LYS B 969 -30.93 -37.02 -7.78
CA LYS B 969 -31.51 -38.35 -7.74
C LYS B 969 -30.75 -39.26 -6.78
N LEU B 970 -29.42 -39.22 -6.82
CA LEU B 970 -28.64 -39.99 -5.86
C LEU B 970 -28.89 -39.51 -4.44
N ILE B 971 -29.04 -38.19 -4.25
CA ILE B 971 -29.36 -37.66 -2.92
C ILE B 971 -30.69 -38.23 -2.45
N ASP B 972 -31.70 -38.20 -3.32
CA ASP B 972 -33.03 -38.69 -2.93
C ASP B 972 -32.99 -40.18 -2.62
N PHE B 973 -32.25 -40.95 -3.42
CA PHE B 973 -32.23 -42.41 -3.22
C PHE B 973 -31.74 -42.77 -1.83
N ILE B 974 -30.57 -42.28 -1.45
CA ILE B 974 -30.00 -42.63 -0.16
C ILE B 974 -30.76 -41.94 0.96
N LYS B 975 -31.22 -40.71 0.72
CA LYS B 975 -32.03 -40.02 1.71
C LYS B 975 -33.29 -40.83 2.03
N ALA B 976 -33.94 -41.36 1.00
CA ALA B 976 -35.10 -42.23 1.22
C ALA B 976 -34.71 -43.50 1.95
N ARG B 977 -33.57 -44.10 1.56
CA ARG B 977 -33.12 -45.33 2.19
C ARG B 977 -32.59 -45.08 3.60
N ALA B 978 -32.29 -43.83 3.94
CA ALA B 978 -31.60 -43.53 5.18
C ALA B 978 -32.53 -43.70 6.39
N SER B 979 -31.90 -43.84 7.56
CA SER B 979 -32.59 -43.82 8.83
C SER B 979 -31.70 -43.10 9.83
N LEU B 980 -32.34 -42.48 10.82
CA LEU B 980 -31.64 -41.69 11.83
C LEU B 980 -31.68 -42.42 13.16
N LEU B 981 -30.51 -42.59 13.76
CA LEU B 981 -30.39 -43.27 15.05
C LEU B 981 -30.12 -42.25 16.16
N HIS B 982 -30.17 -42.73 17.39
CA HIS B 982 -29.86 -41.92 18.56
C HIS B 982 -29.17 -42.80 19.60
N PHE B 983 -28.17 -42.24 20.27
CA PHE B 983 -27.35 -42.98 21.22
C PHE B 983 -27.21 -42.17 22.50
N ASP B 984 -27.09 -42.88 23.62
CA ASP B 984 -26.97 -42.25 24.92
C ASP B 984 -25.51 -42.04 25.28
N TYR B 985 -25.28 -41.23 26.33
CA TYR B 985 -23.93 -40.89 26.74
C TYR B 985 -23.11 -42.14 27.03
N GLY B 986 -21.86 -42.14 26.57
CA GLY B 986 -20.94 -43.22 26.86
C GLY B 986 -21.22 -44.52 26.14
N GLU B 987 -22.16 -44.53 25.20
CA GLU B 987 -22.51 -45.77 24.51
C GLU B 987 -21.50 -46.09 23.43
N VAL B 988 -21.23 -47.39 23.24
CA VAL B 988 -20.37 -47.84 22.15
C VAL B 988 -21.21 -48.00 20.89
N ILE B 989 -20.71 -47.43 19.80
CA ILE B 989 -21.42 -47.54 18.52
C ILE B 989 -20.94 -48.77 17.76
N VAL B 990 -19.62 -48.92 17.63
CA VAL B 990 -19.01 -50.08 17.00
C VAL B 990 -17.69 -50.35 17.71
N ARG B 991 -17.05 -51.47 17.37
CA ARG B 991 -15.91 -51.94 18.13
C ARG B 991 -14.97 -52.71 17.22
N GLU B 992 -13.73 -52.91 17.72
CA GLU B 992 -12.71 -53.62 16.96
C GLU B 992 -13.20 -54.98 16.50
N GLY B 993 -12.94 -55.29 15.23
CA GLY B 993 -13.29 -56.58 14.66
C GLY B 993 -14.73 -56.71 14.22
N ASP B 994 -15.55 -55.68 14.39
CA ASP B 994 -16.95 -55.77 14.00
C ASP B 994 -17.08 -55.79 12.49
N GLU B 995 -18.05 -56.56 12.00
CA GLU B 995 -18.35 -56.56 10.58
C GLU B 995 -18.92 -55.21 10.15
N SER B 996 -18.61 -54.81 8.93
CA SER B 996 -19.08 -53.53 8.39
C SER B 996 -20.45 -53.73 7.75
N ASP B 997 -21.48 -53.65 8.60
CA ASP B 997 -22.86 -53.85 8.16
C ASP B 997 -23.48 -52.58 7.58
N GLY B 998 -22.88 -51.41 7.81
CA GLY B 998 -23.46 -50.18 7.34
C GLY B 998 -22.51 -49.02 7.56
N LEU B 999 -23.00 -47.83 7.23
CA LEU B 999 -22.21 -46.61 7.29
C LEU B 999 -22.89 -45.59 8.18
N PHE B 1000 -22.07 -44.76 8.84
CA PHE B 1000 -22.56 -43.75 9.78
C PHE B 1000 -22.16 -42.36 9.30
N LEU B 1001 -22.99 -41.38 9.62
CA LEU B 1001 -22.65 -39.97 9.49
C LEU B 1001 -23.03 -39.27 10.78
N ILE B 1002 -22.11 -38.49 11.33
CA ILE B 1002 -22.35 -37.81 12.60
C ILE B 1002 -23.16 -36.54 12.33
N VAL B 1003 -24.40 -36.51 12.80
CA VAL B 1003 -25.22 -35.31 12.72
C VAL B 1003 -25.24 -34.54 14.04
N SER B 1004 -24.77 -35.15 15.13
CA SER B 1004 -24.74 -34.48 16.43
C SER B 1004 -23.86 -35.27 17.37
N GLY B 1005 -23.05 -34.56 18.15
CA GLY B 1005 -22.26 -35.16 19.21
C GLY B 1005 -20.84 -35.47 18.79
N LEU B 1006 -20.10 -36.01 19.77
CA LEU B 1006 -18.70 -36.38 19.60
C LEU B 1006 -18.55 -37.89 19.75
N VAL B 1007 -17.48 -38.43 19.16
CA VAL B 1007 -17.15 -39.84 19.29
C VAL B 1007 -15.64 -39.97 19.46
N LYS B 1008 -15.23 -40.77 20.44
CA LYS B 1008 -13.82 -41.08 20.66
C LYS B 1008 -13.49 -42.41 19.98
N LEU B 1009 -12.27 -42.51 19.48
CA LEU B 1009 -11.80 -43.69 18.78
C LEU B 1009 -10.49 -44.19 19.37
N TYR B 1010 -10.25 -45.49 19.23
CA TYR B 1010 -9.01 -46.10 19.69
C TYR B 1010 -8.82 -47.46 19.03
N PHE B 1033 -3.21 -44.72 18.25
CA PHE B 1033 -3.88 -44.10 17.12
C PHE B 1033 -5.22 -43.51 17.53
N GLU B 1034 -5.28 -42.96 18.74
CA GLU B 1034 -6.51 -42.38 19.25
C GLU B 1034 -6.86 -41.11 18.47
N ASP B 1035 -8.16 -40.84 18.37
CA ASP B 1035 -8.64 -39.64 17.69
C ASP B 1035 -10.10 -39.43 18.07
N TYR B 1036 -10.62 -38.27 17.69
CA TYR B 1036 -12.01 -37.90 17.96
C TYR B 1036 -12.62 -37.31 16.70
N LEU B 1037 -13.95 -37.41 16.60
CA LEU B 1037 -14.69 -36.87 15.47
C LEU B 1037 -16.00 -36.27 15.98
N THR B 1038 -16.62 -35.46 15.13
CA THR B 1038 -17.82 -34.72 15.52
C THR B 1038 -18.70 -34.53 14.29
N VAL B 1039 -19.62 -33.56 14.36
CA VAL B 1039 -20.65 -33.41 13.34
C VAL B 1039 -20.04 -33.36 11.96
N GLY B 1040 -20.78 -33.89 10.98
CA GLY B 1040 -20.37 -33.87 9.59
C GLY B 1040 -19.39 -34.95 9.20
N ASN B 1041 -18.64 -35.51 10.14
CA ASN B 1041 -17.67 -36.53 9.82
C ASN B 1041 -18.37 -37.86 9.54
N VAL B 1042 -18.02 -38.47 8.42
CA VAL B 1042 -18.55 -39.78 8.05
C VAL B 1042 -17.64 -40.85 8.63
N ILE B 1043 -18.22 -41.99 8.99
CA ILE B 1043 -17.50 -43.10 9.58
C ILE B 1043 -17.93 -44.38 8.88
N GLY B 1044 -16.97 -45.20 8.50
CA GLY B 1044 -17.22 -46.40 7.72
C GLY B 1044 -16.94 -46.24 6.23
N GLU B 1045 -16.30 -45.15 5.81
CA GLU B 1045 -16.09 -44.91 4.39
C GLU B 1045 -15.10 -45.90 3.78
N MET B 1046 -14.37 -46.66 4.61
CA MET B 1046 -13.46 -47.68 4.10
C MET B 1046 -14.05 -49.08 4.27
N GLY B 1047 -14.62 -49.38 5.43
CA GLY B 1047 -15.16 -50.71 5.67
C GLY B 1047 -16.20 -51.10 4.64
N VAL B 1048 -17.08 -50.16 4.29
CA VAL B 1048 -18.06 -50.42 3.24
C VAL B 1048 -17.35 -50.70 1.92
N LEU B 1049 -16.18 -50.10 1.70
CA LEU B 1049 -15.44 -50.28 0.45
C LEU B 1049 -14.58 -51.53 0.49
N THR B 1050 -13.66 -51.63 1.46
CA THR B 1050 -12.85 -52.82 1.60
C THR B 1050 -13.68 -54.06 1.94
N LYS B 1051 -14.88 -53.87 2.49
CA LYS B 1051 -15.79 -54.97 2.78
C LYS B 1051 -15.17 -55.97 3.75
N LYS B 1052 -14.47 -55.47 4.76
CA LYS B 1052 -13.88 -56.32 5.77
C LYS B 1052 -14.02 -55.67 7.15
N PRO B 1053 -13.72 -56.38 8.23
CA PRO B 1053 -14.10 -55.90 9.57
C PRO B 1053 -13.69 -54.46 9.83
N ARG B 1054 -14.36 -53.85 10.79
CA ARG B 1054 -14.13 -52.45 11.10
C ARG B 1054 -12.76 -52.26 11.75
N ASN B 1055 -12.18 -51.08 11.56
CA ASN B 1055 -10.78 -50.85 11.87
C ASN B 1055 -10.55 -50.20 13.23
N ALA B 1056 -11.56 -49.63 13.86
CA ALA B 1056 -11.33 -48.88 15.09
C ALA B 1056 -12.58 -48.88 15.95
N THR B 1057 -12.37 -48.60 17.24
CA THR B 1057 -13.47 -48.45 18.19
C THR B 1057 -14.16 -47.11 17.99
N VAL B 1058 -15.44 -47.06 18.33
CA VAL B 1058 -16.22 -45.84 18.27
C VAL B 1058 -17.04 -45.70 19.55
N THR B 1059 -16.64 -44.77 20.42
CA THR B 1059 -17.34 -44.50 21.67
C THR B 1059 -17.75 -43.04 21.71
N CYS B 1060 -18.98 -42.78 22.12
CA CYS B 1060 -19.49 -41.43 22.17
C CYS B 1060 -19.15 -40.77 23.50
N GLU B 1061 -18.53 -39.59 23.43
CA GLU B 1061 -18.24 -38.79 24.62
C GLU B 1061 -19.43 -37.95 25.04
N THR B 1062 -20.53 -37.98 24.29
CA THR B 1062 -21.75 -37.28 24.63
C THR B 1062 -22.89 -37.94 23.85
N THR B 1063 -24.11 -37.46 24.07
CA THR B 1063 -25.24 -37.99 23.34
C THR B 1063 -25.06 -37.73 21.85
N VAL B 1064 -25.37 -38.75 21.05
CA VAL B 1064 -25.02 -38.77 19.64
C VAL B 1064 -26.25 -39.06 18.79
N GLN B 1065 -26.32 -38.44 17.62
CA GLN B 1065 -27.27 -38.77 16.58
C GLN B 1065 -26.49 -39.01 15.28
N VAL B 1066 -26.90 -40.01 14.53
CA VAL B 1066 -26.19 -40.39 13.31
C VAL B 1066 -27.19 -40.84 12.25
N TYR B 1067 -26.89 -40.51 10.99
CA TYR B 1067 -27.60 -41.08 9.86
C TYR B 1067 -26.94 -42.40 9.49
N PHE B 1068 -27.73 -43.48 9.48
CA PHE B 1068 -27.22 -44.82 9.24
C PHE B 1068 -27.75 -45.33 7.91
N ILE B 1069 -26.82 -45.75 7.04
CA ILE B 1069 -27.15 -46.40 5.78
C ILE B 1069 -26.66 -47.84 5.87
N THR B 1070 -27.58 -48.79 5.76
CA THR B 1070 -27.20 -50.19 5.78
C THR B 1070 -26.38 -50.53 4.55
N ALA B 1071 -25.35 -51.35 4.74
CA ALA B 1071 -24.42 -51.65 3.66
C ALA B 1071 -25.14 -52.23 2.44
N GLU B 1072 -26.18 -53.02 2.66
CA GLU B 1072 -26.87 -53.67 1.55
C GLU B 1072 -27.51 -52.66 0.62
N ASP B 1073 -28.23 -51.68 1.19
CA ASP B 1073 -28.85 -50.64 0.37
C ASP B 1073 -27.80 -49.79 -0.33
N MET B 1074 -26.72 -49.44 0.39
CA MET B 1074 -25.67 -48.63 -0.22
C MET B 1074 -24.99 -49.37 -1.37
N ASN B 1075 -24.75 -50.67 -1.20
CA ASN B 1075 -24.15 -51.45 -2.28
C ASN B 1075 -25.01 -51.37 -3.54
N ILE B 1076 -26.33 -51.43 -3.38
CA ILE B 1076 -27.23 -51.27 -4.52
C ILE B 1076 -27.04 -49.89 -5.12
N ALA B 1077 -26.99 -48.85 -4.29
CA ALA B 1077 -26.73 -47.51 -4.77
C ALA B 1077 -25.36 -47.44 -5.46
N ILE B 1078 -24.38 -48.16 -4.93
CA ILE B 1078 -23.04 -48.15 -5.51
C ILE B 1078 -23.08 -48.72 -6.93
N ASP B 1079 -23.71 -49.88 -7.09
CA ASP B 1079 -23.72 -50.56 -8.37
C ASP B 1079 -24.85 -50.11 -9.29
N THR B 1080 -25.58 -49.07 -8.89
CA THR B 1080 -26.60 -48.47 -9.76
C THR B 1080 -26.28 -47.06 -10.21
N PHE B 1081 -25.54 -46.28 -9.41
CA PHE B 1081 -25.23 -44.89 -9.73
C PHE B 1081 -23.79 -44.82 -10.24
N THR B 1082 -23.64 -44.94 -11.56
CA THR B 1082 -22.32 -44.92 -12.17
C THR B 1082 -22.25 -44.14 -13.47
N LEU B 1083 -23.34 -43.49 -13.91
CA LEU B 1083 -23.31 -42.74 -15.16
C LEU B 1083 -22.34 -41.56 -15.07
N TYR B 1084 -22.64 -40.62 -14.17
CA TYR B 1084 -21.70 -39.57 -13.83
C TYR B 1084 -20.54 -40.21 -13.06
N PRO B 1085 -19.48 -39.45 -12.76
CA PRO B 1085 -18.33 -40.04 -12.06
C PRO B 1085 -18.78 -40.99 -10.96
N SER B 1086 -18.19 -42.18 -10.95
CA SER B 1086 -18.72 -43.28 -10.17
C SER B 1086 -18.84 -42.93 -8.70
N LEU B 1087 -19.94 -43.36 -8.08
CA LEU B 1087 -20.09 -43.22 -6.64
C LEU B 1087 -18.91 -43.85 -5.92
N GLU B 1088 -18.55 -45.08 -6.29
CA GLU B 1088 -17.40 -45.73 -5.68
C GLU B 1088 -16.14 -44.91 -5.89
N TYR B 1089 -15.99 -44.30 -7.06
CA TYR B 1089 -14.83 -43.45 -7.32
C TYR B 1089 -14.79 -42.29 -6.33
N ARG B 1090 -15.95 -41.68 -6.06
CA ARG B 1090 -15.99 -40.55 -5.15
C ARG B 1090 -15.67 -40.96 -3.72
N LEU B 1091 -16.27 -42.05 -3.23
CA LEU B 1091 -15.97 -42.52 -1.89
C LEU B 1091 -14.50 -42.87 -1.75
N TRP B 1092 -13.93 -43.50 -2.77
CA TRP B 1092 -12.49 -43.80 -2.76
C TRP B 1092 -11.69 -42.50 -2.72
N ARG B 1093 -12.12 -41.50 -3.48
CA ARG B 1093 -11.41 -40.22 -3.50
C ARG B 1093 -11.37 -39.58 -2.12
N VAL B 1094 -12.49 -39.60 -1.41
CA VAL B 1094 -12.51 -39.02 -0.07
C VAL B 1094 -11.51 -39.73 0.83
N VAL B 1095 -11.46 -41.06 0.75
CA VAL B 1095 -10.49 -41.82 1.51
C VAL B 1095 -9.07 -41.49 1.06
N ALA B 1096 -8.86 -41.40 -0.26
CA ALA B 1096 -7.51 -41.21 -0.78
C ALA B 1096 -6.88 -39.94 -0.23
N ILE B 1097 -7.60 -38.82 -0.31
CA ILE B 1097 -7.06 -37.56 0.19
C ILE B 1097 -6.80 -37.65 1.69
N ARG B 1098 -7.69 -38.32 2.42
CA ARG B 1098 -7.59 -38.34 3.87
C ARG B 1098 -6.26 -38.94 4.32
N ILE B 1099 -5.89 -40.09 3.76
CA ILE B 1099 -4.68 -40.78 4.20
C ILE B 1099 -3.47 -40.47 3.32
N ALA B 1100 -3.67 -39.86 2.16
CA ALA B 1100 -2.55 -39.47 1.32
C ALA B 1100 -1.86 -38.22 1.84
N THR B 1101 -2.59 -37.32 2.49
CA THR B 1101 -2.01 -36.06 2.96
C THR B 1101 -0.85 -36.29 3.91
N PRO B 1102 -0.96 -37.13 4.94
CA PRO B 1102 0.19 -37.30 5.84
C PRO B 1102 1.45 -37.78 5.15
N LEU B 1103 1.32 -38.62 4.12
CA LEU B 1103 2.50 -39.13 3.43
C LEU B 1103 3.28 -37.98 2.76
N ILE B 1104 2.57 -37.17 1.97
CA ILE B 1104 3.22 -36.05 1.29
C ILE B 1104 3.74 -35.04 2.31
N MET B 1105 2.97 -34.80 3.38
CA MET B 1105 3.46 -33.92 4.44
C MET B 1105 4.78 -34.42 5.02
N GLU B 1106 4.85 -35.72 5.31
CA GLU B 1106 6.11 -36.30 5.77
C GLU B 1106 7.21 -36.05 4.74
N GLN B 1107 6.86 -36.18 3.45
CA GLN B 1107 7.86 -36.10 2.39
C GLN B 1107 8.39 -34.69 2.20
N MET B 1108 7.62 -33.64 2.55
CA MET B 1108 8.14 -32.28 2.38
C MET B 1108 7.78 -31.32 3.51
N ALA B 1109 7.32 -31.81 4.67
CA ALA B 1109 7.01 -30.90 5.77
C ALA B 1109 8.23 -30.05 6.14
N PHE B 1110 9.43 -30.63 6.05
CA PHE B 1110 10.64 -29.87 6.33
C PHE B 1110 10.91 -28.80 5.27
N GLN B 1111 10.20 -28.82 4.16
CA GLN B 1111 10.27 -27.79 3.14
C GLN B 1111 9.24 -26.70 3.45
N GLY B 1112 9.01 -25.81 2.48
CA GLY B 1112 8.23 -24.61 2.75
C GLY B 1112 6.73 -24.78 2.61
N TRP B 1113 6.24 -26.00 2.40
CA TRP B 1113 4.82 -26.18 2.15
C TRP B 1113 4.03 -26.35 3.45
N THR B 1114 2.74 -26.05 3.36
CA THR B 1114 1.78 -26.26 4.43
C THR B 1114 0.79 -27.34 4.00
N GLN B 1115 0.16 -27.98 4.99
CA GLN B 1115 -0.75 -29.08 4.68
C GLN B 1115 -1.95 -28.62 3.87
N GLU B 1116 -2.31 -27.33 3.93
CA GLU B 1116 -3.36 -26.82 3.07
C GLU B 1116 -3.01 -26.99 1.60
N LYS B 1117 -1.78 -26.65 1.22
CA LYS B 1117 -1.36 -26.75 -0.16
C LYS B 1117 -1.10 -28.19 -0.57
N VAL B 1118 -0.76 -29.06 0.40
CA VAL B 1118 -0.70 -30.48 0.10
C VAL B 1118 -2.07 -31.01 -0.27
N LYS B 1119 -3.11 -30.56 0.45
CA LYS B 1119 -4.47 -30.96 0.13
C LYS B 1119 -4.88 -30.43 -1.24
N LEU B 1120 -4.64 -29.14 -1.49
CA LEU B 1120 -4.92 -28.58 -2.81
C LEU B 1120 -4.04 -29.23 -3.86
N HIS B 1121 -2.77 -29.47 -3.54
CA HIS B 1121 -1.90 -30.22 -4.44
C HIS B 1121 -2.53 -31.57 -4.80
N LEU B 1122 -3.13 -32.22 -3.81
CA LEU B 1122 -3.84 -33.47 -4.08
C LEU B 1122 -5.22 -33.22 -4.66
N GLU B 1123 -5.88 -32.12 -4.29
CA GLU B 1123 -7.23 -31.86 -4.76
C GLU B 1123 -7.29 -31.82 -6.28
N ARG B 1124 -6.23 -31.33 -6.93
CA ARG B 1124 -6.19 -31.30 -8.39
C ARG B 1124 -6.10 -32.70 -8.99
N GLY B 1125 -5.72 -33.70 -8.20
CA GLY B 1125 -5.50 -35.04 -8.71
C GLY B 1125 -6.79 -35.85 -8.81
N TYR B 1126 -6.62 -37.12 -9.13
CA TYR B 1126 -7.74 -38.03 -9.30
C TYR B 1126 -7.24 -39.46 -9.22
N LEU B 1127 -8.18 -40.40 -9.14
CA LEU B 1127 -7.85 -41.81 -9.13
C LEU B 1127 -7.75 -42.35 -10.55
N VAL B 1128 -6.74 -43.18 -10.79
CA VAL B 1128 -6.55 -43.77 -12.11
C VAL B 1128 -7.68 -44.74 -12.41
N ASP B 1129 -8.07 -44.80 -13.70
CA ASP B 1129 -9.02 -45.80 -14.18
C ASP B 1129 -8.25 -47.08 -14.51
N LEU B 1130 -7.87 -47.79 -13.44
CA LEU B 1130 -7.06 -49.00 -13.60
C LEU B 1130 -7.74 -50.06 -14.44
N ALA B 1131 -9.08 -50.00 -14.56
CA ALA B 1131 -9.79 -51.00 -15.36
C ALA B 1131 -9.40 -50.94 -16.82
N GLU B 1132 -8.78 -49.85 -17.28
CA GLU B 1132 -8.44 -49.67 -18.68
C GLU B 1132 -7.07 -50.21 -19.05
N SER B 1133 -6.27 -50.66 -18.08
CA SER B 1133 -4.92 -51.13 -18.38
C SER B 1133 -4.50 -52.17 -17.36
N HIS B 1134 -3.78 -53.18 -17.83
CA HIS B 1134 -3.16 -54.15 -16.92
C HIS B 1134 -2.02 -53.54 -16.11
N PHE B 1135 -1.56 -52.35 -16.51
CA PHE B 1135 -0.36 -51.78 -15.92
C PHE B 1135 -0.44 -50.26 -15.99
N GLN B 1136 0.39 -49.60 -15.18
CA GLN B 1136 0.48 -48.15 -15.12
C GLN B 1136 1.94 -47.74 -15.26
N PHE B 1137 2.27 -47.09 -16.37
CA PHE B 1137 3.63 -46.67 -16.67
C PHE B 1137 3.77 -45.18 -16.37
N ASN B 1138 4.90 -44.80 -15.76
CA ASN B 1138 5.06 -43.45 -15.26
C ASN B 1138 5.46 -42.48 -16.36
N ILE B 1139 5.13 -41.21 -16.14
CA ILE B 1139 5.66 -40.09 -16.92
C ILE B 1139 5.74 -38.91 -15.97
N ASP B 1140 6.68 -38.01 -16.21
CA ASP B 1140 6.93 -36.89 -15.30
C ASP B 1140 6.71 -35.53 -15.93
N ALA B 1141 6.47 -35.45 -17.24
CA ALA B 1141 6.25 -34.14 -17.88
C ALA B 1141 4.88 -33.58 -17.50
N THR B 1142 3.84 -34.42 -17.52
CA THR B 1142 2.49 -34.00 -17.17
C THR B 1142 1.99 -34.70 -15.90
N LEU B 1143 2.90 -35.09 -15.02
CA LEU B 1143 2.55 -35.77 -13.79
C LEU B 1143 3.67 -35.52 -12.78
N GLU B 1144 3.28 -35.17 -11.56
CA GLU B 1144 4.23 -34.71 -10.55
C GLU B 1144 4.23 -35.51 -9.26
N ASP B 1145 3.13 -36.19 -8.91
CA ASP B 1145 3.09 -37.00 -7.70
C ASP B 1145 2.04 -38.09 -7.86
N VAL B 1146 2.29 -39.23 -7.21
CA VAL B 1146 1.41 -40.38 -7.26
C VAL B 1146 1.51 -41.12 -5.93
N ILE B 1147 0.39 -41.64 -5.45
CA ILE B 1147 0.35 -42.40 -4.20
C ILE B 1147 -0.52 -43.64 -4.42
N LEU B 1148 -0.21 -44.71 -3.69
CA LEU B 1148 -1.03 -45.91 -3.69
C LEU B 1148 -1.88 -45.96 -2.44
N ILE B 1149 -3.08 -46.55 -2.57
CA ILE B 1149 -4.07 -46.55 -1.49
C ILE B 1149 -4.40 -47.99 -1.12
N ASN B 1150 -4.95 -48.74 -2.09
CA ASN B 1150 -5.43 -50.09 -1.85
C ASN B 1150 -4.76 -51.05 -2.83
N GLY B 1151 -4.64 -52.31 -2.40
CA GLY B 1151 -4.06 -53.32 -3.26
C GLY B 1151 -2.54 -53.28 -3.23
N THR B 1152 -1.93 -54.03 -4.15
CA THR B 1152 -0.48 -54.08 -4.27
C THR B 1152 -0.13 -54.26 -5.74
N ALA B 1153 1.02 -53.74 -6.13
CA ALA B 1153 1.48 -53.79 -7.51
C ALA B 1153 2.88 -54.38 -7.57
N TYR B 1154 3.27 -54.82 -8.77
CA TYR B 1154 4.56 -55.46 -9.01
C TYR B 1154 5.40 -54.56 -9.89
N ASN B 1155 6.63 -54.28 -9.45
CA ASN B 1155 7.51 -53.40 -10.19
C ASN B 1155 7.86 -54.00 -11.54
N ALA B 1156 7.82 -53.18 -12.59
CA ALA B 1156 8.13 -53.67 -13.92
C ALA B 1156 9.59 -54.07 -14.05
N HIS B 1157 10.50 -53.32 -13.42
CA HIS B 1157 11.93 -53.59 -13.57
C HIS B 1157 12.40 -54.66 -12.58
N THR B 1158 12.25 -54.39 -11.29
CA THR B 1158 12.76 -55.26 -10.24
C THR B 1158 11.79 -56.37 -9.86
N ARG B 1159 10.55 -56.33 -10.34
CA ARG B 1159 9.51 -57.30 -10.00
C ARG B 1159 9.18 -57.30 -8.51
N GLU B 1160 9.62 -56.28 -7.78
CA GLU B 1160 9.33 -56.21 -6.35
C GLU B 1160 7.93 -55.64 -6.12
N GLU B 1161 7.36 -56.00 -4.98
CA GLU B 1161 6.03 -55.52 -4.62
C GLU B 1161 6.13 -54.18 -3.88
N ILE B 1162 5.10 -53.35 -4.05
CA ILE B 1162 5.00 -52.07 -3.37
C ILE B 1162 3.73 -52.10 -2.51
N ARG B 1163 3.87 -51.73 -1.25
CA ARG B 1163 2.79 -51.90 -0.29
C ARG B 1163 1.69 -50.87 -0.52
N SER B 1164 0.53 -51.14 0.07
CA SER B 1164 -0.68 -50.41 -0.30
C SER B 1164 -0.62 -48.94 0.07
N PRO B 1165 -0.51 -48.54 1.36
CA PRO B 1165 -0.47 -47.11 1.68
C PRO B 1165 0.93 -46.52 1.58
N CYS B 1166 1.49 -46.54 0.37
CA CYS B 1166 2.88 -46.14 0.16
C CYS B 1166 2.97 -45.19 -1.03
N LEU B 1167 3.76 -44.13 -0.86
CA LEU B 1167 4.10 -43.27 -1.98
C LEU B 1167 5.03 -44.00 -2.93
N ILE B 1168 4.81 -43.81 -4.23
CA ILE B 1168 5.63 -44.45 -5.25
C ILE B 1168 6.90 -43.63 -5.43
N SER B 1169 8.04 -44.23 -5.10
CA SER B 1169 9.31 -43.53 -5.23
C SER B 1169 9.56 -43.16 -6.68
N ARG B 1170 10.30 -42.06 -6.88
CA ARG B 1170 10.56 -41.55 -8.22
C ARG B 1170 11.47 -42.47 -9.02
N THR B 1171 12.03 -43.51 -8.39
CA THR B 1171 12.78 -44.53 -9.12
C THR B 1171 11.88 -45.61 -9.69
N VAL B 1172 10.55 -45.47 -9.54
CA VAL B 1172 9.64 -46.49 -10.02
C VAL B 1172 9.04 -46.04 -11.36
N HIS B 1173 8.80 -47.01 -12.23
CA HIS B 1173 8.45 -46.75 -13.63
C HIS B 1173 7.06 -47.23 -14.00
N LYS B 1174 6.81 -48.52 -13.83
CA LYS B 1174 5.64 -49.18 -14.39
C LYS B 1174 5.20 -50.27 -13.43
N LEU B 1175 3.91 -50.30 -13.14
CA LEU B 1175 3.36 -51.17 -12.11
C LEU B 1175 2.34 -52.11 -12.75
N THR B 1176 2.53 -53.41 -12.53
CA THR B 1176 1.65 -54.44 -13.07
C THR B 1176 0.68 -54.87 -11.97
N PHE B 1177 -0.61 -54.68 -12.24
CA PHE B 1177 -1.67 -55.06 -11.32
C PHE B 1177 -2.27 -56.39 -11.76
N GLN B 1178 -3.16 -56.92 -10.91
CA GLN B 1178 -3.86 -58.15 -11.19
C GLN B 1178 -5.32 -57.99 -10.75
N TYR B 1179 -6.20 -58.75 -11.38
CA TYR B 1179 -7.64 -58.58 -11.22
C TYR B 1179 -8.28 -59.72 -10.44
N THR B 1180 -7.58 -60.23 -9.42
CA THR B 1180 -8.20 -61.21 -8.53
C THR B 1180 -9.25 -60.55 -7.66
N ALA B 1181 -10.19 -61.35 -7.17
CA ALA B 1181 -11.38 -60.83 -6.50
C ALA B 1181 -11.12 -60.39 -5.06
N THR B 1182 -9.95 -60.69 -4.50
CA THR B 1182 -9.72 -60.36 -3.09
C THR B 1182 -9.77 -58.85 -2.86
N GLU B 1183 -9.20 -58.07 -3.76
CA GLU B 1183 -9.13 -56.62 -3.59
C GLU B 1183 -9.20 -55.94 -4.95
N GLU B 1184 -9.61 -54.67 -4.92
CA GLU B 1184 -9.54 -53.81 -6.09
C GLU B 1184 -8.47 -52.76 -5.86
N PRO B 1185 -7.28 -52.86 -6.45
CA PRO B 1185 -6.23 -51.90 -6.15
C PRO B 1185 -6.64 -50.48 -6.52
N ARG B 1186 -6.18 -49.52 -5.74
CA ARG B 1186 -6.51 -48.11 -5.94
C ARG B 1186 -5.23 -47.29 -5.91
N LEU B 1187 -5.14 -46.33 -6.83
CA LEU B 1187 -3.95 -45.52 -7.03
C LEU B 1187 -4.37 -44.08 -7.31
N PHE B 1188 -3.64 -43.13 -6.73
CA PHE B 1188 -3.95 -41.71 -6.86
C PHE B 1188 -2.83 -40.99 -7.58
N VAL B 1189 -3.22 -40.12 -8.52
CA VAL B 1189 -2.27 -39.34 -9.32
C VAL B 1189 -2.68 -37.87 -9.25
N VAL B 1190 -1.69 -36.99 -9.35
CA VAL B 1190 -1.92 -35.56 -9.55
C VAL B 1190 -1.14 -35.14 -10.78
N ARG B 1191 -1.85 -34.69 -11.81
CA ARG B 1191 -1.21 -34.30 -13.06
C ARG B 1191 -0.47 -32.98 -12.88
N ASN B 1192 0.73 -32.91 -13.44
CA ASN B 1192 1.52 -31.69 -13.37
C ASN B 1192 0.84 -30.58 -14.17
N ALA B 1193 1.07 -29.34 -13.73
CA ALA B 1193 0.49 -28.18 -14.38
C ALA B 1193 0.89 -28.12 -15.86
PA PCG C . 32.43 -19.17 -33.62
O1A PCG C . 33.25 -20.32 -33.20
O2A PCG C . 33.09 -17.94 -34.06
O5' PCG C . 31.49 -19.72 -34.78
C5' PCG C . 30.72 -18.69 -35.37
C4' PCG C . 30.27 -17.71 -34.31
O4' PCG C . 28.97 -17.24 -34.55
C3' PCG C . 30.08 -18.51 -33.03
O3' PCG C . 31.38 -18.73 -32.47
C2' PCG C . 29.22 -17.55 -32.22
O2' PCG C . 30.02 -16.87 -31.24
C1' PCG C . 28.69 -16.59 -33.30
N9 PCG C . 27.23 -16.42 -33.36
C8 PCG C . 26.56 -15.30 -33.11
N7 PCG C . 25.26 -15.54 -33.30
C5 PCG C . 25.14 -16.80 -33.68
C6 PCG C . 24.05 -17.52 -33.98
O6 PCG C . 22.94 -17.01 -33.94
N1 PCG C . 24.20 -18.86 -34.36
C2 PCG C . 25.48 -19.39 -34.40
N2 PCG C . 25.66 -20.66 -34.75
N3 PCG C . 26.53 -18.63 -34.08
C4 PCG C . 26.35 -17.34 -33.73
PA PCG D . -14.40 -47.34 10.13
O1A PCG D . -14.67 -48.22 8.98
O2A PCG D . -15.47 -47.08 11.08
O5' PCG D . -13.14 -47.96 10.87
C5' PCG D . -12.84 -47.27 12.07
C4' PCG D . -13.05 -45.79 11.86
O4' PCG D . -12.09 -45.03 12.54
C3' PCG D . -12.74 -45.48 10.43
O3' PCG D . -13.86 -45.88 9.65
C2' PCG D . -12.54 -43.97 10.48
O2' PCG D . -13.71 -43.30 9.99
C1' PCG D . -12.33 -43.73 11.99
N9 PCG D . -11.13 -42.98 12.37
C8 PCG D . -11.08 -41.79 12.95
N7 PCG D . -9.81 -41.47 13.16
C5 PCG D . -9.07 -42.49 12.73
C6 PCG D . -7.75 -42.66 12.73
O6 PCG D . -7.00 -41.78 13.17
N1 PCG D . -7.22 -43.83 12.22
C2 PCG D . -8.08 -44.81 11.72
N2 PCG D . -7.60 -45.94 11.23
N3 PCG D . -9.40 -44.57 11.76
C4 PCG D . -9.88 -43.43 12.26
#